data_7E0J
#
_entry.id   7E0J
#
_cell.length_a   1.00
_cell.length_b   1.00
_cell.length_c   1.00
_cell.angle_alpha   90.00
_cell.angle_beta   90.00
_cell.angle_gamma   90.00
#
_symmetry.space_group_name_H-M   'P 1'
#
loop_
_entity.id
_entity.type
_entity.pdbx_description
1 polymer 'Chlorophyll a-b binding protein, chloroplastic'
2 polymer 'Chlorophyll a-b binding protein, chloroplastic'
3 polymer 'Chlorophyll a-b binding protein, chloroplastic'
4 non-polymer 'CHLOROPHYLL B'
5 non-polymer 'CHLOROPHYLL A'
6 non-polymer "(3R,3'R,6S)-4,5-DIDEHYDRO-5,6-DIHYDRO-BETA,BETA-CAROTENE-3,3'-DIOL"
7 non-polymer "(3S,5R,6S,3'S,5'R,6'S)-5,6,5',6'-DIEPOXY-5,6,5',6'- TETRAHYDRO-BETA,BETA-CAROTENE-3,3'-DIOL"
8 non-polymer (1R,3R)-6-{(3E,5E,7E,9E,11E,13E,15E,17E)-18-[(1S,4R,6R)-4-HYDROXY-2,2,6-TRIMETHYL-7-OXABICYCLO[4.1.0]HEPT-1-YL]-3,7,12,16-TETRAMETHYLOCTADECA-1,3,5,7,9,11,13,15,17-NONAENYLIDENE}-1,5,5-TRIMETHYLCYCLOHEXANE-1,3-DIOL
9 non-polymer 1,2-DIPALMITOYL-PHOSPHATIDYL-GLYCEROLE
#
loop_
_entity_poly.entity_id
_entity_poly.type
_entity_poly.pdbx_seq_one_letter_code
_entity_poly.pdbx_strand_id
1 'polypeptide(L)'
;MAAIMKSAVRSSVRPTVSGRSARVVPRAAIEWYGPDRPKFLGPFSEGDTPAYLTGEFPGDYGWDTAGLSADPETFKRYRE
LELIHARWAMLGALGCITPELLAKNGIPFGEAVWFKAGAQIFAEGGLNYLGNENLIHAQSIIATLAFQVVVMGLAEAYRA
NGGPLGEGLDPLHPGGAFDPLGLADDPDTFAELKVKEIKNGRLAMFSMFGFFVQAIVTGKGPIQNLDDHLANPTAVNAFA
YATKFTPSA
;
X
2 'polypeptide(L)'
;MAFALSFSRKALQVSAKATGKKGTGKTAAKQAPASSGIEFYGPNRAKWLGPYSENATPAYLTGEFPGDYGWDTAGLSADP
ETFKRYRELELIHARWAMLGALGCITPELLAKSGTQFGEAVWFKAGAQIFSEGGLDYLGNPSLVHAQNIVATLAVQVILM
GLVEGYRVNGGPAGEGLDPLYPGESFDPLGLADDPDTFAELKVKEIKNGRLAMFSMFGFFVQAIVTGKGPIQNLDDHLSN
PTVNNAFAFATKFTPSA
;
Y
3 'polypeptide(L)'
;MAFALAKSSARAAVSRRSTVKVEARR(TPO)VKPASKASTPDSFWYGPERPLFLGAFTGEPPSYLTGEFPGDYGWDTAGL
SADPETFKRYRELELIHARWAMLGALGCIFPELLGSYGVPFGEAVWFKAGAQIFQEGGLDYLGNPNLVHAQSILAILGTQ
VLLMGAIEGYRVNGGPLGEGLDKLYPGGSFDPLGLADDPDTFAELKVKEIKNGRLAMFSMFGFFVQAIVTGKGPLQNLSD
HLANPGTNNAFAYATKFTPQ
;
Z
#
loop_
_chem_comp.id
_chem_comp.type
_chem_comp.name
_chem_comp.formula
CHL non-polymer 'CHLOROPHYLL B' 'C55 H70 Mg N4 O6 2'
CLA non-polymer 'CHLOROPHYLL A' 'C55 H72 Mg N4 O5'
LHG non-polymer 1,2-DIPALMITOYL-PHOSPHATIDYL-GLYCEROLE 'C38 H75 O10 P'
LUT non-polymer (3R,3'R,6S)-4,5-DIDEHYDRO-5,6-DIHYDRO-BETA,BETA-CAROTENE-3,3'-DIOL 'C40 H56 O2'
NEX non-polymer (1R,3R)-6-{(3E,5E,7E,9E,11E,13E,15E,17E)-18-[(1S,4R,6R)-4-HYDROXY-2,2,6-TRIMETHYL-7-OXABICYCLO[4.1.0]HEPT-1-YL]-3,7,12,16-TETRAMETHYLOCTADECA-1,3,5,7,9,11,13,15,17-NONAENYLIDENE}-1,5,5-TRIMETHYLCYCLOHEXANE-1,3-DIOL 'C40 H56 O4'
XAT non-polymer '(3S,5R,6S,3'S,5'R,6'S)-5,6,5',6'-DIEPOXY-5,6,5',6'- TETRAHYDRO-BETA,BETA-CAROTENE-3,3'-DIOL' 'C40 H56 O4'
#
# COMPACT_ATOMS: atom_id res chain seq x y z
N ILE A 30 -12.19 34.99 -5.51
CA ILE A 30 -12.11 33.53 -5.49
C ILE A 30 -13.05 32.94 -6.53
N GLU A 31 -12.59 31.87 -7.17
CA GLU A 31 -13.30 31.22 -8.25
C GLU A 31 -13.70 29.79 -7.93
N TRP A 32 -12.76 28.97 -7.46
CA TRP A 32 -12.94 27.53 -7.26
C TRP A 32 -13.08 26.76 -8.57
N TYR A 33 -13.02 27.42 -9.72
CA TYR A 33 -13.18 26.75 -11.00
C TYR A 33 -12.32 27.47 -12.03
N GLY A 34 -12.24 26.88 -13.23
CA GLY A 34 -11.51 27.48 -14.32
C GLY A 34 -10.01 27.39 -14.16
N PRO A 35 -9.28 28.11 -15.03
CA PRO A 35 -7.80 27.99 -14.99
C PRO A 35 -7.17 28.67 -13.79
N ASP A 36 -7.69 29.80 -13.33
CA ASP A 36 -7.06 30.55 -12.23
C ASP A 36 -7.75 30.26 -10.90
N ARG A 37 -8.16 29.00 -10.70
CA ARG A 37 -8.79 28.58 -9.47
C ARG A 37 -7.75 28.52 -8.34
N PRO A 38 -8.21 28.50 -7.09
CA PRO A 38 -7.29 28.25 -5.98
C PRO A 38 -6.71 26.85 -6.09
N LYS A 39 -5.41 26.74 -5.79
CA LYS A 39 -4.64 25.53 -6.03
C LYS A 39 -3.87 25.14 -4.77
N PHE A 40 -3.34 23.93 -4.76
CA PHE A 40 -2.86 23.33 -3.51
C PHE A 40 -1.50 23.84 -3.07
N LEU A 41 -0.72 24.48 -3.94
CA LEU A 41 0.52 25.13 -3.54
C LEU A 41 0.44 26.65 -3.64
N GLY A 42 -0.75 27.20 -3.84
CA GLY A 42 -0.94 28.63 -3.90
C GLY A 42 -0.18 29.29 -5.02
N PRO A 43 0.72 30.24 -4.69
CA PRO A 43 1.43 30.97 -5.75
C PRO A 43 2.46 30.12 -6.48
N PHE A 44 2.83 28.97 -5.90
CA PHE A 44 3.87 28.05 -6.37
C PHE A 44 3.34 26.99 -7.35
N SER A 45 2.16 27.19 -7.93
CA SER A 45 1.39 26.08 -8.49
C SER A 45 1.12 26.21 -9.99
N GLU A 46 1.80 27.11 -10.71
CA GLU A 46 1.43 27.34 -12.10
C GLU A 46 2.00 26.26 -13.02
N GLY A 47 3.14 25.66 -12.66
CA GLY A 47 3.83 24.73 -13.54
C GLY A 47 3.68 23.25 -13.21
N ASP A 48 3.02 22.92 -12.10
CA ASP A 48 2.90 21.54 -11.64
C ASP A 48 1.61 20.88 -12.09
N THR A 49 0.57 21.67 -12.29
CA THR A 49 -0.76 21.16 -12.57
C THR A 49 -0.73 20.33 -13.87
N PRO A 50 -1.29 19.12 -13.87
CA PRO A 50 -1.36 18.35 -15.12
C PRO A 50 -2.35 18.98 -16.09
N ALA A 51 -2.22 18.58 -17.36
CA ALA A 51 -3.09 19.13 -18.39
C ALA A 51 -4.52 18.57 -18.29
N TYR A 52 -4.70 17.43 -17.62
CA TYR A 52 -6.01 16.83 -17.52
C TYR A 52 -6.82 17.34 -16.33
N LEU A 53 -6.20 18.04 -15.39
CA LEU A 53 -6.91 18.58 -14.23
C LEU A 53 -7.52 19.95 -14.55
N THR A 54 -8.40 19.93 -15.56
CA THR A 54 -9.18 21.11 -15.87
C THR A 54 -10.01 21.51 -14.66
N GLY A 55 -10.22 22.81 -14.49
CA GLY A 55 -11.01 23.28 -13.37
C GLY A 55 -12.49 23.03 -13.61
N GLU A 56 -12.85 21.75 -13.69
CA GLU A 56 -14.22 21.33 -13.97
C GLU A 56 -14.91 20.71 -12.77
N PHE A 57 -14.17 20.03 -11.89
CA PHE A 57 -14.77 19.25 -10.83
C PHE A 57 -14.50 19.88 -9.46
N PRO A 58 -15.41 19.71 -8.50
CA PRO A 58 -15.23 20.39 -7.21
C PRO A 58 -13.97 19.92 -6.50
N GLY A 59 -13.32 20.85 -5.80
CA GLY A 59 -12.12 20.54 -5.06
C GLY A 59 -10.88 20.38 -5.90
N ASP A 60 -10.92 20.79 -7.17
CA ASP A 60 -9.78 20.63 -8.08
C ASP A 60 -8.76 21.73 -7.77
N TYR A 61 -7.87 21.44 -6.84
CA TYR A 61 -6.75 22.32 -6.53
C TYR A 61 -5.52 22.02 -7.39
N GLY A 62 -5.59 21.01 -8.25
CA GLY A 62 -4.45 20.67 -9.08
C GLY A 62 -3.45 19.76 -8.43
N TRP A 63 -3.89 18.89 -7.51
CA TRP A 63 -2.99 18.01 -6.77
C TRP A 63 -3.09 16.60 -7.35
N ASP A 64 -2.29 16.33 -8.37
CA ASP A 64 -2.12 14.97 -8.90
C ASP A 64 -0.65 14.70 -9.18
N THR A 65 0.21 15.00 -8.20
CA THR A 65 1.64 14.80 -8.38
C THR A 65 1.97 13.37 -8.75
N ALA A 66 1.18 12.40 -8.26
CA ALA A 66 1.42 11.00 -8.56
C ALA A 66 0.84 10.58 -9.90
N GLY A 67 0.06 11.43 -10.56
CA GLY A 67 -0.49 11.09 -11.86
C GLY A 67 -1.46 9.93 -11.84
N LEU A 68 -2.11 9.68 -10.70
CA LEU A 68 -2.99 8.53 -10.57
C LEU A 68 -4.33 8.71 -11.27
N SER A 69 -4.65 9.92 -11.73
CA SER A 69 -5.92 10.22 -12.39
C SER A 69 -5.71 10.74 -13.80
N ALA A 70 -4.69 10.23 -14.50
CA ALA A 70 -4.44 10.68 -15.86
C ALA A 70 -5.56 10.23 -16.80
N ASP A 71 -6.12 9.04 -16.57
CA ASP A 71 -7.22 8.56 -17.39
C ASP A 71 -8.54 9.16 -16.88
N PRO A 72 -9.35 9.75 -17.76
CA PRO A 72 -10.60 10.37 -17.27
C PRO A 72 -11.52 9.40 -16.56
N GLU A 73 -11.48 8.12 -16.92
CA GLU A 73 -12.36 7.11 -16.33
C GLU A 73 -11.84 6.70 -14.94
N THR A 74 -10.54 6.47 -14.82
CA THR A 74 -9.95 6.31 -13.50
C THR A 74 -10.14 7.58 -12.68
N PHE A 75 -10.12 8.74 -13.32
CA PHE A 75 -10.36 9.99 -12.61
C PHE A 75 -11.78 10.06 -12.09
N LYS A 76 -12.75 9.61 -12.87
CA LYS A 76 -14.14 9.59 -12.42
C LYS A 76 -14.33 8.63 -11.27
N ARG A 77 -13.76 7.42 -11.37
CA ARG A 77 -13.88 6.46 -10.29
C ARG A 77 -13.21 6.98 -9.02
N TYR A 78 -12.07 7.66 -9.17
CA TYR A 78 -11.40 8.22 -8.01
C TYR A 78 -12.17 9.38 -7.41
N ARG A 79 -12.86 10.17 -8.25
CA ARG A 79 -13.70 11.24 -7.71
C ARG A 79 -14.86 10.66 -6.91
N GLU A 80 -15.46 9.57 -7.41
CA GLU A 80 -16.52 8.92 -6.64
C GLU A 80 -15.99 8.38 -5.33
N LEU A 81 -14.84 7.71 -5.36
CA LEU A 81 -14.24 7.21 -4.13
C LEU A 81 -13.95 8.35 -3.16
N GLU A 82 -13.44 9.47 -3.68
CA GLU A 82 -13.13 10.61 -2.82
C GLU A 82 -14.38 11.15 -2.15
N LEU A 83 -15.46 11.31 -2.92
CA LEU A 83 -16.67 11.91 -2.35
C LEU A 83 -17.34 10.97 -1.36
N ILE A 84 -17.35 9.66 -1.65
CA ILE A 84 -17.98 8.73 -0.72
C ILE A 84 -17.15 8.60 0.55
N HIS A 85 -15.83 8.50 0.42
CA HIS A 85 -14.97 8.53 1.60
C HIS A 85 -15.17 9.82 2.37
N ALA A 86 -15.39 10.93 1.66
CA ALA A 86 -15.58 12.22 2.31
C ALA A 86 -16.84 12.22 3.16
N ARG A 87 -17.96 11.78 2.59
CA ARG A 87 -19.21 11.77 3.33
C ARG A 87 -19.17 10.79 4.49
N TRP A 88 -18.62 9.59 4.27
CA TRP A 88 -18.51 8.63 5.35
C TRP A 88 -17.59 9.12 6.44
N ALA A 89 -16.50 9.82 6.08
CA ALA A 89 -15.58 10.35 7.07
C ALA A 89 -16.19 11.52 7.82
N MET A 90 -17.06 12.31 7.18
CA MET A 90 -17.75 13.36 7.90
C MET A 90 -18.71 12.78 8.93
N LEU A 91 -19.53 11.80 8.50
CA LEU A 91 -20.42 11.15 9.45
C LEU A 91 -19.64 10.50 10.59
N GLY A 92 -18.50 9.89 10.27
CA GLY A 92 -17.71 9.25 11.31
C GLY A 92 -17.01 10.23 12.23
N ALA A 93 -16.55 11.36 11.69
CA ALA A 93 -15.97 12.40 12.54
C ALA A 93 -17.01 12.91 13.53
N LEU A 94 -18.21 13.21 13.05
CA LEU A 94 -19.25 13.66 13.96
C LEU A 94 -19.62 12.57 14.96
N GLY A 95 -19.59 11.30 14.53
CA GLY A 95 -19.94 10.21 15.43
C GLY A 95 -18.88 9.91 16.47
N CYS A 96 -17.62 10.24 16.20
CA CYS A 96 -16.57 10.14 17.22
C CYS A 96 -16.51 11.37 18.12
N ILE A 97 -16.92 12.54 17.64
CA ILE A 97 -16.88 13.72 18.49
C ILE A 97 -18.10 13.78 19.42
N THR A 98 -19.29 13.41 18.92
CA THR A 98 -20.51 13.63 19.70
C THR A 98 -20.52 12.87 21.02
N PRO A 99 -20.28 11.54 21.03
CA PRO A 99 -20.46 10.81 22.31
C PRO A 99 -19.51 11.27 23.40
N GLU A 100 -18.30 11.73 23.07
CA GLU A 100 -17.41 12.19 24.13
C GLU A 100 -17.85 13.53 24.70
N LEU A 101 -18.22 14.48 23.82
CA LEU A 101 -18.82 15.72 24.30
C LEU A 101 -19.98 15.43 25.23
N LEU A 102 -20.94 14.61 24.77
CA LEU A 102 -22.07 14.27 25.62
C LEU A 102 -21.64 13.52 26.88
N ALA A 103 -20.49 12.84 26.83
CA ALA A 103 -19.99 12.11 27.98
C ALA A 103 -19.55 13.05 29.09
N LYS A 104 -18.73 14.08 28.78
CA LYS A 104 -18.42 15.01 29.87
C LYS A 104 -19.60 15.95 30.15
N ASN A 105 -20.45 16.19 29.15
CA ASN A 105 -21.63 17.02 29.37
C ASN A 105 -22.52 16.49 30.49
N GLY A 106 -22.32 15.25 30.92
CA GLY A 106 -23.00 14.70 32.07
C GLY A 106 -23.63 13.35 31.80
N ILE A 107 -23.74 12.98 30.53
CA ILE A 107 -24.52 11.80 30.16
C ILE A 107 -23.70 10.54 30.41
N PRO A 108 -24.27 9.52 31.04
CA PRO A 108 -23.54 8.26 31.24
C PRO A 108 -23.29 7.55 29.92
N PHE A 109 -22.05 7.10 29.73
CA PHE A 109 -21.61 6.39 28.53
C PHE A 109 -20.66 5.29 28.99
N GLY A 110 -21.20 4.07 29.11
CA GLY A 110 -20.43 2.94 29.58
C GLY A 110 -19.02 2.92 29.02
N GLU A 111 -18.89 3.19 27.73
CA GLU A 111 -17.59 3.37 27.09
C GLU A 111 -17.73 4.51 26.08
N ALA A 112 -17.41 5.73 26.52
CA ALA A 112 -17.60 6.90 25.67
C ALA A 112 -16.58 6.96 24.55
N VAL A 113 -15.35 6.52 24.81
CA VAL A 113 -14.31 6.61 23.79
C VAL A 113 -14.72 5.81 22.56
N TRP A 114 -14.41 6.37 21.38
CA TRP A 114 -14.95 5.81 20.14
C TRP A 114 -14.29 4.48 19.78
N PHE A 115 -12.98 4.33 20.01
CA PHE A 115 -12.29 3.12 19.61
C PHE A 115 -12.44 1.99 20.61
N LYS A 116 -13.36 2.11 21.57
CA LYS A 116 -13.89 0.97 22.31
C LYS A 116 -15.39 1.04 22.44
N ALA A 117 -16.06 1.95 21.73
CA ALA A 117 -17.51 1.99 21.70
C ALA A 117 -18.11 0.75 21.06
N GLY A 118 -17.30 -0.10 20.42
CA GLY A 118 -17.78 -1.33 19.84
C GLY A 118 -17.80 -2.47 20.85
N ALA A 119 -16.96 -2.37 21.87
CA ALA A 119 -16.87 -3.39 22.89
C ALA A 119 -17.97 -3.29 23.95
N GLN A 120 -18.95 -2.42 23.76
CA GLN A 120 -20.06 -2.34 24.70
C GLN A 120 -20.99 -3.54 24.60
N ILE A 121 -20.92 -4.29 23.49
CA ILE A 121 -21.81 -5.44 23.33
C ILE A 121 -21.43 -6.54 24.32
N PHE A 122 -20.15 -6.62 24.71
CA PHE A 122 -19.66 -7.65 25.61
C PHE A 122 -19.74 -7.27 27.08
N ALA A 123 -20.38 -6.13 27.41
CA ALA A 123 -20.55 -5.71 28.80
C ALA A 123 -21.73 -6.47 29.41
N GLU A 124 -22.09 -6.16 30.65
CA GLU A 124 -23.18 -6.92 31.24
C GLU A 124 -24.51 -6.52 30.64
N GLY A 125 -24.75 -5.21 30.52
CA GLY A 125 -26.01 -4.73 29.98
C GLY A 125 -26.03 -4.47 28.49
N GLY A 126 -24.99 -4.87 27.76
CA GLY A 126 -24.96 -4.62 26.33
C GLY A 126 -24.72 -3.17 25.98
N LEU A 127 -24.97 -2.85 24.71
CA LEU A 127 -24.79 -1.50 24.19
C LEU A 127 -26.08 -0.72 24.36
N ASN A 128 -26.15 0.12 25.38
CA ASN A 128 -27.28 1.01 25.58
C ASN A 128 -26.94 2.38 25.01
N TYR A 129 -27.85 2.93 24.20
CA TYR A 129 -27.59 3.99 23.24
C TYR A 129 -27.06 5.25 23.90
N LEU A 130 -27.87 5.89 24.75
CA LEU A 130 -27.46 7.09 25.49
C LEU A 130 -27.34 6.80 26.99
N GLY A 131 -26.95 5.59 27.35
CA GLY A 131 -26.94 5.15 28.73
C GLY A 131 -28.26 4.66 29.27
N ASN A 132 -29.36 4.89 28.57
CA ASN A 132 -30.66 4.36 28.99
C ASN A 132 -30.67 2.85 28.80
N GLU A 133 -31.10 2.10 29.81
CA GLU A 133 -31.16 0.66 29.64
C GLU A 133 -32.30 0.24 28.71
N ASN A 134 -33.33 1.08 28.53
CA ASN A 134 -34.51 0.71 27.76
C ASN A 134 -34.64 1.50 26.44
N LEU A 135 -33.52 1.88 25.82
CA LEU A 135 -33.57 2.51 24.49
C LEU A 135 -33.34 1.48 23.38
N ILE A 136 -32.19 0.82 23.39
CA ILE A 136 -31.87 -0.18 22.39
C ILE A 136 -31.64 -1.50 23.13
N HIS A 137 -30.61 -1.52 23.95
CA HIS A 137 -30.26 -2.70 24.75
C HIS A 137 -29.86 -3.88 23.86
N ALA A 138 -28.81 -3.65 23.08
CA ALA A 138 -28.30 -4.68 22.18
C ALA A 138 -27.40 -5.64 22.94
N GLN A 139 -27.64 -6.93 22.77
CA GLN A 139 -26.86 -7.97 23.44
C GLN A 139 -26.06 -8.86 22.50
N SER A 140 -26.42 -8.92 21.23
CA SER A 140 -25.79 -9.79 20.24
C SER A 140 -25.10 -8.92 19.20
N ILE A 141 -23.80 -9.15 19.00
CA ILE A 141 -23.10 -8.47 17.92
C ILE A 141 -23.30 -9.17 16.59
N ILE A 142 -23.55 -10.49 16.62
CA ILE A 142 -23.73 -11.24 15.39
C ILE A 142 -24.99 -10.78 14.66
N ALA A 143 -26.09 -10.63 15.38
CA ALA A 143 -27.33 -10.18 14.76
C ALA A 143 -27.24 -8.72 14.33
N THR A 144 -26.59 -7.89 15.14
CA THR A 144 -26.34 -6.52 14.73
C THR A 144 -25.61 -6.48 13.40
N LEU A 145 -24.54 -7.28 13.28
CA LEU A 145 -23.78 -7.31 12.04
C LEU A 145 -24.61 -7.87 10.89
N ALA A 146 -25.47 -8.85 11.16
CA ALA A 146 -26.32 -9.39 10.09
C ALA A 146 -27.26 -8.33 9.55
N PHE A 147 -28.03 -7.70 10.44
CA PHE A 147 -28.85 -6.51 10.17
C PHE A 147 -28.10 -5.55 9.27
N GLN A 148 -26.92 -5.17 9.76
CA GLN A 148 -26.13 -4.12 9.14
C GLN A 148 -25.71 -4.53 7.73
N VAL A 149 -25.22 -5.76 7.57
CA VAL A 149 -24.76 -6.20 6.26
C VAL A 149 -25.93 -6.24 5.29
N VAL A 150 -27.06 -6.80 5.71
CA VAL A 150 -28.18 -6.95 4.77
C VAL A 150 -28.59 -5.60 4.22
N VAL A 151 -28.84 -4.62 5.11
CA VAL A 151 -29.37 -3.37 4.57
C VAL A 151 -28.28 -2.41 4.09
N MET A 152 -27.02 -2.58 4.53
CA MET A 152 -25.95 -1.84 3.89
C MET A 152 -25.73 -2.31 2.46
N GLY A 153 -25.78 -3.62 2.23
CA GLY A 153 -25.71 -4.12 0.87
C GLY A 153 -26.86 -3.62 0.02
N LEU A 154 -28.07 -3.67 0.56
CA LEU A 154 -29.22 -3.14 -0.18
C LEU A 154 -29.00 -1.68 -0.56
N ALA A 155 -28.61 -0.86 0.43
CA ALA A 155 -28.47 0.58 0.20
C ALA A 155 -27.33 0.89 -0.76
N GLU A 156 -26.21 0.16 -0.64
CA GLU A 156 -25.07 0.45 -1.50
C GLU A 156 -25.31 -0.03 -2.92
N ALA A 157 -26.05 -1.13 -3.10
CA ALA A 157 -26.45 -1.51 -4.44
C ALA A 157 -27.41 -0.49 -5.05
N TYR A 158 -28.34 0.04 -4.25
CA TYR A 158 -29.20 1.10 -4.74
C TYR A 158 -28.38 2.35 -5.08
N ARG A 159 -27.33 2.62 -4.31
CA ARG A 159 -26.43 3.71 -4.63
C ARG A 159 -25.72 3.48 -5.95
N ALA A 160 -25.35 2.23 -6.22
CA ALA A 160 -24.67 1.89 -7.46
C ALA A 160 -25.58 2.10 -8.66
N ASN A 161 -26.72 1.38 -8.71
CA ASN A 161 -27.53 1.33 -9.91
C ASN A 161 -28.97 1.81 -9.72
N GLY A 162 -29.28 2.47 -8.61
CA GLY A 162 -30.61 3.01 -8.41
C GLY A 162 -31.53 2.03 -7.71
N GLY A 163 -32.78 2.47 -7.54
CA GLY A 163 -33.78 1.67 -6.90
C GLY A 163 -35.00 2.47 -6.51
N PRO A 164 -35.51 2.27 -5.28
CA PRO A 164 -36.75 2.96 -4.88
C PRO A 164 -36.62 4.47 -4.79
N LEU A 165 -35.43 5.00 -4.51
CA LEU A 165 -35.19 6.44 -4.59
C LEU A 165 -34.19 6.66 -5.71
N GLY A 166 -34.69 6.75 -6.95
CA GLY A 166 -33.79 7.19 -8.03
C GLY A 166 -33.37 6.15 -9.03
N GLU A 167 -33.79 6.30 -10.29
CA GLU A 167 -33.27 5.42 -11.36
C GLU A 167 -32.67 6.37 -12.41
N GLY A 168 -31.40 6.18 -12.76
CA GLY A 168 -30.76 7.03 -13.78
C GLY A 168 -30.26 8.38 -13.26
N LEU A 169 -30.26 8.63 -11.95
CA LEU A 169 -29.69 9.86 -11.45
C LEU A 169 -28.17 9.81 -11.48
N ASP A 170 -27.56 10.87 -10.97
CA ASP A 170 -26.11 10.96 -10.88
C ASP A 170 -25.60 9.94 -9.86
N PRO A 171 -24.47 9.28 -10.13
CA PRO A 171 -23.92 8.38 -9.11
C PRO A 171 -23.43 9.11 -7.87
N LEU A 172 -23.22 10.41 -7.93
CA LEU A 172 -22.67 11.17 -6.81
C LEU A 172 -23.63 12.19 -6.23
N HIS A 173 -24.34 12.95 -7.07
CA HIS A 173 -25.30 13.96 -6.62
C HIS A 173 -26.66 13.61 -7.20
N PRO A 174 -27.31 12.56 -6.69
CA PRO A 174 -28.61 12.15 -7.26
C PRO A 174 -29.69 13.20 -7.07
N GLY A 175 -29.86 13.66 -5.83
CA GLY A 175 -30.94 14.57 -5.53
C GLY A 175 -32.30 13.91 -5.74
N GLY A 176 -33.33 14.76 -5.71
CA GLY A 176 -34.68 14.26 -5.69
C GLY A 176 -35.11 13.97 -4.27
N ALA A 177 -35.03 12.70 -3.87
CA ALA A 177 -35.34 12.33 -2.50
C ALA A 177 -34.22 12.68 -1.52
N PHE A 178 -33.00 12.89 -2.00
CA PHE A 178 -31.91 13.32 -1.14
C PHE A 178 -31.74 14.83 -1.13
N ASP A 179 -32.79 15.57 -1.51
CA ASP A 179 -32.89 17.01 -1.27
C ASP A 179 -34.31 17.35 -0.84
N PRO A 180 -34.71 16.94 0.37
CA PRO A 180 -36.01 17.34 0.88
C PRO A 180 -36.09 18.83 1.20
N LEU A 181 -34.95 19.48 1.42
CA LEU A 181 -34.91 20.91 1.67
C LEU A 181 -34.73 21.73 0.39
N GLY A 182 -34.11 21.15 -0.64
CA GLY A 182 -33.91 21.85 -1.89
C GLY A 182 -32.93 23.00 -1.80
N LEU A 183 -31.65 22.68 -1.58
CA LEU A 183 -30.61 23.70 -1.48
C LEU A 183 -29.93 24.00 -2.80
N ALA A 184 -29.97 23.07 -3.76
CA ALA A 184 -29.09 23.10 -4.92
C ALA A 184 -29.86 23.00 -6.21
N ASP A 185 -30.89 23.84 -6.38
CA ASP A 185 -31.58 23.93 -7.66
C ASP A 185 -30.94 24.94 -8.61
N ASP A 186 -30.17 25.91 -8.07
CA ASP A 186 -29.39 26.81 -8.89
C ASP A 186 -28.01 26.21 -9.17
N PRO A 187 -27.51 26.28 -10.41
CA PRO A 187 -26.18 25.70 -10.69
C PRO A 187 -25.07 26.36 -9.91
N ASP A 188 -25.18 27.65 -9.60
CA ASP A 188 -24.09 28.31 -8.89
C ASP A 188 -24.07 27.91 -7.43
N THR A 189 -25.25 27.89 -6.80
CA THR A 189 -25.36 27.34 -5.45
C THR A 189 -24.95 25.87 -5.43
N PHE A 190 -25.33 25.12 -6.46
CA PHE A 190 -24.94 23.72 -6.56
C PHE A 190 -23.43 23.58 -6.57
N ALA A 191 -22.75 24.40 -7.38
CA ALA A 191 -21.29 24.30 -7.50
C ALA A 191 -20.61 24.70 -6.19
N GLU A 192 -21.03 25.81 -5.58
CA GLU A 192 -20.36 26.24 -4.37
C GLU A 192 -20.63 25.30 -3.21
N LEU A 193 -21.83 24.72 -3.14
CA LEU A 193 -22.09 23.72 -2.11
C LEU A 193 -21.36 22.42 -2.41
N LYS A 194 -21.11 22.12 -3.68
CA LYS A 194 -20.27 20.98 -4.03
C LYS A 194 -18.86 21.17 -3.49
N VAL A 195 -18.28 22.36 -3.72
CA VAL A 195 -16.94 22.63 -3.22
C VAL A 195 -16.92 22.59 -1.70
N LYS A 196 -17.94 23.19 -1.06
CA LYS A 196 -18.02 23.15 0.40
C LYS A 196 -18.11 21.72 0.90
N GLU A 197 -18.92 20.89 0.24
CA GLU A 197 -19.06 19.49 0.61
C GLU A 197 -17.72 18.77 0.54
N ILE A 198 -17.06 18.82 -0.62
CA ILE A 198 -15.84 18.07 -0.78
C ILE A 198 -14.74 18.59 0.12
N LYS A 199 -14.77 19.88 0.48
CA LYS A 199 -13.70 20.41 1.33
C LYS A 199 -13.94 20.11 2.81
N ASN A 200 -15.17 20.27 3.30
CA ASN A 200 -15.47 19.76 4.63
C ASN A 200 -15.19 18.26 4.71
N GLY A 201 -15.37 17.55 3.59
CA GLY A 201 -15.12 16.11 3.60
C GLY A 201 -13.65 15.77 3.60
N ARG A 202 -12.83 16.52 2.86
CA ARG A 202 -11.39 16.33 2.93
C ARG A 202 -10.87 16.69 4.33
N LEU A 203 -11.43 17.74 4.91
CA LEU A 203 -11.09 18.09 6.29
C LEU A 203 -11.44 16.95 7.24
N ALA A 204 -12.62 16.37 7.07
CA ALA A 204 -13.04 15.26 7.94
C ALA A 204 -12.21 14.01 7.71
N MET A 205 -11.79 13.76 6.46
CA MET A 205 -10.96 12.60 6.18
C MET A 205 -9.58 12.76 6.81
N PHE A 206 -8.99 13.96 6.68
CA PHE A 206 -7.74 14.24 7.37
C PHE A 206 -7.88 14.07 8.87
N SER A 207 -8.97 14.60 9.44
CA SER A 207 -9.19 14.48 10.88
C SER A 207 -9.45 13.05 11.30
N MET A 208 -10.02 12.23 10.40
CA MET A 208 -10.26 10.84 10.74
C MET A 208 -8.98 10.01 10.69
N PHE A 209 -8.12 10.29 9.70
CA PHE A 209 -6.78 9.72 9.71
C PHE A 209 -6.06 10.10 11.00
N GLY A 210 -6.18 11.36 11.42
CA GLY A 210 -5.60 11.77 12.68
C GLY A 210 -6.19 11.01 13.86
N PHE A 211 -7.51 10.88 13.90
CA PHE A 211 -8.16 10.07 14.92
C PHE A 211 -7.51 8.69 14.99
N PHE A 212 -7.40 8.02 13.84
CA PHE A 212 -6.83 6.68 13.81
C PHE A 212 -5.42 6.66 14.36
N VAL A 213 -4.52 7.46 13.76
CA VAL A 213 -3.11 7.36 14.10
C VAL A 213 -2.87 7.76 15.55
N GLN A 214 -3.54 8.80 16.03
CA GLN A 214 -3.30 9.28 17.38
C GLN A 214 -4.11 8.54 18.43
N ALA A 215 -5.12 7.76 18.03
CA ALA A 215 -5.69 6.78 18.95
C ALA A 215 -4.74 5.60 19.12
N ILE A 216 -4.10 5.18 18.03
CA ILE A 216 -3.13 4.10 18.14
C ILE A 216 -1.90 4.55 18.93
N VAL A 217 -1.50 5.80 18.75
CA VAL A 217 -0.30 6.31 19.41
C VAL A 217 -0.59 6.67 20.86
N THR A 218 -1.71 7.34 21.12
CA THR A 218 -2.03 7.85 22.44
C THR A 218 -2.88 6.87 23.25
N GLY A 219 -3.88 6.26 22.62
CA GLY A 219 -4.79 5.38 23.33
C GLY A 219 -5.92 6.09 24.03
N LYS A 220 -6.09 7.38 23.80
CA LYS A 220 -7.16 8.17 24.41
C LYS A 220 -8.04 8.76 23.30
N GLY A 221 -9.18 9.31 23.71
CA GLY A 221 -10.12 9.85 22.76
C GLY A 221 -9.62 11.14 22.13
N PRO A 222 -10.30 11.60 21.08
CA PRO A 222 -9.89 12.88 20.48
C PRO A 222 -10.12 14.07 21.39
N ILE A 223 -11.28 14.10 22.07
CA ILE A 223 -11.58 15.22 22.96
C ILE A 223 -10.59 15.25 24.12
N GLN A 224 -10.24 14.08 24.65
CA GLN A 224 -9.26 14.06 25.74
C GLN A 224 -7.88 14.45 25.23
N ASN A 225 -7.56 14.12 23.98
CA ASN A 225 -6.30 14.58 23.40
C ASN A 225 -6.26 16.09 23.30
N LEU A 226 -7.38 16.71 22.91
CA LEU A 226 -7.43 18.17 22.87
C LEU A 226 -7.34 18.75 24.28
N ASP A 227 -7.98 18.11 25.25
CA ASP A 227 -7.89 18.58 26.63
C ASP A 227 -6.45 18.54 27.13
N ASP A 228 -5.72 17.46 26.81
CA ASP A 228 -4.35 17.34 27.26
C ASP A 228 -3.43 18.30 26.51
N HIS A 229 -3.73 18.57 25.24
CA HIS A 229 -2.93 19.56 24.49
C HIS A 229 -3.17 20.97 25.00
N LEU A 230 -4.39 21.26 25.45
CA LEU A 230 -4.70 22.57 26.03
C LEU A 230 -4.17 22.68 27.45
N ALA A 231 -3.97 21.56 28.14
CA ALA A 231 -3.41 21.62 29.49
C ALA A 231 -1.93 21.97 29.45
N ASN A 232 -1.20 21.52 28.43
CA ASN A 232 0.23 21.74 28.35
C ASN A 232 0.67 21.62 26.89
N PRO A 233 0.59 22.69 26.10
CA PRO A 233 0.78 22.53 24.65
C PRO A 233 2.20 22.18 24.25
N THR A 234 3.21 22.68 24.95
CA THR A 234 4.59 22.43 24.59
C THR A 234 5.11 21.09 25.09
N ALA A 235 4.51 20.52 26.12
CA ALA A 235 4.95 19.22 26.62
C ALA A 235 4.09 18.08 26.11
N VAL A 236 2.77 18.22 26.20
CA VAL A 236 1.87 17.17 25.71
C VAL A 236 1.55 17.53 24.26
N ASN A 237 2.44 17.11 23.38
CA ASN A 237 2.13 17.02 21.96
C ASN A 237 2.54 15.65 21.43
N ALA A 238 2.46 15.45 20.12
CA ALA A 238 2.73 14.13 19.55
C ALA A 238 4.17 13.69 19.81
N PHE A 239 5.10 14.63 19.90
CA PHE A 239 6.50 14.27 20.09
C PHE A 239 6.75 13.63 21.46
N ALA A 240 5.85 13.81 22.42
CA ALA A 240 5.98 13.10 23.69
C ALA A 240 5.78 11.60 23.53
N TYR A 241 5.12 11.17 22.45
CA TYR A 241 4.93 9.76 22.15
C TYR A 241 5.78 9.31 20.97
N ALA A 242 6.91 9.97 20.73
CA ALA A 242 7.70 9.69 19.52
C ALA A 242 8.56 8.44 19.66
N THR A 243 9.15 8.21 20.84
CA THR A 243 9.96 7.03 21.07
C THR A 243 9.13 5.83 21.50
N LYS A 244 7.85 5.80 21.13
CA LYS A 244 6.97 4.73 21.58
C LYS A 244 7.13 3.47 20.74
N PHE A 245 7.37 3.61 19.44
CA PHE A 245 7.43 2.49 18.52
C PHE A 245 8.87 2.14 18.12
N THR A 246 9.84 2.42 18.97
CA THR A 246 11.20 2.04 18.62
C THR A 246 11.44 0.56 18.96
N PRO A 247 12.08 -0.19 18.06
CA PRO A 247 12.23 -1.64 18.31
C PRO A 247 13.00 -1.96 19.57
N SER A 248 14.24 -1.49 19.68
CA SER A 248 15.05 -1.69 20.88
C SER A 248 15.24 -3.18 21.17
N ALA A 249 15.92 -3.85 20.26
CA ALA A 249 16.29 -5.25 20.45
C ALA A 249 17.66 -5.53 19.85
N GLY B 37 -29.97 -20.68 -16.89
CA GLY B 37 -29.82 -19.65 -17.91
C GLY B 37 -28.49 -18.89 -17.77
N ILE B 38 -27.43 -19.61 -17.35
CA ILE B 38 -26.15 -18.98 -17.01
C ILE B 38 -25.26 -18.90 -18.24
N GLU B 39 -24.53 -17.79 -18.34
CA GLU B 39 -23.69 -17.49 -19.49
C GLU B 39 -22.21 -17.40 -19.13
N PHE B 40 -21.88 -16.60 -18.12
CA PHE B 40 -20.53 -16.24 -17.72
C PHE B 40 -19.76 -15.51 -18.83
N TYR B 41 -20.47 -15.01 -19.85
CA TYR B 41 -19.86 -14.18 -20.87
C TYR B 41 -20.94 -13.28 -21.47
N GLY B 42 -20.50 -12.35 -22.32
CA GLY B 42 -21.41 -11.47 -23.01
C GLY B 42 -21.99 -10.38 -22.11
N PRO B 43 -22.99 -9.65 -22.62
CA PRO B 43 -23.53 -8.53 -21.84
C PRO B 43 -24.36 -8.95 -20.64
N ASN B 44 -25.18 -9.99 -20.80
CA ASN B 44 -26.00 -10.54 -19.71
C ASN B 44 -25.29 -11.70 -19.04
N ARG B 45 -24.08 -11.46 -18.58
CA ARG B 45 -23.36 -12.42 -17.75
C ARG B 45 -23.70 -12.21 -16.29
N ALA B 46 -23.34 -13.20 -15.46
CA ALA B 46 -23.45 -13.04 -14.02
C ALA B 46 -22.52 -11.93 -13.55
N LYS B 47 -23.01 -11.11 -12.63
CA LYS B 47 -22.27 -9.92 -12.20
C LYS B 47 -22.20 -9.87 -10.68
N TRP B 48 -21.36 -8.95 -10.21
CA TRP B 48 -20.91 -8.93 -8.81
C TRP B 48 -21.98 -8.47 -7.84
N LEU B 49 -22.95 -7.67 -8.29
CA LEU B 49 -24.05 -7.21 -7.47
C LEU B 49 -25.39 -7.81 -7.90
N GLY B 50 -25.37 -8.82 -8.76
CA GLY B 50 -26.57 -9.50 -9.17
C GLY B 50 -27.56 -8.60 -9.89
N PRO B 51 -28.79 -8.47 -9.35
CA PRO B 51 -29.81 -7.66 -10.04
C PRO B 51 -29.53 -6.17 -9.98
N TYR B 52 -28.67 -5.69 -9.09
CA TYR B 52 -28.45 -4.26 -8.98
C TYR B 52 -27.14 -3.85 -9.63
N SER B 53 -26.83 -4.47 -10.78
CA SER B 53 -25.53 -4.30 -11.42
C SER B 53 -25.59 -3.78 -12.84
N GLU B 54 -26.73 -3.24 -13.30
CA GLU B 54 -26.84 -2.87 -14.70
C GLU B 54 -26.18 -1.53 -14.98
N ASN B 55 -26.19 -0.61 -14.02
CA ASN B 55 -25.48 0.66 -14.12
C ASN B 55 -24.18 0.66 -13.30
N ALA B 56 -23.72 -0.51 -12.88
CA ALA B 56 -22.52 -0.63 -12.07
C ALA B 56 -21.31 -1.11 -12.85
N THR B 57 -21.40 -1.17 -14.18
CA THR B 57 -20.37 -1.81 -14.98
C THR B 57 -19.70 -0.79 -15.90
N PRO B 58 -18.37 -0.73 -15.94
CA PRO B 58 -17.72 0.19 -16.88
C PRO B 58 -17.89 -0.29 -18.32
N ALA B 59 -17.64 0.63 -19.25
CA ALA B 59 -17.80 0.31 -20.66
C ALA B 59 -16.68 -0.59 -21.17
N TYR B 60 -15.55 -0.63 -20.47
CA TYR B 60 -14.41 -1.44 -20.90
C TYR B 60 -14.47 -2.87 -20.41
N LEU B 61 -15.32 -3.18 -19.43
CA LEU B 61 -15.43 -4.54 -18.91
C LEU B 61 -16.41 -5.36 -19.75
N THR B 62 -16.07 -5.48 -21.03
CA THR B 62 -16.79 -6.38 -21.93
C THR B 62 -16.73 -7.80 -21.39
N GLY B 63 -17.80 -8.56 -21.60
CA GLY B 63 -17.82 -9.93 -21.13
C GLY B 63 -16.96 -10.81 -22.02
N GLU B 64 -15.65 -10.54 -22.01
CA GLU B 64 -14.69 -11.25 -22.84
C GLU B 64 -13.77 -12.16 -22.04
N PHE B 65 -13.45 -11.80 -20.81
CA PHE B 65 -12.43 -12.50 -20.05
C PHE B 65 -13.05 -13.26 -18.88
N PRO B 66 -12.46 -14.40 -18.48
CA PRO B 66 -13.08 -15.21 -17.43
C PRO B 66 -13.17 -14.46 -16.12
N GLY B 67 -14.25 -14.72 -15.38
CA GLY B 67 -14.47 -14.07 -14.11
C GLY B 67 -14.91 -12.63 -14.18
N ASP B 68 -15.33 -12.15 -15.35
CA ASP B 68 -15.73 -10.76 -15.53
C ASP B 68 -17.14 -10.60 -14.98
N TYR B 69 -17.23 -10.30 -13.68
CA TYR B 69 -18.49 -9.97 -13.04
C TYR B 69 -18.80 -8.48 -13.11
N GLY B 70 -17.91 -7.67 -13.67
CA GLY B 70 -18.14 -6.24 -13.75
C GLY B 70 -17.72 -5.47 -12.52
N TRP B 71 -16.72 -5.94 -11.79
CA TRP B 71 -16.28 -5.32 -10.54
C TRP B 71 -15.00 -4.53 -10.81
N ASP B 72 -15.15 -3.28 -11.22
CA ASP B 72 -14.04 -2.34 -11.32
C ASP B 72 -14.46 -0.98 -10.78
N THR B 73 -15.06 -0.97 -9.59
CA THR B 73 -15.51 0.28 -8.99
C THR B 73 -14.38 1.28 -8.87
N ALA B 74 -13.15 0.81 -8.64
CA ALA B 74 -12.01 1.71 -8.51
C ALA B 74 -11.43 2.15 -9.85
N GLY B 75 -11.91 1.58 -10.97
CA GLY B 75 -11.41 1.99 -12.26
C GLY B 75 -9.95 1.70 -12.50
N LEU B 76 -9.39 0.71 -11.82
CA LEU B 76 -7.96 0.44 -11.91
C LEU B 76 -7.58 -0.27 -13.21
N SER B 77 -8.54 -0.74 -13.99
CA SER B 77 -8.28 -1.47 -15.23
C SER B 77 -8.90 -0.76 -16.43
N ALA B 78 -8.93 0.57 -16.41
CA ALA B 78 -9.51 1.31 -17.54
C ALA B 78 -8.65 1.13 -18.79
N ASP B 79 -7.34 1.07 -18.63
CA ASP B 79 -6.46 0.86 -19.79
C ASP B 79 -6.40 -0.62 -20.12
N PRO B 80 -6.61 -1.01 -21.38
CA PRO B 80 -6.60 -2.45 -21.71
C PRO B 80 -5.29 -3.14 -21.37
N GLU B 81 -4.18 -2.40 -21.41
CA GLU B 81 -2.87 -2.98 -21.14
C GLU B 81 -2.66 -3.17 -19.64
N THR B 82 -3.01 -2.15 -18.84
CA THR B 82 -3.06 -2.36 -17.40
C THR B 82 -4.07 -3.44 -17.04
N PHE B 83 -5.16 -3.54 -17.80
CA PHE B 83 -6.15 -4.58 -17.57
C PHE B 83 -5.56 -5.96 -17.83
N LYS B 84 -4.76 -6.10 -18.90
CA LYS B 84 -4.12 -7.37 -19.20
C LYS B 84 -3.11 -7.74 -18.12
N ARG B 85 -2.28 -6.78 -17.70
CA ARG B 85 -1.32 -7.06 -16.64
C ARG B 85 -2.01 -7.44 -15.35
N TYR B 86 -3.13 -6.77 -15.04
CA TYR B 86 -3.88 -7.11 -13.83
C TYR B 86 -4.54 -8.47 -13.95
N ARG B 87 -4.99 -8.85 -15.14
CA ARG B 87 -5.55 -10.18 -15.32
C ARG B 87 -4.48 -11.25 -15.10
N GLU B 88 -3.28 -11.00 -15.61
CA GLU B 88 -2.19 -11.95 -15.36
C GLU B 88 -1.87 -12.04 -13.87
N LEU B 89 -1.78 -10.88 -13.20
CA LEU B 89 -1.53 -10.89 -11.76
C LEU B 89 -2.63 -11.64 -11.02
N GLU B 90 -3.89 -11.43 -11.42
CA GLU B 90 -5.01 -12.10 -10.77
C GLU B 90 -4.90 -13.60 -10.93
N LEU B 91 -4.62 -14.07 -12.15
CA LEU B 91 -4.60 -15.52 -12.37
C LEU B 91 -3.41 -16.17 -11.69
N ILE B 92 -2.25 -15.51 -11.67
CA ILE B 92 -1.09 -16.10 -11.02
C ILE B 92 -1.28 -16.11 -9.51
N HIS B 93 -1.77 -15.00 -8.94
CA HIS B 93 -2.12 -15.00 -7.52
C HIS B 93 -3.15 -16.06 -7.22
N ALA B 94 -4.09 -16.29 -8.15
CA ALA B 94 -5.13 -17.29 -7.95
C ALA B 94 -4.54 -18.68 -7.85
N ARG B 95 -3.67 -19.04 -8.80
CA ARG B 95 -3.08 -20.38 -8.80
C ARG B 95 -2.16 -20.57 -7.59
N TRP B 96 -1.33 -19.57 -7.29
CA TRP B 96 -0.47 -19.67 -6.12
C TRP B 96 -1.27 -19.75 -4.83
N ALA B 97 -2.39 -19.03 -4.74
CA ALA B 97 -3.22 -19.07 -3.55
C ALA B 97 -3.97 -20.38 -3.44
N MET B 98 -4.32 -21.01 -4.56
CA MET B 98 -4.93 -22.34 -4.51
C MET B 98 -3.93 -23.36 -4.00
N LEU B 99 -2.72 -23.36 -4.58
CA LEU B 99 -1.69 -24.28 -4.09
C LEU B 99 -1.41 -24.03 -2.61
N GLY B 100 -1.37 -22.77 -2.19
CA GLY B 100 -1.09 -22.47 -0.79
C GLY B 100 -2.24 -22.83 0.13
N ALA B 101 -3.48 -22.65 -0.31
CA ALA B 101 -4.61 -23.07 0.49
C ALA B 101 -4.58 -24.57 0.72
N LEU B 102 -4.35 -25.33 -0.35
CA LEU B 102 -4.24 -26.78 -0.18
C LEU B 102 -3.05 -27.15 0.70
N GLY B 103 -1.94 -26.40 0.59
CA GLY B 103 -0.77 -26.70 1.40
C GLY B 103 -0.91 -26.34 2.87
N CYS B 104 -1.80 -25.40 3.19
CA CYS B 104 -2.05 -25.06 4.62
C CYS B 104 -2.99 -26.10 5.23
N ILE B 105 -4.11 -26.38 4.55
CA ILE B 105 -5.14 -27.32 5.08
C ILE B 105 -4.62 -28.77 5.16
N THR B 106 -3.87 -29.24 4.16
CA THR B 106 -3.49 -30.69 4.12
C THR B 106 -2.64 -31.16 5.31
N PRO B 107 -1.55 -30.49 5.77
CA PRO B 107 -0.76 -31.01 6.89
C PRO B 107 -1.61 -31.07 8.17
N GLU B 108 -2.47 -30.07 8.38
CA GLU B 108 -3.31 -30.04 9.60
C GLU B 108 -4.38 -31.15 9.52
N LEU B 109 -4.94 -31.41 8.33
CA LEU B 109 -5.89 -32.51 8.19
C LEU B 109 -5.22 -33.86 8.45
N LEU B 110 -4.00 -34.02 7.99
CA LEU B 110 -3.26 -35.25 8.20
C LEU B 110 -2.77 -35.39 9.64
N ALA B 111 -2.48 -34.27 10.31
CA ALA B 111 -2.08 -34.34 11.71
C ALA B 111 -3.27 -34.64 12.61
N LYS B 112 -4.45 -34.11 12.27
CA LYS B 112 -5.65 -34.53 12.96
C LYS B 112 -6.12 -35.91 12.51
N SER B 113 -5.57 -36.45 11.42
CA SER B 113 -5.81 -37.83 11.03
C SER B 113 -4.83 -38.79 11.68
N GLY B 114 -3.76 -38.30 12.31
CA GLY B 114 -2.93 -39.18 13.11
C GLY B 114 -1.43 -39.11 12.88
N THR B 115 -0.97 -38.60 11.73
CA THR B 115 0.45 -38.68 11.46
C THR B 115 1.22 -37.62 12.27
N GLN B 116 2.47 -37.94 12.57
CA GLN B 116 3.28 -37.07 13.41
C GLN B 116 3.79 -35.89 12.60
N PHE B 117 3.55 -34.69 13.11
CA PHE B 117 4.04 -33.48 12.48
C PHE B 117 4.65 -32.65 13.60
N GLY B 118 5.95 -32.48 13.57
CA GLY B 118 6.66 -31.70 14.57
C GLY B 118 6.03 -30.34 14.79
N GLU B 119 5.67 -29.66 13.71
CA GLU B 119 4.89 -28.42 13.78
C GLU B 119 3.89 -28.44 12.63
N ALA B 120 2.67 -28.91 12.93
CA ALA B 120 1.67 -29.08 11.88
C ALA B 120 1.12 -27.74 11.42
N VAL B 121 0.99 -26.77 12.34
CA VAL B 121 0.39 -25.49 11.97
C VAL B 121 1.23 -24.83 10.88
N TRP B 122 0.55 -24.20 9.92
CA TRP B 122 1.22 -23.72 8.72
C TRP B 122 2.10 -22.51 9.00
N PHE B 123 1.67 -21.60 9.88
CA PHE B 123 2.44 -20.38 10.12
C PHE B 123 3.58 -20.58 11.11
N LYS B 124 3.91 -21.82 11.44
CA LYS B 124 5.20 -22.15 12.03
C LYS B 124 5.81 -23.39 11.38
N ALA B 125 5.24 -23.87 10.27
CA ALA B 125 5.84 -24.95 9.52
C ALA B 125 7.19 -24.57 8.93
N GLY B 126 7.56 -23.30 8.96
CA GLY B 126 8.85 -22.86 8.47
C GLY B 126 9.92 -22.95 9.53
N ALA B 127 9.52 -22.91 10.80
CA ALA B 127 10.46 -22.97 11.91
C ALA B 127 10.89 -24.40 12.24
N GLN B 128 10.53 -25.39 11.43
CA GLN B 128 10.99 -26.75 11.65
C GLN B 128 12.48 -26.92 11.34
N ILE B 129 13.06 -25.99 10.58
CA ILE B 129 14.48 -26.11 10.25
C ILE B 129 15.35 -25.91 11.48
N PHE B 130 14.87 -25.13 12.45
CA PHE B 130 15.62 -24.83 13.66
C PHE B 130 15.38 -25.83 14.79
N SER B 131 14.67 -26.92 14.54
CA SER B 131 14.44 -27.95 15.55
C SER B 131 15.66 -28.85 15.62
N GLU B 132 15.60 -29.91 16.43
CA GLU B 132 16.79 -30.74 16.56
C GLU B 132 16.98 -31.59 15.30
N GLY B 133 15.92 -32.22 14.82
CA GLY B 133 16.01 -33.07 13.65
C GLY B 133 15.70 -32.40 12.33
N GLY B 134 15.57 -31.07 12.30
CA GLY B 134 15.28 -30.38 11.05
C GLY B 134 13.84 -30.60 10.60
N LEU B 135 13.61 -30.24 9.33
CA LEU B 135 12.28 -30.36 8.71
C LEU B 135 12.17 -31.73 8.07
N ASP B 136 11.55 -32.65 8.80
CA ASP B 136 11.12 -33.93 8.23
C ASP B 136 9.81 -33.73 7.49
N TYR B 137 9.66 -34.41 6.34
CA TYR B 137 8.54 -34.13 5.46
C TYR B 137 7.20 -34.58 6.04
N LEU B 138 7.03 -35.89 6.22
CA LEU B 138 5.82 -36.45 6.82
C LEU B 138 6.09 -37.04 8.20
N GLY B 139 7.02 -36.45 8.94
CA GLY B 139 7.47 -37.00 10.21
C GLY B 139 8.52 -38.09 10.11
N ASN B 140 8.77 -38.63 8.92
CA ASN B 140 9.84 -39.62 8.75
C ASN B 140 11.18 -38.93 8.87
N PRO B 141 12.09 -39.41 9.72
CA PRO B 141 13.41 -38.76 9.81
C PRO B 141 14.32 -39.02 8.63
N SER B 142 13.93 -39.87 7.67
CA SER B 142 14.78 -40.24 6.56
C SER B 142 14.03 -40.12 5.23
N LEU B 143 13.16 -39.11 5.13
CA LEU B 143 12.55 -38.69 3.85
C LEU B 143 13.32 -37.53 3.22
N VAL B 144 13.43 -36.40 3.94
CA VAL B 144 14.10 -35.21 3.41
C VAL B 144 15.21 -34.76 4.36
N HIS B 145 14.86 -34.60 5.65
CA HIS B 145 15.79 -34.30 6.73
C HIS B 145 16.63 -33.06 6.40
N ALA B 146 15.93 -31.94 6.21
CA ALA B 146 16.58 -30.68 5.89
C ALA B 146 17.08 -30.02 7.18
N GLN B 147 18.34 -29.59 7.17
CA GLN B 147 18.96 -28.96 8.33
C GLN B 147 19.36 -27.51 8.10
N ASN B 148 19.54 -27.07 6.86
CA ASN B 148 20.01 -25.71 6.58
C ASN B 148 18.96 -24.97 5.76
N ILE B 149 18.47 -23.85 6.30
CA ILE B 149 17.49 -23.02 5.61
C ILE B 149 18.15 -22.18 4.52
N VAL B 150 19.44 -21.87 4.65
CA VAL B 150 20.08 -21.02 3.65
C VAL B 150 20.25 -21.78 2.33
N ALA B 151 20.62 -23.07 2.40
CA ALA B 151 20.74 -23.84 1.17
C ALA B 151 19.37 -24.12 0.57
N THR B 152 18.37 -24.40 1.41
CA THR B 152 17.01 -24.53 0.93
C THR B 152 16.60 -23.29 0.15
N LEU B 153 16.84 -22.11 0.73
CA LEU B 153 16.47 -20.87 0.06
C LEU B 153 17.28 -20.66 -1.21
N ALA B 154 18.55 -21.06 -1.22
CA ALA B 154 19.36 -20.92 -2.44
C ALA B 154 18.79 -21.77 -3.57
N VAL B 155 18.53 -23.05 -3.31
CA VAL B 155 17.99 -23.86 -4.40
C VAL B 155 16.60 -23.37 -4.80
N GLN B 156 15.82 -22.87 -3.84
CA GLN B 156 14.51 -22.36 -4.19
C GLN B 156 14.62 -21.15 -5.08
N VAL B 157 15.49 -20.20 -4.74
CA VAL B 157 15.62 -18.99 -5.54
C VAL B 157 16.13 -19.33 -6.93
N ILE B 158 17.09 -20.24 -7.03
CA ILE B 158 17.60 -20.61 -8.36
C ILE B 158 16.48 -21.22 -9.20
N LEU B 159 15.86 -22.29 -8.71
CA LEU B 159 14.83 -22.97 -9.49
C LEU B 159 13.66 -22.03 -9.80
N MET B 160 13.28 -21.20 -8.83
CA MET B 160 12.12 -20.34 -8.98
C MET B 160 12.37 -19.24 -10.00
N GLY B 161 13.57 -18.64 -9.95
CA GLY B 161 13.91 -17.66 -10.97
C GLY B 161 13.92 -18.28 -12.36
N LEU B 162 14.52 -19.46 -12.49
CA LEU B 162 14.52 -20.13 -13.80
C LEU B 162 13.09 -20.35 -14.29
N VAL B 163 12.22 -20.89 -13.43
CA VAL B 163 10.89 -21.24 -13.92
C VAL B 163 10.03 -20.00 -14.13
N GLU B 164 10.20 -18.94 -13.34
CA GLU B 164 9.41 -17.74 -13.56
C GLU B 164 9.88 -16.98 -14.79
N GLY B 165 11.18 -17.01 -15.10
CA GLY B 165 11.62 -16.45 -16.36
C GLY B 165 11.12 -17.25 -17.55
N TYR B 166 11.08 -18.58 -17.42
CA TYR B 166 10.48 -19.38 -18.48
C TYR B 166 8.99 -19.08 -18.61
N ARG B 167 8.33 -18.80 -17.48
CA ARG B 167 6.92 -18.40 -17.52
C ARG B 167 6.77 -17.07 -18.25
N VAL B 168 7.71 -16.15 -18.05
CA VAL B 168 7.62 -14.85 -18.72
C VAL B 168 7.79 -15.03 -20.22
N ASN B 169 8.95 -15.54 -20.66
CA ASN B 169 9.30 -15.49 -22.07
C ASN B 169 9.50 -16.85 -22.71
N GLY B 170 9.11 -17.93 -22.06
CA GLY B 170 9.21 -19.26 -22.65
C GLY B 170 10.53 -19.93 -22.34
N GLY B 171 10.69 -21.12 -22.88
CA GLY B 171 11.88 -21.91 -22.68
C GLY B 171 11.71 -23.35 -23.11
N PRO B 172 12.17 -24.29 -22.27
CA PRO B 172 12.12 -25.71 -22.69
C PRO B 172 10.71 -26.26 -22.84
N ALA B 173 9.69 -25.62 -22.24
CA ALA B 173 8.31 -26.08 -22.32
C ALA B 173 7.41 -25.04 -22.98
N GLY B 174 7.82 -24.55 -24.15
CA GLY B 174 6.96 -23.60 -24.91
C GLY B 174 7.61 -22.26 -25.20
N GLU B 175 8.22 -22.14 -26.39
CA GLU B 175 8.88 -20.88 -26.84
C GLU B 175 7.85 -19.76 -27.10
N GLY B 176 6.71 -20.09 -27.73
CA GLY B 176 5.72 -19.05 -28.09
C GLY B 176 4.28 -19.46 -27.83
N LEU B 177 3.84 -19.34 -26.58
CA LEU B 177 2.51 -19.67 -26.12
C LEU B 177 1.89 -18.48 -25.38
N ASP B 178 0.69 -18.71 -24.85
CA ASP B 178 -0.02 -17.71 -24.08
C ASP B 178 0.72 -17.46 -22.76
N PRO B 179 0.80 -16.21 -22.31
CA PRO B 179 1.42 -15.98 -20.99
C PRO B 179 0.61 -16.55 -19.83
N LEU B 180 -0.66 -16.88 -20.04
CA LEU B 180 -1.53 -17.37 -18.97
C LEU B 180 -1.99 -18.80 -19.16
N TYR B 181 -2.37 -19.19 -20.37
CA TYR B 181 -2.86 -20.53 -20.67
C TYR B 181 -1.99 -21.14 -21.76
N PRO B 182 -0.73 -21.46 -21.44
CA PRO B 182 0.18 -21.98 -22.48
C PRO B 182 -0.28 -23.30 -23.06
N GLY B 183 -0.55 -24.27 -22.19
CA GLY B 183 -0.88 -25.60 -22.65
C GLY B 183 0.29 -26.24 -23.37
N GLU B 184 -0.02 -27.34 -24.04
CA GLU B 184 0.82 -28.09 -24.99
C GLU B 184 1.93 -28.87 -24.28
N SER B 185 2.25 -28.58 -23.03
CA SER B 185 2.86 -29.54 -22.12
C SER B 185 2.26 -29.48 -20.73
N PHE B 186 1.70 -28.35 -20.34
CA PHE B 186 0.87 -28.16 -19.16
C PHE B 186 -0.56 -28.63 -19.37
N ASP B 187 -0.77 -29.51 -20.34
CA ASP B 187 -2.02 -30.28 -20.47
C ASP B 187 -1.67 -31.70 -20.87
N PRO B 188 -1.07 -32.48 -19.97
CA PRO B 188 -0.84 -33.89 -20.26
C PRO B 188 -2.11 -34.70 -20.31
N LEU B 189 -3.19 -34.23 -19.70
CA LEU B 189 -4.48 -34.89 -19.74
C LEU B 189 -5.36 -34.40 -20.89
N GLY B 190 -5.16 -33.17 -21.35
CA GLY B 190 -5.94 -32.63 -22.45
C GLY B 190 -7.39 -32.40 -22.10
N LEU B 191 -7.66 -31.43 -21.23
CA LEU B 191 -9.03 -31.11 -20.83
C LEU B 191 -9.66 -30.01 -21.67
N ALA B 192 -8.85 -29.17 -22.32
CA ALA B 192 -9.32 -27.90 -22.87
C ALA B 192 -8.95 -27.75 -24.34
N ASP B 193 -9.27 -28.77 -25.15
CA ASP B 193 -9.10 -28.65 -26.59
C ASP B 193 -10.34 -28.07 -27.27
N ASP B 194 -11.51 -28.15 -26.63
CA ASP B 194 -12.71 -27.48 -27.11
C ASP B 194 -12.79 -26.07 -26.55
N PRO B 195 -13.13 -25.07 -27.37
CA PRO B 195 -13.21 -23.70 -26.84
C PRO B 195 -14.25 -23.52 -25.75
N ASP B 196 -15.34 -24.29 -25.81
CA ASP B 196 -16.38 -24.11 -24.79
C ASP B 196 -15.95 -24.72 -23.47
N THR B 197 -15.39 -25.92 -23.50
CA THR B 197 -14.79 -26.49 -22.31
C THR B 197 -13.65 -25.62 -21.81
N PHE B 198 -12.86 -25.07 -22.72
CA PHE B 198 -11.78 -24.17 -22.33
C PHE B 198 -12.32 -22.96 -21.57
N ALA B 199 -13.39 -22.35 -22.08
CA ALA B 199 -13.95 -21.16 -21.44
C ALA B 199 -14.53 -21.49 -20.08
N GLU B 200 -15.32 -22.56 -19.99
CA GLU B 200 -15.94 -22.89 -18.71
C GLU B 200 -14.91 -23.33 -17.67
N LEU B 201 -13.87 -24.04 -18.09
CA LEU B 201 -12.81 -24.38 -17.16
C LEU B 201 -11.98 -23.16 -16.79
N LYS B 202 -11.88 -22.17 -17.69
CA LYS B 202 -11.25 -20.91 -17.34
C LYS B 202 -12.00 -20.22 -16.23
N VAL B 203 -13.33 -20.13 -16.37
CA VAL B 203 -14.14 -19.49 -15.34
C VAL B 203 -14.03 -20.27 -14.03
N LYS B 204 -14.10 -21.60 -14.11
CA LYS B 204 -13.96 -22.43 -12.91
C LYS B 204 -12.60 -22.19 -12.25
N GLU B 205 -11.54 -22.12 -13.05
CA GLU B 205 -10.21 -21.87 -12.53
C GLU B 205 -10.16 -20.55 -11.78
N ILE B 206 -10.54 -19.47 -12.46
CA ILE B 206 -10.41 -18.16 -11.84
C ILE B 206 -11.32 -18.01 -10.64
N LYS B 207 -12.45 -18.73 -10.59
CA LYS B 207 -13.34 -18.59 -9.45
C LYS B 207 -12.90 -19.44 -8.26
N ASN B 208 -12.47 -20.69 -8.48
CA ASN B 208 -11.83 -21.41 -7.40
C ASN B 208 -10.61 -20.66 -6.90
N GLY B 209 -9.94 -19.91 -7.79
CA GLY B 209 -8.76 -19.17 -7.39
C GLY B 209 -9.09 -17.92 -6.59
N ARG B 210 -10.16 -17.22 -6.96
CA ARG B 210 -10.62 -16.10 -6.14
C ARG B 210 -11.10 -16.59 -4.79
N LEU B 211 -11.78 -17.74 -4.77
CA LEU B 211 -12.18 -18.34 -3.50
C LEU B 211 -10.95 -18.65 -2.65
N ALA B 212 -9.91 -19.23 -3.26
CA ALA B 212 -8.71 -19.57 -2.51
C ALA B 212 -7.95 -18.32 -2.06
N MET B 213 -7.97 -17.25 -2.86
CA MET B 213 -7.31 -16.01 -2.46
C MET B 213 -8.03 -15.38 -1.28
N PHE B 214 -9.36 -15.34 -1.33
CA PHE B 214 -10.14 -14.88 -0.19
C PHE B 214 -9.84 -15.72 1.05
N SER B 215 -9.81 -17.04 0.89
CA SER B 215 -9.55 -17.92 2.03
C SER B 215 -8.12 -17.77 2.53
N MET B 216 -7.18 -17.40 1.66
CA MET B 216 -5.80 -17.21 2.09
C MET B 216 -5.64 -15.90 2.84
N PHE B 217 -6.31 -14.84 2.38
CA PHE B 217 -6.38 -13.62 3.16
C PHE B 217 -6.98 -13.90 4.53
N GLY B 218 -8.03 -14.72 4.58
CA GLY B 218 -8.60 -15.11 5.85
C GLY B 218 -7.61 -15.87 6.71
N PHE B 219 -6.91 -16.83 6.12
CA PHE B 219 -5.83 -17.54 6.82
C PHE B 219 -4.88 -16.55 7.48
N PHE B 220 -4.39 -15.59 6.69
CA PHE B 220 -3.43 -14.62 7.20
C PHE B 220 -4.01 -13.84 8.37
N VAL B 221 -5.14 -13.17 8.15
CA VAL B 221 -5.65 -12.24 9.16
C VAL B 221 -6.05 -12.99 10.42
N GLN B 222 -6.67 -14.17 10.29
CA GLN B 222 -7.14 -14.88 11.47
C GLN B 222 -6.07 -15.76 12.10
N ALA B 223 -4.95 -16.00 11.42
CA ALA B 223 -3.77 -16.52 12.11
C ALA B 223 -3.12 -15.43 12.95
N ILE B 224 -3.07 -14.21 12.43
CA ILE B 224 -2.52 -13.10 13.21
C ILE B 224 -3.43 -12.79 14.39
N VAL B 225 -4.74 -12.87 14.20
CA VAL B 225 -5.68 -12.53 15.25
C VAL B 225 -5.81 -13.67 16.27
N THR B 226 -5.91 -14.90 15.80
CA THR B 226 -6.16 -16.05 16.65
C THR B 226 -4.88 -16.72 17.11
N GLY B 227 -3.92 -16.90 16.21
CA GLY B 227 -2.70 -17.61 16.53
C GLY B 227 -2.80 -19.11 16.43
N LYS B 228 -3.90 -19.63 15.89
CA LYS B 228 -4.11 -21.07 15.73
C LYS B 228 -4.30 -21.37 14.24
N GLY B 229 -4.28 -22.66 13.91
CA GLY B 229 -4.40 -23.08 12.53
C GLY B 229 -5.80 -22.88 12.01
N PRO B 230 -5.97 -23.01 10.68
CA PRO B 230 -7.34 -22.89 10.13
C PRO B 230 -8.24 -24.03 10.55
N ILE B 231 -7.74 -25.26 10.55
CA ILE B 231 -8.57 -26.40 10.93
C ILE B 231 -8.98 -26.28 12.40
N GLN B 232 -8.05 -25.84 13.26
CA GLN B 232 -8.41 -25.67 14.67
C GLN B 232 -9.38 -24.52 14.85
N ASN B 233 -9.30 -23.50 14.00
CA ASN B 233 -10.28 -22.42 14.05
C ASN B 233 -11.66 -22.94 13.68
N LEU B 234 -11.75 -23.81 12.67
CA LEU B 234 -13.04 -24.41 12.34
C LEU B 234 -13.53 -25.31 13.46
N ASP B 235 -12.62 -26.05 14.09
CA ASP B 235 -13.02 -26.90 15.22
C ASP B 235 -13.59 -26.07 16.36
N ASP B 236 -12.96 -24.93 16.65
CA ASP B 236 -13.43 -24.09 17.73
C ASP B 236 -14.74 -23.38 17.36
N HIS B 237 -14.92 -23.04 16.08
CA HIS B 237 -16.18 -22.44 15.65
C HIS B 237 -17.31 -23.45 15.69
N LEU B 238 -17.02 -24.72 15.41
CA LEU B 238 -18.04 -25.76 15.50
C LEU B 238 -18.30 -26.16 16.94
N SER B 239 -17.32 -25.96 17.83
CA SER B 239 -17.52 -26.22 19.25
C SER B 239 -18.58 -25.27 19.82
N ASN B 240 -18.51 -24.00 19.47
CA ASN B 240 -19.34 -22.97 20.06
C ASN B 240 -19.49 -21.82 19.07
N PRO B 241 -20.46 -21.88 18.15
CA PRO B 241 -20.47 -20.91 17.04
C PRO B 241 -20.80 -19.49 17.48
N THR B 242 -21.65 -19.31 18.48
CA THR B 242 -22.05 -17.97 18.89
C THR B 242 -21.04 -17.31 19.84
N VAL B 243 -20.13 -18.10 20.40
CA VAL B 243 -19.16 -17.62 21.39
C VAL B 243 -17.80 -17.37 20.75
N ASN B 244 -17.25 -18.36 20.06
CA ASN B 244 -15.84 -18.39 19.67
C ASN B 244 -15.60 -17.82 18.27
N ASN B 245 -16.38 -16.84 17.85
CA ASN B 245 -16.25 -16.29 16.51
C ASN B 245 -15.22 -15.16 16.54
N ALA B 246 -15.06 -14.45 15.43
CA ALA B 246 -14.03 -13.43 15.34
C ALA B 246 -14.25 -12.30 16.35
N PHE B 247 -15.50 -12.03 16.70
CA PHE B 247 -15.78 -10.94 17.63
C PHE B 247 -15.25 -11.21 19.03
N ALA B 248 -14.97 -12.48 19.36
CA ALA B 248 -14.34 -12.77 20.64
C ALA B 248 -12.90 -12.25 20.71
N PHE B 249 -12.28 -11.99 19.55
CA PHE B 249 -10.95 -11.43 19.48
C PHE B 249 -10.97 -9.98 18.98
N ALA B 250 -12.08 -9.26 19.21
CA ALA B 250 -12.23 -7.93 18.64
C ALA B 250 -11.48 -6.86 19.42
N THR B 251 -11.47 -6.95 20.75
CA THR B 251 -10.76 -5.99 21.58
C THR B 251 -9.29 -6.37 21.77
N LYS B 252 -8.72 -7.13 20.83
CA LYS B 252 -7.35 -7.61 20.98
C LYS B 252 -6.32 -6.54 20.60
N PHE B 253 -6.63 -5.72 19.58
CA PHE B 253 -5.69 -4.75 19.06
C PHE B 253 -6.02 -3.32 19.50
N THR B 254 -6.66 -3.15 20.65
CA THR B 254 -6.94 -1.80 21.10
C THR B 254 -5.70 -1.21 21.79
N PRO B 255 -5.35 0.04 21.50
CA PRO B 255 -4.10 0.59 22.06
C PRO B 255 -4.10 0.63 23.58
N SER B 256 -5.05 1.32 24.18
CA SER B 256 -5.17 1.38 25.64
C SER B 256 -3.90 1.95 26.28
N ARG C 25 49.18 9.22 -28.31
CA ARG C 25 48.01 10.08 -28.14
C ARG C 25 47.40 10.46 -29.48
N ARG C 26 46.11 10.18 -29.63
CA ARG C 26 45.38 10.52 -30.84
C ARG C 26 44.12 11.32 -30.52
N TPO C 27 43.70 12.17 -31.44
CA TPO C 27 42.46 12.98 -31.26
CB TPO C 27 42.53 14.26 -32.10
CG2 TPO C 27 41.17 14.97 -32.15
OG1 TPO C 27 43.49 15.13 -31.50
P TPO C 27 44.42 15.76 -32.64
O1P TPO C 27 45.51 16.54 -32.00
O2P TPO C 27 45.06 14.60 -33.55
O3P TPO C 27 43.55 16.76 -33.56
C TPO C 27 41.23 12.16 -31.61
O TPO C 27 41.14 11.60 -32.72
N VAL C 28 40.29 12.06 -30.68
CA VAL C 28 39.07 11.29 -30.90
C VAL C 28 38.16 12.08 -31.82
N LYS C 29 37.64 11.40 -32.85
CA LYS C 29 36.90 12.08 -33.89
C LYS C 29 35.43 12.28 -33.51
N PRO C 30 34.76 13.28 -34.09
CA PRO C 30 33.41 13.65 -33.60
C PRO C 30 32.37 12.57 -33.75
N ALA C 31 31.14 12.89 -33.32
CA ALA C 31 30.05 11.92 -33.22
C ALA C 31 29.07 12.00 -34.39
N SER C 32 29.47 12.56 -35.52
CA SER C 32 28.64 12.46 -36.72
C SER C 32 28.64 11.02 -37.23
N LYS C 33 29.82 10.40 -37.28
CA LYS C 33 29.94 8.98 -37.55
C LYS C 33 29.50 8.11 -36.38
N ALA C 34 29.48 8.68 -35.17
CA ALA C 34 29.36 7.92 -33.93
C ALA C 34 28.26 8.50 -33.06
N SER C 35 27.06 8.63 -33.62
CA SER C 35 25.95 9.20 -32.87
C SER C 35 25.57 8.33 -31.67
N THR C 36 25.47 7.02 -31.86
CA THR C 36 25.07 6.10 -30.80
C THR C 36 25.81 4.77 -30.92
N PRO C 37 27.14 4.76 -30.70
CA PRO C 37 27.83 3.49 -30.45
C PRO C 37 27.99 3.21 -28.97
N ASP C 38 27.68 4.22 -28.14
CA ASP C 38 27.81 4.10 -26.69
C ASP C 38 26.47 3.98 -25.98
N SER C 39 25.36 4.01 -26.71
CA SER C 39 24.03 3.93 -26.09
C SER C 39 23.76 2.48 -25.70
N PHE C 40 24.36 2.07 -24.58
CA PHE C 40 24.17 0.73 -24.05
C PHE C 40 22.95 0.63 -23.14
N TRP C 41 22.61 1.72 -22.45
CA TRP C 41 21.52 1.73 -21.48
C TRP C 41 20.22 2.28 -22.06
N TYR C 42 20.21 2.67 -23.33
CA TYR C 42 19.01 3.16 -23.99
C TYR C 42 18.78 2.39 -25.29
N GLY C 43 17.62 2.60 -25.90
CA GLY C 43 17.28 1.96 -27.14
C GLY C 43 16.69 0.59 -26.93
N PRO C 44 16.30 -0.07 -28.03
CA PRO C 44 15.71 -1.41 -27.89
C PRO C 44 16.69 -2.46 -27.40
N GLU C 45 17.96 -2.35 -27.77
CA GLU C 45 18.98 -3.30 -27.31
C GLU C 45 19.61 -2.76 -26.03
N ARG C 46 18.81 -2.81 -24.96
CA ARG C 46 19.20 -2.34 -23.64
C ARG C 46 19.05 -3.47 -22.63
N PRO C 47 19.77 -3.41 -21.52
CA PRO C 47 19.60 -4.43 -20.48
C PRO C 47 18.21 -4.38 -19.87
N LEU C 48 17.69 -5.55 -19.52
CA LEU C 48 16.36 -5.69 -18.94
C LEU C 48 16.44 -6.37 -17.58
N PHE C 49 15.33 -6.30 -16.83
CA PHE C 49 15.34 -6.67 -15.42
C PHE C 49 15.31 -8.17 -15.19
N LEU C 50 15.02 -8.99 -16.20
CA LEU C 50 15.16 -10.43 -16.12
C LEU C 50 16.20 -10.96 -17.08
N GLY C 51 17.05 -10.09 -17.64
CA GLY C 51 18.06 -10.51 -18.58
C GLY C 51 17.46 -11.05 -19.87
N ALA C 52 17.81 -12.29 -20.20
CA ALA C 52 17.26 -12.94 -21.39
C ALA C 52 15.87 -13.53 -21.16
N PHE C 53 15.40 -13.57 -19.91
CA PHE C 53 14.08 -14.09 -19.60
C PHE C 53 12.99 -13.02 -19.66
N THR C 54 13.35 -11.77 -19.94
CA THR C 54 12.35 -10.71 -20.01
C THR C 54 11.50 -10.83 -21.27
N GLY C 55 12.05 -11.40 -22.33
CA GLY C 55 11.38 -11.39 -23.62
C GLY C 55 11.48 -10.03 -24.27
N GLU C 56 10.34 -9.35 -24.43
CA GLU C 56 10.31 -7.98 -24.90
C GLU C 56 9.53 -7.10 -23.92
N PRO C 57 10.04 -5.92 -23.58
CA PRO C 57 9.36 -5.09 -22.58
C PRO C 57 8.06 -4.54 -23.12
N PRO C 58 7.23 -3.93 -22.26
CA PRO C 58 5.99 -3.32 -22.74
C PRO C 58 6.24 -2.30 -23.84
N SER C 59 5.17 -1.98 -24.57
CA SER C 59 5.29 -1.10 -25.73
C SER C 59 5.59 0.34 -25.37
N TYR C 60 5.41 0.74 -24.11
CA TYR C 60 5.69 2.12 -23.70
C TYR C 60 7.09 2.28 -23.12
N LEU C 61 7.64 1.24 -22.50
CA LEU C 61 9.03 1.25 -22.04
C LEU C 61 9.91 0.90 -23.23
N THR C 62 10.27 1.93 -24.00
CA THR C 62 11.01 1.75 -25.24
C THR C 62 12.50 2.05 -25.10
N GLY C 63 12.96 2.43 -23.91
CA GLY C 63 14.36 2.66 -23.68
C GLY C 63 14.85 4.07 -23.94
N GLU C 64 13.97 5.07 -23.82
CA GLU C 64 14.39 6.46 -23.92
C GLU C 64 14.74 7.06 -22.57
N PHE C 65 14.27 6.46 -21.48
CA PHE C 65 14.45 7.02 -20.15
C PHE C 65 15.44 6.20 -19.34
N PRO C 66 16.17 6.82 -18.41
CA PRO C 66 17.22 6.09 -17.69
C PRO C 66 16.67 4.99 -16.81
N GLY C 67 17.46 3.94 -16.66
CA GLY C 67 17.08 2.84 -15.79
C GLY C 67 15.93 2.01 -16.31
N ASP C 68 15.60 2.13 -17.58
CA ASP C 68 14.47 1.37 -18.16
C ASP C 68 14.93 -0.05 -18.44
N TYR C 69 14.72 -0.93 -17.46
CA TYR C 69 14.95 -2.35 -17.63
C TYR C 69 13.69 -3.11 -18.06
N GLY C 70 12.64 -2.38 -18.43
CA GLY C 70 11.41 -3.01 -18.88
C GLY C 70 10.59 -3.65 -17.77
N TRP C 71 10.67 -3.12 -16.55
CA TRP C 71 9.96 -3.69 -15.41
C TRP C 71 8.69 -2.89 -15.18
N ASP C 72 7.59 -3.33 -15.80
CA ASP C 72 6.26 -2.80 -15.52
C ASP C 72 5.26 -3.95 -15.45
N THR C 73 5.63 -5.01 -14.73
CA THR C 73 4.79 -6.21 -14.70
C THR C 73 3.41 -5.95 -14.12
N ALA C 74 3.18 -4.80 -13.49
CA ALA C 74 1.86 -4.42 -13.00
C ALA C 74 1.15 -3.44 -13.92
N GLY C 75 1.82 -2.90 -14.92
CA GLY C 75 1.19 -1.97 -15.84
C GLY C 75 0.74 -0.68 -15.20
N LEU C 76 1.36 -0.27 -14.10
CA LEU C 76 0.94 0.94 -13.41
C LEU C 76 1.29 2.20 -14.19
N SER C 77 2.30 2.16 -15.05
CA SER C 77 2.73 3.31 -15.84
C SER C 77 2.43 3.08 -17.32
N ALA C 78 1.29 2.44 -17.61
CA ALA C 78 0.91 2.25 -19.00
C ALA C 78 0.57 3.56 -19.69
N ASP C 79 -0.02 4.51 -18.94
CA ASP C 79 -0.29 5.82 -19.49
C ASP C 79 1.00 6.65 -19.50
N PRO C 80 1.26 7.41 -20.57
CA PRO C 80 2.53 8.15 -20.62
C PRO C 80 2.67 9.21 -19.54
N GLU C 81 1.58 9.92 -19.20
CA GLU C 81 1.69 10.98 -18.21
C GLU C 81 1.82 10.42 -16.80
N THR C 82 1.09 9.34 -16.48
CA THR C 82 1.35 8.65 -15.23
C THR C 82 2.77 8.12 -15.18
N PHE C 83 3.30 7.69 -16.32
CA PHE C 83 4.70 7.25 -16.37
C PHE C 83 5.65 8.41 -16.08
N LYS C 84 5.32 9.60 -16.58
CA LYS C 84 6.15 10.77 -16.28
C LYS C 84 6.11 11.11 -14.79
N ARG C 85 4.91 11.13 -14.21
CA ARG C 85 4.80 11.43 -12.78
C ARG C 85 5.51 10.38 -11.95
N TYR C 86 5.45 9.11 -12.39
CA TYR C 86 6.16 8.07 -11.66
C TYR C 86 7.67 8.20 -11.81
N ARG C 87 8.14 8.64 -12.98
CA ARG C 87 9.57 8.92 -13.12
C ARG C 87 10.00 10.02 -12.16
N GLU C 88 9.19 11.08 -12.05
CA GLU C 88 9.49 12.13 -11.09
C GLU C 88 9.55 11.57 -9.68
N LEU C 89 8.51 10.83 -9.28
CA LEU C 89 8.49 10.24 -7.95
C LEU C 89 9.71 9.36 -7.72
N GLU C 90 10.07 8.54 -8.71
CA GLU C 90 11.17 7.60 -8.54
C GLU C 90 12.48 8.34 -8.38
N LEU C 91 12.74 9.36 -9.19
CA LEU C 91 14.03 10.05 -9.09
C LEU C 91 14.12 10.86 -7.81
N ILE C 92 13.03 11.48 -7.38
CA ILE C 92 13.10 12.25 -6.14
C ILE C 92 13.25 11.32 -4.94
N HIS C 93 12.48 10.22 -4.93
CA HIS C 93 12.68 9.21 -3.89
C HIS C 93 14.09 8.67 -3.92
N ALA C 94 14.67 8.54 -5.11
CA ALA C 94 16.02 7.99 -5.24
C ALA C 94 17.05 8.93 -4.64
N ARG C 95 16.95 10.23 -4.94
CA ARG C 95 17.88 11.19 -4.36
C ARG C 95 17.71 11.28 -2.85
N TRP C 96 16.45 11.35 -2.38
CA TRP C 96 16.22 11.41 -0.93
C TRP C 96 16.72 10.14 -0.25
N ALA C 97 16.59 8.99 -0.91
CA ALA C 97 17.02 7.73 -0.32
C ALA C 97 18.53 7.57 -0.33
N MET C 98 19.21 8.13 -1.34
CA MET C 98 20.67 8.15 -1.31
C MET C 98 21.17 9.03 -0.16
N LEU C 99 20.61 10.24 -0.05
CA LEU C 99 20.94 11.08 1.10
C LEU C 99 20.65 10.36 2.41
N GLY C 100 19.54 9.62 2.47
CA GLY C 100 19.16 8.96 3.70
C GLY C 100 20.07 7.81 4.05
N ALA C 101 20.46 7.02 3.05
CA ALA C 101 21.40 5.93 3.29
C ALA C 101 22.72 6.48 3.81
N LEU C 102 23.26 7.51 3.14
CA LEU C 102 24.52 8.08 3.60
C LEU C 102 24.36 8.68 5.00
N GLY C 103 23.19 9.28 5.29
CA GLY C 103 23.00 9.90 6.58
C GLY C 103 22.71 8.95 7.72
N CYS C 104 22.20 7.76 7.44
CA CYS C 104 22.10 6.72 8.45
C CYS C 104 23.40 5.97 8.65
N ILE C 105 24.23 5.86 7.60
CA ILE C 105 25.48 5.12 7.73
C ILE C 105 26.57 5.99 8.36
N PHE C 106 26.63 7.27 8.00
CA PHE C 106 27.78 8.09 8.38
C PHE C 106 27.85 8.31 9.89
N PRO C 107 26.79 8.74 10.58
CA PRO C 107 26.91 8.97 12.03
C PRO C 107 27.25 7.70 12.79
N GLU C 108 26.67 6.56 12.42
CA GLU C 108 27.04 5.30 13.09
C GLU C 108 28.47 4.89 12.74
N LEU C 109 28.89 5.12 11.50
CA LEU C 109 30.24 4.76 11.11
C LEU C 109 31.27 5.55 11.90
N LEU C 110 31.05 6.85 12.08
CA LEU C 110 31.95 7.64 12.89
C LEU C 110 31.72 7.46 14.39
N GLY C 111 30.57 6.91 14.80
CA GLY C 111 30.38 6.52 16.17
C GLY C 111 31.05 5.23 16.54
N SER C 112 31.43 4.43 15.56
CA SER C 112 32.27 3.27 15.78
C SER C 112 33.76 3.62 15.85
N TYR C 113 34.10 4.91 15.69
CA TYR C 113 35.48 5.35 15.73
C TYR C 113 35.81 6.19 16.96
N GLY C 114 34.81 6.71 17.67
CA GLY C 114 35.05 7.45 18.90
C GLY C 114 34.48 8.85 18.93
N VAL C 115 33.70 9.21 17.92
CA VAL C 115 33.02 10.51 17.91
C VAL C 115 31.77 10.38 18.77
N PRO C 116 31.64 11.12 19.87
CA PRO C 116 30.61 10.81 20.88
C PRO C 116 29.24 11.42 20.58
N PHE C 117 28.53 10.81 19.63
CA PHE C 117 27.14 11.21 19.40
C PHE C 117 26.27 10.81 20.58
N GLY C 118 25.09 11.40 20.64
CA GLY C 118 24.10 11.00 21.63
C GLY C 118 23.52 9.64 21.28
N GLU C 119 22.97 9.53 20.06
CA GLU C 119 22.53 8.25 19.52
C GLU C 119 22.96 8.23 18.06
N ALA C 120 24.08 7.55 17.77
CA ALA C 120 24.60 7.51 16.42
C ALA C 120 23.75 6.65 15.50
N VAL C 121 22.97 5.71 16.05
CA VAL C 121 22.10 4.87 15.25
C VAL C 121 20.90 5.69 14.80
N TRP C 122 20.47 5.46 13.56
CA TRP C 122 19.59 6.44 12.90
C TRP C 122 18.18 6.41 13.48
N PHE C 123 17.64 5.23 13.79
CA PHE C 123 16.29 5.19 14.33
C PHE C 123 16.24 5.50 15.82
N LYS C 124 17.35 5.95 16.40
CA LYS C 124 17.36 6.54 17.73
C LYS C 124 17.92 7.95 17.75
N ALA C 125 18.40 8.45 16.61
CA ALA C 125 19.00 9.78 16.56
C ALA C 125 17.96 10.89 16.67
N GLY C 126 16.70 10.60 16.32
CA GLY C 126 15.68 11.62 16.43
C GLY C 126 15.39 12.02 17.86
N ALA C 127 15.45 11.05 18.78
CA ALA C 127 15.18 11.31 20.18
C ALA C 127 16.33 12.02 20.89
N GLN C 128 17.44 12.29 20.20
CA GLN C 128 18.52 13.07 20.81
C GLN C 128 18.05 14.43 21.27
N ILE C 129 16.97 14.95 20.68
CA ILE C 129 16.44 16.24 21.08
C ILE C 129 15.84 16.19 22.48
N PHE C 130 15.59 15.00 23.02
CA PHE C 130 15.11 14.81 24.37
C PHE C 130 16.23 14.57 25.37
N GLN C 131 17.48 14.78 24.96
CA GLN C 131 18.62 14.55 25.83
C GLN C 131 18.68 15.64 26.90
N GLU C 132 19.71 15.55 27.76
CA GLU C 132 19.92 16.57 28.78
C GLU C 132 20.49 17.84 28.15
N GLY C 133 21.62 17.71 27.45
CA GLY C 133 22.27 18.81 26.79
C GLY C 133 21.80 19.09 25.38
N GLY C 134 20.69 18.48 24.95
CA GLY C 134 20.16 18.72 23.63
C GLY C 134 20.90 17.96 22.55
N LEU C 135 20.47 18.21 21.31
CA LEU C 135 21.01 17.53 20.14
C LEU C 135 22.29 18.23 19.72
N ASP C 136 23.43 17.58 19.96
CA ASP C 136 24.74 18.13 19.62
C ASP C 136 25.21 17.54 18.29
N TYR C 137 25.58 18.41 17.36
CA TYR C 137 26.18 17.96 16.11
C TYR C 137 27.58 17.43 16.38
N LEU C 138 27.85 16.21 15.90
CA LEU C 138 29.11 15.53 16.19
C LEU C 138 29.34 15.40 17.70
N GLY C 139 28.26 15.42 18.47
CA GLY C 139 28.37 15.34 19.92
C GLY C 139 29.14 16.50 20.53
N ASN C 140 29.12 17.66 19.89
CA ASN C 140 29.87 18.82 20.34
C ASN C 140 28.93 19.85 20.94
N PRO C 141 29.06 20.20 22.22
CA PRO C 141 28.12 21.18 22.80
C PRO C 141 28.17 22.55 22.15
N ASN C 142 29.35 22.99 21.69
CA ASN C 142 29.46 24.31 21.06
C ASN C 142 28.95 24.33 19.62
N LEU C 143 28.52 23.19 19.09
CA LEU C 143 27.89 23.14 17.78
C LEU C 143 26.37 23.29 17.97
N VAL C 144 25.57 22.93 16.95
CA VAL C 144 24.21 23.41 16.76
C VAL C 144 23.46 23.59 18.09
N HIS C 145 23.57 22.61 18.99
CA HIS C 145 23.00 22.70 20.33
C HIS C 145 21.49 23.00 20.27
N ALA C 146 20.75 22.17 19.55
CA ALA C 146 19.31 22.31 19.50
C ALA C 146 18.68 21.75 20.77
N GLN C 147 17.75 22.50 21.35
CA GLN C 147 17.09 22.11 22.59
C GLN C 147 15.59 21.87 22.45
N SER C 148 14.96 22.32 21.37
CA SER C 148 13.53 22.19 21.18
C SER C 148 13.23 21.34 19.95
N ILE C 149 12.09 20.66 19.98
CA ILE C 149 11.68 19.81 18.86
C ILE C 149 10.91 20.60 17.82
N LEU C 150 9.98 21.44 18.25
CA LEU C 150 9.06 22.08 17.32
C LEU C 150 9.61 23.36 16.70
N ALA C 151 10.68 23.93 17.26
CA ALA C 151 11.42 24.93 16.49
C ALA C 151 12.17 24.27 15.35
N ILE C 152 12.76 23.11 15.59
CA ILE C 152 13.34 22.32 14.51
C ILE C 152 12.28 22.04 13.46
N LEU C 153 11.11 21.54 13.89
CA LEU C 153 10.07 21.17 12.95
C LEU C 153 9.54 22.38 12.20
N GLY C 154 9.40 23.52 12.87
CA GLY C 154 8.88 24.70 12.21
C GLY C 154 9.85 25.27 11.20
N THR C 155 11.11 25.47 11.62
CA THR C 155 12.15 25.87 10.69
C THR C 155 12.21 24.92 9.50
N GLN C 156 12.14 23.62 9.77
CA GLN C 156 12.30 22.63 8.70
C GLN C 156 11.13 22.68 7.74
N VAL C 157 9.91 22.79 8.25
CA VAL C 157 8.76 22.81 7.35
C VAL C 157 8.73 24.11 6.57
N LEU C 158 9.10 25.24 7.20
CA LEU C 158 9.22 26.49 6.47
C LEU C 158 10.17 26.35 5.28
N LEU C 159 11.42 25.98 5.57
CA LEU C 159 12.44 25.96 4.53
C LEU C 159 12.16 24.86 3.50
N MET C 160 11.66 23.71 3.96
CA MET C 160 11.37 22.60 3.05
C MET C 160 10.20 22.94 2.13
N GLY C 161 9.17 23.60 2.65
CA GLY C 161 8.10 24.05 1.78
C GLY C 161 8.59 25.06 0.77
N ALA C 162 9.40 26.03 1.22
CA ALA C 162 9.96 27.00 0.29
C ALA C 162 10.70 26.30 -0.85
N ILE C 163 11.66 25.43 -0.50
CA ILE C 163 12.50 24.84 -1.54
C ILE C 163 11.81 23.73 -2.32
N GLU C 164 10.79 23.08 -1.75
CA GLU C 164 10.05 22.08 -2.50
C GLU C 164 9.09 22.74 -3.48
N GLY C 165 8.49 23.87 -3.11
CA GLY C 165 7.76 24.66 -4.07
C GLY C 165 8.66 25.25 -5.13
N TYR C 166 9.90 25.59 -4.76
CA TYR C 166 10.88 26.01 -5.75
C TYR C 166 11.19 24.88 -6.72
N ARG C 167 11.44 23.68 -6.20
CA ARG C 167 11.59 22.50 -7.03
C ARG C 167 10.37 22.31 -7.93
N VAL C 168 9.19 22.63 -7.42
CA VAL C 168 7.97 22.52 -8.20
C VAL C 168 7.89 23.64 -9.22
N ASN C 169 8.00 24.89 -8.75
CA ASN C 169 7.71 26.07 -9.57
C ASN C 169 8.83 27.09 -9.41
N GLY C 170 9.85 26.97 -10.27
CA GLY C 170 10.91 27.96 -10.36
C GLY C 170 11.53 28.36 -9.04
N GLY C 171 12.07 29.58 -8.98
CA GLY C 171 12.64 30.08 -7.76
C GLY C 171 13.95 30.81 -7.97
N PRO C 172 14.69 31.07 -6.89
CA PRO C 172 15.95 31.85 -7.02
C PRO C 172 17.02 31.11 -7.81
N LEU C 173 17.03 29.78 -7.81
CA LEU C 173 18.09 29.01 -8.45
C LEU C 173 17.64 28.38 -9.76
N GLY C 174 16.68 29.01 -10.44
CA GLY C 174 16.23 28.51 -11.72
C GLY C 174 14.72 28.54 -11.88
N GLU C 175 14.23 29.12 -12.97
CA GLU C 175 12.80 29.25 -13.22
C GLU C 175 12.33 28.40 -14.39
N GLY C 176 12.95 28.54 -15.56
CA GLY C 176 12.55 27.79 -16.74
C GLY C 176 13.38 26.53 -16.94
N LEU C 177 13.94 26.00 -15.86
CA LEU C 177 14.80 24.83 -15.94
C LEU C 177 13.95 23.56 -15.96
N ASP C 178 14.63 22.42 -16.10
CA ASP C 178 13.95 21.14 -16.15
C ASP C 178 13.34 20.81 -14.78
N LYS C 179 12.36 19.90 -14.80
CA LYS C 179 11.68 19.52 -13.57
C LYS C 179 12.56 18.61 -12.72
N LEU C 180 13.25 17.66 -13.35
CA LEU C 180 14.04 16.67 -12.64
C LEU C 180 15.54 16.95 -12.71
N TYR C 181 16.03 17.44 -13.84
CA TYR C 181 17.45 17.73 -14.06
C TYR C 181 17.60 19.21 -14.40
N PRO C 182 17.33 20.10 -13.43
CA PRO C 182 17.37 21.53 -13.76
C PRO C 182 18.76 22.04 -14.09
N GLY C 183 19.78 21.62 -13.34
CA GLY C 183 21.12 22.07 -13.63
C GLY C 183 21.34 23.49 -13.18
N GLY C 184 22.11 24.24 -13.95
CA GLY C 184 22.44 25.61 -13.59
C GLY C 184 23.24 25.67 -12.32
N SER C 185 22.62 26.15 -11.24
CA SER C 185 23.28 26.15 -9.94
C SER C 185 23.35 24.76 -9.33
N PHE C 186 22.55 23.81 -9.82
CA PHE C 186 22.59 22.43 -9.36
C PHE C 186 23.51 21.57 -10.22
N ASP C 187 24.18 22.16 -11.20
CA ASP C 187 25.29 21.53 -11.91
C ASP C 187 26.45 22.51 -11.93
N PRO C 188 26.98 22.88 -10.75
CA PRO C 188 28.00 23.94 -10.72
C PRO C 188 29.28 23.54 -11.44
N LEU C 189 29.71 22.29 -11.31
CA LEU C 189 30.94 21.81 -11.92
C LEU C 189 30.74 21.37 -13.36
N GLY C 190 29.52 21.44 -13.88
CA GLY C 190 29.27 21.19 -15.30
C GLY C 190 29.53 19.77 -15.75
N LEU C 191 29.03 18.78 -15.00
CA LEU C 191 29.17 17.39 -15.39
C LEU C 191 28.11 16.93 -16.37
N ALA C 192 27.21 17.81 -16.80
CA ALA C 192 26.14 17.45 -17.73
C ALA C 192 26.19 18.27 -19.02
N ASP C 193 27.35 18.87 -19.33
CA ASP C 193 27.46 19.61 -20.59
C ASP C 193 27.50 18.65 -21.78
N ASP C 194 28.25 17.56 -21.65
CA ASP C 194 28.26 16.52 -22.67
C ASP C 194 26.95 15.75 -22.61
N PRO C 195 26.18 15.66 -23.70
CA PRO C 195 24.91 14.90 -23.61
C PRO C 195 25.11 13.40 -23.47
N ASP C 196 26.18 12.85 -24.03
CA ASP C 196 26.48 11.43 -23.82
C ASP C 196 26.80 11.17 -22.35
N THR C 197 27.72 11.97 -21.78
CA THR C 197 28.02 11.83 -20.36
C THR C 197 26.80 12.11 -19.51
N PHE C 198 25.92 13.00 -19.96
CA PHE C 198 24.69 13.26 -19.20
C PHE C 198 23.77 12.05 -19.22
N ALA C 199 23.61 11.41 -20.38
CA ALA C 199 22.77 10.23 -20.48
C ALA C 199 23.34 9.07 -19.69
N GLU C 200 24.67 9.00 -19.55
CA GLU C 200 25.28 7.95 -18.75
C GLU C 200 25.16 8.25 -17.26
N LEU C 201 25.36 9.51 -16.87
CA LEU C 201 25.26 9.87 -15.47
C LEU C 201 23.83 9.78 -14.97
N LYS C 202 22.84 9.97 -15.85
CA LYS C 202 21.45 9.78 -15.44
C LYS C 202 21.18 8.33 -15.06
N VAL C 203 21.70 7.40 -15.86
CA VAL C 203 21.57 5.98 -15.53
C VAL C 203 22.31 5.67 -14.24
N LYS C 204 23.53 6.20 -14.08
CA LYS C 204 24.25 5.99 -12.84
C LYS C 204 23.46 6.52 -11.64
N GLU C 205 22.87 7.71 -11.78
CA GLU C 205 22.09 8.29 -10.70
C GLU C 205 20.90 7.41 -10.35
N ILE C 206 20.12 7.01 -11.36
CA ILE C 206 18.91 6.26 -11.06
C ILE C 206 19.25 4.89 -10.51
N LYS C 207 20.38 4.30 -10.93
CA LYS C 207 20.73 2.98 -10.43
C LYS C 207 21.26 3.04 -9.01
N ASN C 208 22.18 3.97 -8.72
CA ASN C 208 22.61 4.18 -7.35
C ASN C 208 21.44 4.51 -6.45
N GLY C 209 20.44 5.25 -6.98
CA GLY C 209 19.31 5.64 -6.18
C GLY C 209 18.30 4.53 -5.96
N ARG C 210 18.11 3.66 -6.94
CA ARG C 210 17.30 2.47 -6.71
C ARG C 210 17.98 1.53 -5.72
N LEU C 211 19.31 1.42 -5.81
CA LEU C 211 20.04 0.65 -4.81
C LEU C 211 19.86 1.26 -3.43
N ALA C 212 19.91 2.59 -3.32
CA ALA C 212 19.75 3.25 -2.03
C ALA C 212 18.31 3.16 -1.52
N MET C 213 17.33 3.13 -2.43
CA MET C 213 15.94 2.95 -2.01
C MET C 213 15.72 1.54 -1.48
N PHE C 214 16.24 0.53 -2.20
CA PHE C 214 16.20 -0.84 -1.70
C PHE C 214 16.91 -0.93 -0.35
N SER C 215 18.05 -0.24 -0.21
CA SER C 215 18.81 -0.32 1.03
C SER C 215 18.13 0.44 2.16
N MET C 216 17.34 1.47 1.86
CA MET C 216 16.57 2.15 2.89
C MET C 216 15.35 1.35 3.29
N PHE C 217 14.72 0.65 2.35
CA PHE C 217 13.71 -0.34 2.71
C PHE C 217 14.31 -1.38 3.62
N GLY C 218 15.53 -1.83 3.31
CA GLY C 218 16.22 -2.75 4.20
C GLY C 218 16.52 -2.14 5.56
N PHE C 219 16.96 -0.88 5.57
CA PHE C 219 17.17 -0.18 6.84
C PHE C 219 15.91 -0.23 7.68
N PHE C 220 14.78 0.14 7.10
CA PHE C 220 13.51 0.13 7.83
C PHE C 220 13.20 -1.27 8.36
N VAL C 221 13.24 -2.27 7.47
CA VAL C 221 12.77 -3.61 7.84
C VAL C 221 13.70 -4.23 8.89
N GLN C 222 15.02 -4.19 8.65
CA GLN C 222 15.98 -4.79 9.57
C GLN C 222 16.33 -3.86 10.72
N ALA C 223 15.67 -2.71 10.83
CA ALA C 223 15.56 -2.00 12.09
C ALA C 223 14.36 -2.51 12.88
N ILE C 224 13.23 -2.72 12.20
CA ILE C 224 12.02 -3.18 12.88
C ILE C 224 12.24 -4.56 13.48
N VAL C 225 12.75 -5.50 12.69
CA VAL C 225 12.88 -6.87 13.16
C VAL C 225 14.05 -7.05 14.11
N THR C 226 15.07 -6.20 14.02
CA THR C 226 16.31 -6.37 14.77
C THR C 226 16.47 -5.36 15.90
N GLY C 227 16.31 -4.08 15.62
CA GLY C 227 16.47 -3.06 16.63
C GLY C 227 17.88 -2.60 16.87
N LYS C 228 18.83 -3.04 16.06
CA LYS C 228 20.21 -2.55 16.10
C LYS C 228 20.48 -1.69 14.88
N GLY C 229 21.59 -0.95 14.93
CA GLY C 229 21.98 -0.14 13.82
C GLY C 229 22.40 -0.98 12.62
N PRO C 230 22.23 -0.46 11.40
CA PRO C 230 22.61 -1.27 10.23
C PRO C 230 24.06 -1.69 10.22
N LEU C 231 24.99 -0.79 10.56
CA LEU C 231 26.39 -1.19 10.60
C LEU C 231 26.64 -2.21 11.70
N GLN C 232 25.91 -2.11 12.81
CA GLN C 232 25.97 -3.16 13.81
C GLN C 232 25.34 -4.46 13.30
N ASN C 233 24.32 -4.37 12.45
CA ASN C 233 23.78 -5.56 11.82
C ASN C 233 24.83 -6.23 10.94
N LEU C 234 25.60 -5.43 10.20
CA LEU C 234 26.67 -5.98 9.37
C LEU C 234 27.76 -6.61 10.24
N SER C 235 28.11 -5.94 11.34
CA SER C 235 29.08 -6.53 12.26
C SER C 235 28.60 -7.87 12.79
N ASP C 236 27.32 -7.95 13.17
CA ASP C 236 26.78 -9.21 13.66
C ASP C 236 26.79 -10.28 12.56
N HIS C 237 26.47 -9.90 11.33
CA HIS C 237 26.46 -10.86 10.24
C HIS C 237 27.85 -11.42 10.00
N LEU C 238 28.84 -10.54 9.84
CA LEU C 238 30.20 -11.00 9.60
C LEU C 238 30.84 -11.60 10.85
N ALA C 239 30.19 -11.50 12.01
CA ALA C 239 30.64 -12.27 13.17
C ALA C 239 30.38 -13.75 12.96
N ASN C 240 29.18 -14.10 12.50
CA ASN C 240 28.83 -15.49 12.17
C ASN C 240 27.74 -15.45 11.13
N PRO C 241 28.08 -15.47 9.84
CA PRO C 241 27.05 -15.32 8.80
C PRO C 241 26.05 -16.48 8.77
N GLY C 242 26.50 -17.71 9.02
CA GLY C 242 25.57 -18.83 9.03
C GLY C 242 24.55 -18.78 10.14
N THR C 243 24.85 -18.05 11.22
CA THR C 243 23.94 -17.88 12.33
C THR C 243 23.23 -16.54 12.30
N ASN C 244 23.97 -15.45 12.09
CA ASN C 244 23.42 -14.09 12.16
C ASN C 244 22.98 -13.63 10.77
N ASN C 245 21.88 -14.21 10.32
CA ASN C 245 21.15 -13.71 9.16
C ASN C 245 19.71 -13.47 9.56
N ALA C 246 18.90 -13.05 8.59
CA ALA C 246 17.53 -12.64 8.90
C ALA C 246 16.66 -13.79 9.38
N PHE C 247 17.03 -15.03 9.08
CA PHE C 247 16.27 -16.17 9.59
C PHE C 247 16.41 -16.35 11.09
N ALA C 248 17.40 -15.71 11.71
CA ALA C 248 17.49 -15.70 13.17
C ALA C 248 16.40 -14.84 13.81
N TYR C 249 15.72 -14.02 13.02
CA TYR C 249 14.61 -13.20 13.49
C TYR C 249 13.30 -13.60 12.83
N ALA C 250 13.22 -14.83 12.31
CA ALA C 250 12.03 -15.27 11.61
C ALA C 250 10.87 -15.56 12.54
N THR C 251 11.15 -16.05 13.75
CA THR C 251 10.12 -16.42 14.70
C THR C 251 9.74 -15.30 15.66
N LYS C 252 10.21 -14.07 15.41
CA LYS C 252 9.93 -12.97 16.32
C LYS C 252 8.53 -12.41 16.15
N PHE C 253 7.97 -12.47 14.93
CA PHE C 253 6.64 -11.97 14.65
C PHE C 253 5.60 -13.08 14.61
N THR C 254 5.79 -14.13 15.39
CA THR C 254 4.82 -15.22 15.45
C THR C 254 3.59 -14.77 16.24
N PRO C 255 2.39 -15.22 15.84
CA PRO C 255 1.20 -14.86 16.63
C PRO C 255 1.27 -15.39 18.04
N GLN C 256 1.37 -14.48 19.02
CA GLN C 256 1.45 -14.86 20.42
C GLN C 256 2.55 -15.89 20.65
MG CHL D . -1.21 23.93 0.16
CHA CHL D . -2.30 20.67 0.61
CHB CHL D . 1.89 23.00 0.96
CHC CHL D . -0.23 27.19 -0.26
CHD CHL D . -4.61 24.90 -0.26
NA CHL D . -0.35 22.18 0.61
C1A CHL D . -0.85 20.99 0.68
C2A CHL D . 0.16 19.91 0.91
C3A CHL D . 1.37 20.70 1.30
C4A CHL D . 0.95 22.07 0.93
CMA CHL D . 1.64 20.61 2.79
CAA CHL D . 0.39 19.07 -0.35
CBA CHL D . 1.76 18.41 -0.43
CGA CHL D . 1.84 17.29 0.59
O1A CHL D . 1.00 16.43 0.63
O2A CHL D . 2.94 17.27 1.53
NB CHL D . 0.57 24.94 0.33
C1B CHL D . 1.75 24.43 0.67
C2B CHL D . 2.89 25.37 0.72
C3B CHL D . 2.24 26.62 0.35
C4B CHL D . 0.82 26.24 0.13
CMB CHL D . 4.34 25.13 1.05
CAB CHL D . 2.89 27.93 0.24
CBB CHL D . 2.84 28.63 -0.89
NC CHL D . -2.23 25.70 -0.19
C1C CHL D . -1.67 26.94 -0.32
C2C CHL D . -2.67 28.01 -0.56
C3C CHL D . -3.96 27.34 -0.56
C4C CHL D . -3.56 25.93 -0.33
CMC CHL D . -2.48 29.48 -0.76
OMC CHL D . -1.41 30.03 -0.72
CAC CHL D . -5.34 27.91 -0.75
CBC CHL D . -5.54 28.14 -2.22
ND CHL D . -3.05 23.08 0.16
C1D CHL D . -4.35 23.48 -0.01
C2D CHL D . -5.37 22.40 0.08
C3D CHL D . -4.48 21.28 0.34
C4D CHL D . -3.24 21.75 0.36
CMD CHL D . -6.86 22.20 0.00
CAD CHL D . -4.48 19.82 0.57
OBD CHL D . -5.52 19.06 0.61
CBD CHL D . -3.07 19.37 0.76
CGD CHL D . -2.94 18.73 2.10
O1D CHL D . -3.44 19.25 3.09
O2D CHL D . -2.22 17.48 2.25
CED CHL D . -1.64 17.15 3.50
C1 CHL D . 3.77 16.12 1.63
C2 CHL D . 4.89 16.41 2.60
C3 CHL D . 4.70 16.30 3.93
C4 CHL D . 3.37 15.87 4.49
C5 CHL D . 5.86 16.61 4.84
C6 CHL D . 5.37 16.94 6.24
C7 CHL D . 6.44 17.72 6.98
C8 CHL D . 6.95 17.07 8.26
C9 CHL D . 8.44 17.32 8.35
C10 CHL D . 6.68 15.57 8.35
C11 CHL D . 7.18 15.00 9.68
C12 CHL D . 8.03 13.75 9.48
C13 CHL D . 7.62 12.66 10.44
C14 CHL D . 8.21 12.89 11.82
C15 CHL D . 8.06 11.31 9.87
C16 CHL D . 7.00 10.24 10.09
C17 CHL D . 7.54 9.12 10.98
C18 CHL D . 6.93 7.79 10.59
C19 CHL D . 7.98 6.68 10.60
C20 CHL D . 5.75 7.42 11.48
MG CLA E . -8.45 13.95 -2.88
CHA CLA E . -7.52 15.68 -5.75
CHB CLA E . -9.06 11.18 -4.80
CHC CLA E . -8.57 12.02 -0.02
CHD CLA E . -7.11 16.63 -0.96
NA CLA E . -8.33 13.53 -4.93
C1A CLA E . -7.92 14.39 -5.96
C2A CLA E . -8.01 13.70 -7.32
C3A CLA E . -8.75 12.39 -7.00
C4A CLA E . -8.70 12.34 -5.46
CMA CLA E . -10.18 12.42 -7.49
CAA CLA E . -6.64 13.45 -7.96
CBA CLA E . -5.66 12.67 -7.09
CGA CLA E . -5.81 11.19 -7.21
O1A CLA E . -5.94 10.50 -8.24
O2A CLA E . -5.80 10.57 -5.99
NB CLA E . -8.69 11.98 -2.49
C1B CLA E . -9.07 11.05 -3.41
C2B CLA E . -9.54 9.80 -2.73
C3B CLA E . -9.41 10.03 -1.37
C4B CLA E . -8.87 11.42 -1.21
CMB CLA E . -10.01 8.63 -3.45
CAB CLA E . -9.70 9.15 -0.28
CBB CLA E . -9.36 7.85 -0.23
NC CLA E . -7.98 14.29 -0.86
C1C CLA E . -8.16 13.38 0.15
C2C CLA E . -7.80 13.99 1.43
C3C CLA E . -7.31 15.26 1.16
C4C CLA E . -7.44 15.44 -0.28
CMC CLA E . -7.89 13.33 2.74
CAC CLA E . -6.84 16.26 2.14
CBC CLA E . -5.40 16.07 2.52
ND CLA E . -7.62 15.76 -3.20
C1D CLA E . -7.19 16.79 -2.32
C2D CLA E . -6.84 18.00 -3.10
C3D CLA E . -6.98 17.64 -4.43
C4D CLA E . -7.42 16.23 -4.43
CMD CLA E . -6.43 19.25 -2.48
CAD CLA E . -6.89 18.06 -5.82
OBD CLA E . -6.66 19.18 -6.28
CBD CLA E . -7.15 16.79 -6.70
CGD CLA E . -8.25 17.03 -7.71
O1D CLA E . -8.16 17.00 -8.95
O2D CLA E . -9.46 17.29 -7.15
CED CLA E . -10.62 16.67 -7.72
C1 CLA E . -6.26 9.20 -5.92
C2 CLA E . -6.19 8.83 -4.49
C3 CLA E . -5.86 7.60 -4.05
C4 CLA E . -5.51 6.48 -4.96
C5 CLA E . -5.81 7.29 -2.60
C6 CLA E . -4.47 6.69 -2.18
C7 CLA E . -4.34 6.67 -0.67
C8 CLA E . -2.96 6.20 -0.23
C9 CLA E . -3.03 5.08 0.79
C10 CLA E . -2.14 7.35 0.36
C11 CLA E . -2.85 8.01 1.53
C12 CLA E . -2.05 8.03 2.81
C13 CLA E . -1.55 9.44 3.09
C14 CLA E . -0.17 9.58 2.50
C15 CLA E . -1.56 9.76 4.58
C16 CLA E . -1.52 11.25 4.82
C17 CLA E . -0.29 11.64 5.61
C18 CLA E . -0.37 13.07 6.14
C19 CLA E . -1.29 13.17 7.34
C20 CLA E . -0.77 14.06 5.08
MG CLA F . -10.56 3.73 2.15
CHA CLA F . -10.80 2.11 -0.91
CHB CLA F . -7.45 4.85 1.28
CHC CLA F . -10.04 4.80 5.40
CHD CLA F . -13.48 2.01 3.22
NA CLA F . -9.35 3.51 0.46
C1A CLA F . -9.64 2.81 -0.73
C2A CLA F . -8.50 2.92 -1.75
C3A CLA F . -7.52 3.89 -1.05
C4A CLA F . -8.13 4.11 0.33
CMA CLA F . -6.14 3.28 -0.97
CAA CLA F . -9.05 3.49 -3.05
CBA CLA F . -8.04 4.11 -4.01
CGA CLA F . -7.34 3.09 -4.87
O1A CLA F . -6.48 3.29 -5.72
O2A CLA F . -7.74 1.80 -4.65
NB CLA F . -9.05 4.65 3.13
C1B CLA F . -7.90 5.11 2.58
C2B CLA F . -7.15 5.93 3.57
C3B CLA F . -7.87 5.92 4.73
C4B CLA F . -9.09 5.09 4.48
CMB CLA F . -5.87 6.56 3.30
CAB CLA F . -7.57 6.51 6.00
CBB CLA F . -7.25 5.82 7.10
NC CLA F . -11.59 3.47 3.96
C1C CLA F . -11.22 4.03 5.15
C2C CLA F . -12.19 3.71 6.19
C3C CLA F . -13.14 2.89 5.59
C4C CLA F . -12.76 2.75 4.19
CMC CLA F . -12.11 4.17 7.58
CAC CLA F . -14.32 2.32 6.24
CBC CLA F . -15.45 3.33 6.25
ND CLA F . -11.85 2.35 1.41
C1D CLA F . -13.06 1.81 1.92
C2D CLA F . -13.73 1.04 0.85
C3D CLA F . -12.92 1.14 -0.27
C4D CLA F . -11.75 1.95 0.14
CMD CLA F . -15.00 0.34 1.00
CAD CLA F . -12.73 0.77 -1.65
OBD CLA F . -13.45 0.11 -2.39
CBD CLA F . -11.36 1.36 -2.10
CGD CLA F . -10.41 0.30 -2.61
O1D CLA F . -10.33 -0.15 -3.76
O2D CLA F . -9.57 -0.20 -1.66
CED CLA F . -8.52 -1.06 -2.10
C1 CLA F . -6.78 0.77 -4.96
C2 CLA F . -5.81 0.73 -3.85
C3 CLA F . -4.66 0.03 -3.90
C4 CLA F . -4.29 -0.78 -5.08
C5 CLA F . -3.72 0.05 -2.74
C6 CLA F . -4.42 -0.33 -1.44
C7 CLA F . -3.42 -0.93 -0.46
C8 CLA F . -4.05 -1.20 0.91
C9 CLA F . -4.14 0.08 1.72
C10 CLA F . -3.25 -2.26 1.66
C11 CLA F . -3.85 -2.69 3.00
C12 CLA F . -5.07 -3.58 2.85
C13 CLA F . -6.04 -3.49 4.04
C14 CLA F . -5.33 -3.65 5.37
C15 CLA F . -7.14 -4.54 3.89
C16 CLA F . -8.36 -4.25 4.75
C17 CLA F . -9.39 -5.36 4.64
MG CLA G . -22.72 7.58 16.22
CHA CLA G . -23.73 6.13 19.21
CHB CLA G . -21.96 4.45 15.01
CHC CLA G . -22.62 8.85 13.01
CHD CLA G . -24.24 10.61 17.30
NA CLA G . -22.79 5.64 17.01
C1A CLA G . -23.25 5.25 18.28
C2A CLA G . -23.13 3.74 18.48
C3A CLA G . -22.30 3.31 17.25
C4A CLA G . -22.36 4.53 16.34
CMA CLA G . -20.88 2.95 17.62
CAA CLA G . -24.49 3.07 18.55
CBA CLA G . -25.44 3.56 17.49
CGA CLA G . -26.73 2.77 17.51
O1A CLA G . -27.12 1.98 18.37
O2A CLA G . -27.51 3.00 16.42
NB CLA G . -22.38 6.80 14.38
C1B CLA G . -21.99 5.53 14.11
C2B CLA G . -21.56 5.41 12.68
C3B CLA G . -21.74 6.65 12.12
C4B CLA G . -22.26 7.55 13.18
CMB CLA G . -21.09 4.16 12.09
CAB CLA G . -21.53 7.09 10.77
CBB CLA G . -20.40 6.91 10.07
NC CLA G . -23.26 9.41 15.35
C1C CLA G . -23.07 9.73 14.02
C2C CLA G . -23.51 11.10 13.77
C3C CLA G . -24.04 11.57 14.96
C4C CLA G . -23.86 10.51 15.95
CMC CLA G . -23.45 11.74 12.45
CAC CLA G . -24.62 12.90 15.23
CBC CLA G . -26.13 12.86 15.22
ND CLA G . -23.67 8.30 17.85
C1D CLA G . -24.17 9.58 18.20
C2D CLA G . -24.56 9.58 19.63
C3D CLA G . -24.40 8.28 20.07
C4D CLA G . -23.89 7.52 18.92
CMD CLA G . -25.04 10.75 20.37
CAD CLA G . -24.51 7.36 21.19
OBD CLA G . -24.82 7.59 22.35
CBD CLA G . -24.18 5.93 20.64
CGD CLA G . -23.12 5.26 21.47
O1D CLA G . -23.12 4.12 21.94
O2D CLA G . -22.03 6.06 21.71
CED CLA G . -20.89 5.45 22.31
C1 CLA G . -28.84 3.50 16.66
C2 CLA G . -29.41 3.86 15.34
C3 CLA G . -30.69 4.22 15.16
C4 CLA G . -31.66 4.29 16.28
MG CHL H . -33.47 -3.73 20.91
CHA CHL H . -35.79 -1.06 20.57
CHB CHL H . -35.19 -4.71 23.72
CHC CHL H . -31.39 -6.59 21.08
CHD CHL H . -31.87 -2.75 17.85
NA CHL H . -35.02 -3.01 21.96
C1A CHL H . -35.81 -2.00 21.74
C2A CHL H . -36.80 -1.70 22.81
C3A CHL H . -36.40 -2.67 23.88
C4A CHL H . -35.48 -3.55 23.12
CMA CHL H . -35.66 -2.00 25.02
CAA CHL H . -38.26 -1.87 22.37
CBA CHL H . -38.63 -3.30 22.02
CGA CHL H . -39.64 -3.30 20.91
O1A CHL H . -39.70 -4.22 20.11
O2A CHL H . -40.58 -2.20 20.78
NB CHL H . -33.31 -5.35 22.17
C1B CHL H . -34.10 -5.55 23.23
C2B CHL H . -33.79 -6.78 23.97
C3B CHL H . -32.66 -7.36 23.21
C4B CHL H . -32.43 -6.38 22.10
CMB CHL H . -34.48 -7.30 25.21
CAB CHL H . -32.05 -8.67 23.66
CBB CHL H . -31.10 -9.35 23.07
NC CHL H . -31.96 -4.49 19.74
C1C CHL H . -31.26 -5.63 19.99
C2C CHL H . -30.25 -5.89 18.94
C3C CHL H . -30.38 -4.78 17.99
C4C CHL H . -31.46 -3.97 18.59
CMC CHL H . -29.25 -6.98 18.74
OMC CHL H . -29.17 -7.88 19.55
CAC CHL H . -29.57 -4.55 16.73
CBC CHL H . -30.15 -5.33 15.58
ND CHL H . -33.68 -2.27 19.49
C1D CHL H . -33.01 -2.00 18.37
C2D CHL H . -33.61 -0.83 17.67
C3D CHL H . -34.72 -0.44 18.57
C4D CHL H . -34.71 -1.36 19.63
CMD CHL H . -33.12 -0.23 16.39
CAD CHL H . -35.86 0.48 18.83
OBD CHL H . -36.06 1.41 17.96
CBD CHL H . -36.56 0.12 20.07
CGD CHL H . -36.58 1.30 20.97
O1D CHL H . -35.84 2.25 20.77
O2D CHL H . -37.49 1.39 22.11
CED CHL H . -37.38 2.48 23.00
MG CHL I . -15.15 -1.90 14.87
CHA CHL I . -13.84 -2.70 17.95
CHB CHL I . -12.44 -0.19 14.12
CHC CHL I . -16.80 -0.71 12.11
CHD CHL I . -17.83 -4.17 15.47
NA CHL I . -13.50 -1.40 15.89
C1A CHL I . -13.12 -1.70 17.09
C2A CHL I . -11.94 -0.84 17.56
C3A CHL I . -11.52 -0.14 16.29
C4A CHL I . -12.55 -0.61 15.37
CMA CHL I . -11.58 1.36 16.36
CAA CHL I . -10.69 -1.47 18.17
CBA CHL I . -9.98 -2.46 17.25
CGA CHL I . -8.58 -1.98 16.91
O1A CHL I . -7.81 -2.68 16.28
O2A CHL I . -8.13 -0.65 17.31
NB CHL I . -14.69 -0.62 13.35
C1B CHL I . -13.53 0.02 13.19
C2B CHL I . -13.41 0.91 12.00
C3B CHL I . -14.73 0.74 11.42
C4B CHL I . -15.44 -0.22 12.30
CMB CHL I . -12.24 1.75 11.58
CAB CHL I . -15.24 1.38 10.18
CBB CHL I . -15.62 0.64 9.16
NC CHL I . -16.95 -2.36 13.98
C1C CHL I . -17.46 -1.79 12.85
C2C CHL I . -18.76 -2.33 12.44
C3C CHL I . -19.10 -3.35 13.43
C4C CHL I . -17.92 -3.28 14.31
CMC CHL I . -19.59 -1.93 11.28
OMC CHL I . -19.09 -1.83 10.18
CAC CHL I . -20.31 -4.25 13.53
CBC CHL I . -21.41 -3.52 14.27
ND CHL I . -15.78 -3.17 16.32
C1D CHL I . -16.82 -4.02 16.53
C2D CHL I . -16.79 -4.74 17.83
C3D CHL I . -15.56 -4.17 18.38
C4D CHL I . -15.07 -3.32 17.48
CMD CHL I . -17.58 -5.75 18.61
CAD CHL I . -14.69 -4.22 19.56
OBD CHL I . -14.87 -4.93 20.60
CBD CHL I . -13.56 -3.27 19.32
CGD CHL I . -13.58 -2.22 20.36
O1D CHL I . -14.12 -1.15 20.14
O2D CHL I . -12.94 -2.46 21.65
CED CHL I . -11.64 -1.95 21.89
C1 CHL I . -7.08 -0.06 16.57
C2 CHL I . -7.65 0.55 15.30
C3 CHL I . -8.04 1.83 15.24
C4 CHL I . -7.92 2.75 16.42
C5 CHL I . -8.62 2.35 13.95
C6 CHL I . -7.64 2.06 12.83
C7 CHL I . -8.34 2.06 11.47
C8 CHL I . -7.80 1.02 10.49
C9 CHL I . -6.36 0.60 10.74
C10 CHL I . -7.94 1.56 9.07
C11 CHL I . -9.38 1.43 8.58
C12 CHL I . -9.53 0.29 7.58
C13 CHL I . -11.00 -0.02 7.36
C14 CHL I . -11.66 -0.42 8.67
C15 CHL I . -11.18 -1.15 6.35
C16 CHL I . -12.34 -0.82 5.41
C17 CHL I . -13.63 -1.54 5.81
C18 CHL I . -14.33 -2.11 4.58
C19 CHL I . -14.26 -3.62 4.63
C20 CHL I . -15.76 -1.59 4.50
MG CHL J . -28.64 6.04 -0.48
CHA CHL J . -25.93 7.82 0.74
CHB CHL J . -29.66 5.47 2.65
CHC CHL J . -31.33 4.36 -1.78
CHD CHL J . -27.65 7.00 -3.77
NA CHL J . -27.89 6.42 1.34
C1A CHL J . -26.85 7.12 1.69
C2A CHL J . -26.64 7.19 3.17
C3A CHL J . -27.58 6.14 3.68
C4A CHL J . -28.43 5.95 2.47
CMA CHL J . -26.86 4.85 4.02
CAA CHL J . -26.93 8.55 3.84
CBA CHL J . -28.25 9.20 3.47
CGA CHL J . -28.06 10.66 3.14
O1A CHL J . -27.28 11.00 2.27
O2A CHL J . -28.80 11.67 3.88
NB CHL J . -30.25 5.06 0.31
C1B CHL J . -30.53 4.92 1.62
C2B CHL J . -31.77 4.17 1.94
C3B CHL J . -32.25 3.84 0.60
C4B CHL J . -31.25 4.44 -0.32
CMB CHL J . -32.38 3.84 3.27
CAB CHL J . -33.48 3.09 0.28
CBB CHL J . -34.55 3.73 -0.17
NC CHL J . -29.34 5.75 -2.40
C1C CHL J . -30.45 5.04 -2.75
C2C CHL J . -30.71 5.02 -4.21
C3C CHL J . -29.62 5.80 -4.81
C4C CHL J . -28.85 6.18 -3.61
CMC CHL J . -31.79 4.35 -4.97
OMC CHL J . -32.89 4.14 -4.49
CAC CHL J . -29.34 6.13 -6.25
CBC CHL J . -30.01 7.43 -6.62
ND CHL J . -27.19 7.13 -1.39
C1D CHL J . -26.83 7.48 -2.66
C2D CHL J . -25.62 8.34 -2.77
C3D CHL J . -25.29 8.44 -1.35
C4D CHL J . -26.20 7.75 -0.68
CMD CHL J . -24.77 9.01 -3.82
CAD CHL J . -24.32 9.05 -0.44
OBD CHL J . -23.33 9.75 -0.80
CBD CHL J . -24.71 8.66 0.96
CGD CHL J . -23.58 7.92 1.61
O1D CHL J . -23.48 6.71 1.50
O2D CHL J . -22.59 8.64 2.37
CED CHL J . -22.23 8.19 3.67
C1 CHL J . -29.27 12.85 3.26
C2 CHL J . -30.69 12.65 2.79
C3 CHL J . -31.73 12.72 3.63
C4 CHL J . -31.50 12.98 5.10
C5 CHL J . -33.14 12.47 3.11
C6 CHL J . -33.20 11.19 2.27
C7 CHL J . -32.90 9.91 3.06
C8 CHL J . -33.93 8.79 2.93
C9 CHL J . -35.30 9.20 3.47
C10 CHL J . -33.46 7.47 3.57
C11 CHL J . -32.36 7.61 4.62
C12 CHL J . -32.91 7.36 6.02
C13 CHL J . -32.27 8.22 7.13
C14 CHL J . -31.88 9.62 6.67
C15 CHL J . -31.06 7.51 7.74
C16 CHL J . -30.97 7.83 9.22
C17 CHL J . -30.97 6.55 10.05
C18 CHL J . -32.17 6.52 10.99
C19 CHL J . -33.12 5.39 10.63
C20 CHL J . -31.70 6.40 12.44
MG CHL K . -19.46 0.19 0.44
CHA CHL K . -17.42 1.95 -1.70
CHB CHL K . -20.63 -1.61 -2.12
CHC CHL K . -20.89 -1.91 2.73
CHD CHL K . -18.55 2.43 3.04
NA CHL K . -19.04 0.10 -1.52
C1A CHL K . -18.16 0.76 -2.19
C2A CHL K . -17.94 0.23 -3.59
C3A CHL K . -19.12 -0.69 -3.76
C4A CHL K . -19.64 -0.74 -2.37
CMA CHL K . -20.16 -0.08 -4.66
CAA CHL K . -16.58 -0.47 -3.77
CBA CHL K . -16.53 -1.93 -3.37
CGA CHL K . -15.12 -2.42 -3.19
O1A CHL K . -14.30 -2.31 -4.10
O2A CHL K . -14.71 -3.04 -1.95
NB CHL K . -20.58 -1.51 0.32
C1B CHL K . -20.97 -2.14 -0.81
C2B CHL K . -21.79 -3.37 -0.60
C3B CHL K . -21.85 -3.43 0.86
C4B CHL K . -21.08 -2.26 1.31
CMB CHL K . -22.37 -4.27 -1.64
CAB CHL K . -22.52 -4.46 1.68
CBB CHL K . -21.89 -5.19 2.58
NC CHL K . -19.68 0.25 2.49
C1C CHL K . -20.30 -0.68 3.27
C2C CHL K . -20.31 -0.36 4.71
C3C CHL K . -19.62 0.92 4.80
C4C CHL K . -19.28 1.20 3.39
CMC CHL K . -20.89 -1.11 5.87
OMC CHL K . -21.30 -2.25 5.79
CAC CHL K . -19.32 1.75 6.02
CBC CHL K . -18.20 1.06 6.74
ND CHL K . -18.28 1.81 0.71
C1D CHL K . -17.94 2.65 1.72
C2D CHL K . -16.98 3.74 1.33
C3D CHL K . -16.80 3.40 -0.07
C4D CHL K . -17.55 2.34 -0.32
CMD CHL K . -16.25 4.91 1.93
CAD CHL K . -16.08 3.82 -1.29
OBD CHL K . -15.29 4.82 -1.40
CBD CHL K . -16.48 2.89 -2.38
CGD CHL K . -17.18 3.67 -3.46
O1D CHL K . -18.30 4.11 -3.26
O2D CHL K . -16.54 3.90 -4.74
CED CHL K . -17.33 4.20 -5.88
C1 CHL K . -13.34 -3.43 -1.79
C2 CHL K . -12.74 -2.75 -0.59
C3 CHL K . -12.57 -3.38 0.58
C4 CHL K . -12.95 -4.82 0.75
C5 CHL K . -11.96 -2.64 1.74
C6 CHL K . -10.57 -2.11 1.41
C7 CHL K . -10.23 -1.01 2.41
C8 CHL K . -8.93 -0.26 2.16
C9 CHL K . -7.79 -1.23 1.87
C10 CHL K . -8.69 0.61 3.38
C11 CHL K . -7.25 0.97 3.68
C12 CHL K . -7.16 1.63 5.05
C13 CHL K . -5.87 2.40 5.35
C14 CHL K . -5.07 2.83 4.12
C15 CHL K . -5.00 1.55 6.28
C16 CHL K . -3.90 2.41 6.90
C17 CHL K . -3.99 2.41 8.42
C18 CHL K . -3.71 3.81 8.96
C19 CHL K . -4.82 4.24 9.91
C20 CHL K . -2.35 3.86 9.65
MG CLA L . -23.88 16.38 0.54
CHA CLA L . -26.35 16.54 -1.91
CHB CLA L . -23.51 19.79 0.26
CHC CLA L . -22.22 16.44 3.57
CHD CLA L . -24.94 13.06 1.22
NA CLA L . -24.74 17.86 -0.66
C1A CLA L . -25.76 17.73 -1.62
C2A CLA L . -26.09 19.07 -2.27
C3A CLA L . -24.87 19.92 -1.86
C4A CLA L . -24.34 19.17 -0.64
CMA CLA L . -23.87 19.96 -2.98
CAA CLA L . -27.40 19.66 -1.76
CBA CLA L . -27.65 19.56 -0.26
CGA CLA L . -26.97 20.67 0.47
O1A CLA L . -26.91 21.86 0.16
O2A CLA L . -26.36 20.28 1.64
NB CLA L . -23.09 17.82 1.70
C1B CLA L . -22.96 19.14 1.38
C2B CLA L . -22.10 19.85 2.36
C3B CLA L . -21.72 18.92 3.29
C4B CLA L . -22.33 17.61 2.89
CMB CLA L . -21.77 21.27 2.26
CAB CLA L . -20.90 19.10 4.46
CBB CLA L . -21.19 19.90 5.48
NC CLA L . -23.56 14.98 2.05
C1C CLA L . -22.77 15.19 3.17
C2C CLA L . -22.69 13.96 3.97
C3C CLA L . -23.56 13.05 3.36
C4C CLA L . -24.08 13.68 2.16
CMC CLA L . -21.93 13.80 5.20
CAC CLA L . -23.82 11.67 3.80
CBC CLA L . -25.03 11.60 4.69
ND CLA L . -25.17 15.03 -0.23
C1D CLA L . -25.46 13.67 0.11
C2D CLA L . -26.38 13.11 -0.90
C3D CLA L . -26.75 14.17 -1.73
C4D CLA L . -26.01 15.34 -1.22
CMD CLA L . -26.83 11.72 -0.98
CAD CLA L . -27.52 14.60 -2.88
OBD CLA L . -28.19 13.95 -3.66
CBD CLA L . -27.37 16.15 -2.96
CGD CLA L . -26.99 16.59 -4.35
O1D CLA L . -26.00 17.24 -4.69
O2D CLA L . -27.85 16.18 -5.32
CED CLA L . -28.37 17.18 -6.21
C1 CLA L . -26.29 21.30 2.66
C2 CLA L . -25.61 20.72 3.85
C3 CLA L . -25.55 21.37 5.02
C4 CLA L . -26.16 22.71 5.18
C5 CLA L . -24.86 20.78 6.21
C6 CLA L . -25.76 20.73 7.44
C7 CLA L . -25.16 19.88 8.54
C8 CLA L . -26.17 18.92 9.18
C9 CLA L . -27.35 19.68 9.75
C10 CLA L . -25.46 18.10 10.26
C11 CLA L . -26.34 17.03 10.87
C12 CLA L . -25.76 15.63 10.75
C13 CLA L . -26.87 14.60 10.84
C14 CLA L . -27.53 14.63 12.21
C15 CLA L . -26.36 13.19 10.54
C16 CLA L . -27.45 12.28 10.00
C17 CLA L . -26.93 11.31 8.97
C18 CLA L . -28.05 10.67 8.18
C19 CLA L . -28.50 11.58 7.04
C20 CLA L . -27.62 9.33 7.62
MG CLA M . -10.90 28.27 4.04
CHA CLA M . -14.11 27.79 2.80
CHB CLA M . -11.09 31.58 3.14
CHC CLA M . -8.08 28.91 5.91
CHD CLA M . -11.06 25.02 5.49
NA CLA M . -12.36 29.45 3.12
C1A CLA M . -13.64 29.07 2.67
C2A CLA M . -14.39 30.25 2.02
C3A CLA M . -13.29 31.36 1.98
C4A CLA M . -12.16 30.77 2.82
CMA CLA M . -12.82 31.61 0.58
CAA CLA M . -15.66 30.63 2.77
CBA CLA M . -15.54 31.66 3.89
CGA CLA M . -16.91 31.97 4.41
O1A CLA M . -17.42 31.69 5.50
O2A CLA M . -17.65 32.69 3.51
NB CLA M . -9.82 29.92 4.46
C1B CLA M . -10.00 31.15 3.92
C2B CLA M . -8.82 32.03 4.23
C3B CLA M . -7.97 31.29 5.00
C4B CLA M . -8.60 29.94 5.18
CMB CLA M . -8.73 33.41 3.77
CAB CLA M . -6.71 31.64 5.60
CBB CLA M . -6.53 31.90 6.90
NC CLA M . -9.78 27.16 5.42
C1C CLA M . -8.63 27.61 6.03
C2C CLA M . -8.06 26.57 6.88
C3C CLA M . -8.93 25.49 6.80
C4C CLA M . -9.99 25.85 5.87
CMC CLA M . -6.84 26.71 7.68
CAC CLA M . -8.78 24.20 7.50
CBC CLA M . -9.26 24.26 8.93
ND CLA M . -12.22 26.74 4.16
C1D CLA M . -12.11 25.42 4.68
C2D CLA M . -13.28 24.62 4.24
C3D CLA M . -14.07 25.49 3.51
C4D CLA M . -13.38 26.78 3.51
CMD CLA M . -13.49 23.21 4.56
CAD CLA M . -15.30 25.65 2.76
OBD CLA M . -16.17 24.81 2.50
CBD CLA M . -15.37 27.13 2.28
CGD CLA M . -15.47 27.22 0.78
O1D CLA M . -15.03 26.42 -0.06
O2D CLA M . -16.12 28.32 0.33
CED CLA M . -16.92 28.19 -0.85
MG CLA N . -17.78 23.09 8.43
CHA CLA N . -18.98 25.50 6.26
CHB CLA N . -20.93 21.75 8.64
CHC CLA N . -16.79 21.19 11.14
CHD CLA N . -14.76 24.95 8.69
NA CLA N . -19.63 23.54 7.56
C1A CLA N . -19.91 24.58 6.65
C2A CLA N . -21.39 24.54 6.22
C3A CLA N . -21.93 23.28 6.91
C4A CLA N . -20.76 22.80 7.77
CMA CLA N . -23.15 23.59 7.75
CAA CLA N . -21.52 24.35 4.73
CBA CLA N . -22.92 24.59 4.22
CGA CLA N . -23.28 26.03 4.38
NB CLA N . -18.67 21.73 9.62
C1B CLA N . -19.94 21.26 9.50
C2B CLA N . -20.17 20.14 10.45
C3B CLA N . -19.01 19.98 11.15
C4B CLA N . -18.05 20.99 10.66
CMB CLA N . -21.45 19.44 10.57
CAB CLA N . -18.72 19.07 12.23
CBB CLA N . -18.52 19.45 13.50
NC CLA N . -16.07 23.05 9.65
C1C CLA N . -15.85 22.16 10.66
C2C CLA N . -14.53 22.36 11.25
C3C CLA N . -13.99 23.47 10.60
C4C CLA N . -14.94 23.88 9.58
CMC CLA N . -13.97 21.58 12.35
CAC CLA N . -12.66 24.06 10.83
CBC CLA N . -12.64 25.04 11.97
ND CLA N . -17.00 24.81 7.70
C1D CLA N . -15.70 25.41 7.81
C2D CLA N . -15.61 26.54 6.87
C3D CLA N . -16.84 26.62 6.25
C4D CLA N . -17.67 25.54 6.81
CMD CLA N . -14.43 27.39 6.70
CAD CLA N . -17.66 27.36 5.30
OBD CLA N . -17.38 28.35 4.63
CBD CLA N . -19.06 26.66 5.27
CGD CLA N . -20.17 27.60 5.62
O1D CLA N . -20.79 28.37 4.88
O2D CLA N . -20.51 27.56 6.94
CED CLA N . -21.69 28.24 7.36
MG CLA O . -3.51 15.00 15.72
CHA CLA O . -1.75 14.65 18.70
CHB CLA O . -4.81 17.96 16.89
CHC CLA O . -4.54 15.81 12.54
CHD CLA O . -1.48 12.41 14.35
NA CLA O . -3.33 16.08 17.50
C1A CLA O . -2.54 15.77 18.63
C2A CLA O . -2.69 16.81 19.74
C3A CLA O . -3.80 17.74 19.20
C4A CLA O . -4.00 17.25 17.76
CMA CLA O . -5.05 17.66 20.05
CAA CLA O . -1.38 17.54 20.00
CBA CLA O . -0.80 18.28 18.81
CGA CLA O . 0.30 17.49 18.17
O1A CLA O . 1.13 16.74 18.70
O2A CLA O . 0.35 17.67 16.81
NB CLA O . -4.43 16.59 14.88
C1B CLA O . -5.05 17.60 15.55
C2B CLA O . -6.00 18.33 14.66
C3B CLA O . -5.93 17.72 13.43
C4B CLA O . -4.93 16.63 13.55
CMB CLA O . -6.80 19.48 15.08
CAB CLA O . -6.60 18.04 12.19
CBB CLA O . -6.59 19.24 11.60
NC CLA O . -3.13 14.22 13.82
C1C CLA O . -3.69 14.68 12.66
C2C CLA O . -3.25 13.88 11.52
C3C CLA O . -2.33 12.95 12.02
C4C CLA O . -2.27 13.17 13.46
CMC CLA O . -3.67 14.10 10.14
CAC CLA O . -1.62 11.93 11.25
CBC CLA O . -0.27 12.43 10.77
ND CLA O . -2.05 13.74 16.33
C1D CLA O . -1.35 12.68 15.69
C2D CLA O . -0.56 11.95 16.70
C3D CLA O . -0.71 12.63 17.89
C4D CLA O . -1.60 13.77 17.59
CMD CLA O . 0.23 10.74 16.42
CAD CLA O . -0.37 12.71 19.29
OBD CLA O . 0.24 11.90 20.00
CBD CLA O . -0.94 14.07 19.83
CGD CLA O . -1.76 13.87 21.07
O1D CLA O . -2.61 13.00 21.28
O2D CLA O . -1.51 14.79 22.05
CED CLA O . -2.51 14.97 23.06
C1 CLA O . 0.67 16.50 16.02
C2 CLA O . 0.14 16.78 14.67
C3 CLA O . 0.39 15.97 13.62
C4 CLA O . 1.27 14.78 13.79
C5 CLA O . -0.12 16.18 12.21
C6 CLA O . -1.24 17.19 11.98
C7 CLA O . -0.85 18.27 10.98
C8 CLA O . -1.43 19.64 11.33
C9 CLA O . -2.94 19.64 11.23
C10 CLA O . -0.85 20.69 10.39
C11 CLA O . 0.09 21.65 11.09
C12 CLA O . -0.65 22.72 11.87
C13 CLA O . 0.29 23.44 12.84
C14 CLA O . -0.51 24.20 13.88
C15 CLA O . 1.25 24.39 12.12
C16 CLA O . 2.67 23.84 12.08
C17 CLA O . 3.32 23.77 13.45
C18 CLA O . 4.85 23.73 13.37
C19 CLA O . 5.44 23.43 14.73
C20 CLA O . 5.33 22.70 12.37
MG CLA P . -1.54 23.66 19.46
CHA CLA P . 1.19 22.45 17.69
CHB CLA P . 0.58 25.72 21.22
CHC CLA P . -4.25 25.43 20.65
CHD CLA P . -3.67 22.05 17.11
NA CLA P . 0.53 23.99 19.46
C1A CLA P . 1.50 23.38 18.65
C2A CLA P . 2.90 23.88 18.96
C3A CLA P . 2.69 24.73 20.24
C4A CLA P . 1.16 24.85 20.32
CMA CLA P . 3.28 24.09 21.47
CAA CLA P . 3.43 24.71 17.81
CBA CLA P . 2.39 25.64 17.22
NB CLA P . -1.78 25.27 20.67
C1B CLA P . -0.81 25.90 21.38
C2B CLA P . -1.40 26.85 22.36
C3B CLA P . -2.76 26.77 22.19
C4B CLA P . -3.03 25.77 21.13
CMB CLA P . -0.60 27.70 23.25
CAB CLA P . -3.82 27.49 22.87
CBB CLA P . -4.11 27.37 24.16
NC CLA P . -3.58 23.70 18.99
C1C CLA P . -4.52 24.45 19.65
C2C CLA P . -5.85 24.17 19.13
C3C CLA P . -5.68 23.27 18.08
C4C CLA P . -4.26 22.96 18.01
CMC CLA P . -7.08 24.81 19.61
CAC CLA P . -6.73 22.66 17.23
CBC CLA P . -6.83 23.31 15.87
ND CLA P . -1.36 22.50 17.82
C1D CLA P . -2.32 21.83 17.01
C2D CLA P . -1.61 20.91 16.08
C3D CLA P . -0.26 21.10 16.32
C4D CLA P . -0.17 22.11 17.38
CMD CLA P . -2.25 20.03 15.13
CAD CLA P . 1.10 20.71 15.97
OBD CLA P . 1.49 19.84 15.18
CBD CLA P . 2.06 21.60 16.80
CGD CLA P . 3.04 20.77 17.59
O1D CLA P . 3.08 20.62 18.81
O2D CLA P . 3.97 20.14 16.83
CED CLA P . 4.10 18.72 16.97
C1 LUT Q . -10.32 17.43 17.34
C2 LUT Q . -9.58 16.90 18.56
C3 LUT Q . -8.13 16.56 18.31
C4 LUT Q . -8.09 15.56 17.17
C5 LUT Q . -8.68 16.20 15.94
C6 LUT Q . -9.51 17.25 16.06
C7 LUT Q . -9.89 18.03 14.88
C8 LUT Q . -11.03 17.53 14.41
C9 LUT Q . -11.71 18.04 13.19
C10 LUT Q . -12.86 17.42 12.85
C11 LUT Q . -13.68 17.80 11.69
C12 LUT Q . -14.82 17.18 11.45
C13 LUT Q . -15.69 17.62 10.33
C14 LUT Q . -16.89 17.03 10.27
C15 LUT Q . -17.94 17.34 9.29
C16 LUT Q . -10.52 18.92 17.56
C17 LUT Q . -11.68 16.74 17.39
C18 LUT Q . -8.31 15.59 14.61
C19 LUT Q . -11.12 19.18 12.40
C20 LUT Q . -15.23 18.71 9.41
O3 LUT Q . -7.62 15.96 19.51
C21 LUT Q . -29.41 18.41 4.17
C22 LUT Q . -30.12 19.36 3.22
C23 LUT Q . -30.76 18.62 2.05
C24 LUT Q . -29.96 17.41 1.61
C25 LUT Q . -28.83 16.98 2.21
C26 LUT Q . -28.29 17.66 3.44
C27 LUT Q . -27.64 16.78 4.50
C28 LUT Q . -26.38 17.03 4.86
C29 LUT Q . -25.66 16.30 5.93
C30 LUT Q . -24.43 16.78 6.22
C31 LUT Q . -23.54 16.26 7.27
C32 LUT Q . -22.35 16.84 7.43
C33 LUT Q . -21.38 16.40 8.45
C34 LUT Q . -20.18 17.01 8.47
C35 LUT Q . -19.10 16.71 9.40
C36 LUT Q . -30.43 17.45 4.79
C37 LUT Q . -28.81 19.26 5.29
C38 LUT Q . -28.10 15.84 1.57
C39 LUT Q . -26.32 15.16 6.66
C40 LUT Q . -21.78 15.33 9.44
O23 LUT Q . -30.86 19.54 0.95
C1 LUT R . -16.86 3.44 14.11
C2 LUT R . -17.22 3.29 15.59
C3 LUT R . -17.41 4.56 16.39
C4 LUT R . -16.78 5.77 15.71
C5 LUT R . -17.36 5.83 14.32
C6 LUT R . -17.18 4.79 13.51
C7 LUT R . -17.11 4.93 12.04
C8 LUT R . -16.58 6.05 11.51
C9 LUT R . -16.29 6.08 10.07
C10 LUT R . -15.33 6.93 9.66
C11 LUT R . -14.81 6.96 8.29
C12 LUT R . -13.68 7.63 8.04
C13 LUT R . -13.06 7.62 6.70
C14 LUT R . -11.86 8.19 6.57
C15 LUT R . -11.09 8.25 5.32
C16 LUT R . -17.53 2.31 13.34
C17 LUT R . -15.34 3.29 13.95
C18 LUT R . -18.22 7.00 13.94
C19 LUT R . -16.99 5.12 9.13
C20 LUT R . -13.80 6.94 5.57
O3 LUT R . -16.80 4.35 17.66
C21 LUT R . -2.04 10.99 -3.42
C22 LUT R . -1.60 11.21 -4.85
C23 LUT R . -1.55 12.68 -5.22
C24 LUT R . -2.79 13.42 -4.75
C25 LUT R . -3.62 12.93 -3.82
C26 LUT R . -3.42 11.60 -3.17
C27 LUT R . -3.66 11.70 -1.67
C28 LUT R . -4.58 10.93 -1.10
C29 LUT R . -4.85 11.00 0.35
C30 LUT R . -5.87 10.22 0.80
C31 LUT R . -6.33 10.20 2.19
C32 LUT R . -7.41 9.50 2.50
C33 LUT R . -7.98 9.50 3.87
C34 LUT R . -9.16 8.89 4.03
C35 LUT R . -9.91 8.83 5.30
C36 LUT R . -0.98 11.58 -2.48
C37 LUT R . -2.15 9.49 -3.18
C38 LUT R . -4.82 13.75 -3.44
C39 LUT R . -4.02 11.90 1.22
C40 LUT R . -7.23 10.20 4.97
O23 LUT R . -1.49 12.73 -6.64
C1 XAT S . -10.62 -8.08 14.12
C2 XAT S . -9.66 -7.56 15.18
C3 XAT S . -9.58 -6.04 15.11
C4 XAT S . -10.91 -5.57 15.66
C5 XAT S . -12.06 -5.93 14.72
C6 XAT S . -11.91 -7.25 13.92
C7 XAT S . -13.19 -8.02 13.72
C8 XAT S . -13.72 -7.94 12.50
C9 XAT S . -14.96 -8.65 12.12
C10 XAT S . -15.46 -8.43 10.91
C11 XAT S . -16.64 -9.13 10.43
C12 XAT S . -16.81 -9.03 9.13
C13 XAT S . -17.89 -9.70 8.40
C14 XAT S . -18.40 -9.15 7.29
C15 XAT S . -19.41 -9.87 6.55
C16 XAT S . -10.95 -9.52 14.50
C17 XAT S . -9.88 -8.10 12.79
C18 XAT S . -13.47 -5.68 15.24
C19 XAT S . -15.59 -9.63 13.06
C20 XAT S . -18.36 -11.04 8.88
O3 XAT S . -8.53 -5.56 15.96
O4 XAT S . -11.81 -5.95 13.31
C21 XAT S . -24.82 -15.35 -3.58
C22 XAT S . -25.35 -15.58 -5.00
C23 XAT S . -26.85 -15.68 -4.94
C24 XAT S . -27.44 -14.33 -4.52
C25 XAT S . -26.87 -13.75 -3.22
C26 XAT S . -25.49 -14.25 -2.72
C27 XAT S . -24.63 -13.16 -2.07
C28 XAT S . -24.46 -13.13 -0.76
C29 XAT S . -23.60 -12.06 -0.19
C30 XAT S . -23.29 -12.10 1.11
C31 XAT S . -22.42 -11.09 1.70
C32 XAT S . -22.33 -11.00 3.01
C33 XAT S . -21.41 -10.01 3.59
C34 XAT S . -20.93 -10.27 4.81
C35 XAT S . -19.98 -9.38 5.46
C36 XAT S . -23.53 -15.99 -3.07
C37 XAT S . -23.80 -14.46 -4.31
C38 XAT S . -27.09 -12.24 -3.04
C39 XAT S . -23.08 -10.97 -1.07
C40 XAT S . -21.01 -8.78 2.84
O23 XAT S . -27.34 -16.00 -6.25
O24 XAT S . -26.73 -14.58 -2.07
C1 NEX T . -39.86 -4.58 -2.02
C2 NEX T . -39.39 -5.39 -3.21
C3 NEX T . -39.43 -4.61 -4.50
C4 NEX T . -38.41 -3.49 -4.36
C5 NEX T . -38.83 -2.49 -3.29
C6 NEX T . -39.16 -3.24 -1.99
C7 NEX T . -38.85 -2.69 -0.88
C8 NEX T . -38.54 -2.16 0.23
C9 NEX T . -37.14 -1.94 0.65
C10 NEX T . -36.88 -1.14 1.69
C11 NEX T . -35.50 -0.94 2.10
C12 NEX T . -35.19 -0.49 3.31
C13 NEX T . -33.77 -0.28 3.66
C14 NEX T . -33.41 0.47 4.71
C15 NEX T . -32.01 0.69 5.02
C16 NEX T . -39.59 -5.38 -0.76
C17 NEX T . -41.36 -4.33 -2.13
C18 NEX T . -37.73 -1.45 -3.14
C19 NEX T . -36.06 -2.68 -0.07
C20 NEX T . -32.73 -0.93 2.80
O3 NEX T . -39.07 -5.46 -5.60
O4 NEX T . -40.01 -1.81 -3.76
C21 NEX T . -26.81 7.79 12.66
C22 NEX T . -26.39 8.37 14.00
C23 NEX T . -26.97 7.55 15.12
C24 NEX T . -26.18 6.27 15.13
C25 NEX T . -26.34 5.46 13.83
C26 NEX T . -26.65 6.26 12.54
C27 NEX T . -25.90 5.72 11.33
C28 NEX T . -26.58 5.16 10.32
C29 NEX T . -25.82 4.64 9.16
C30 NEX T . -26.45 4.09 8.12
C31 NEX T . -27.91 3.96 8.02
C32 NEX T . -28.37 3.05 7.16
C33 NEX T . -29.82 2.84 6.94
C34 NEX T . -30.23 1.78 6.23
C35 NEX T . -31.65 1.56 5.96
C36 NEX T . -26.02 8.52 11.58
C37 NEX T . -28.29 8.10 12.44
C38 NEX T . -25.37 4.29 13.65
C39 NEX T . -24.33 4.73 9.15
C40 NEX T . -30.81 3.82 7.50
O23 NEX T . -26.76 8.22 16.36
O24 NEX T . -27.61 5.42 13.17
O1 LHG U . -6.66 33.26 0.21
C1 LHG U . -7.66 32.33 -0.20
C2 LHG U . -7.69 31.23 0.85
O2 LHG U . -6.35 30.75 1.03
C3 LHG U . -8.61 30.07 0.49
O3 LHG U . -8.59 29.16 1.58
P LHG U . -9.14 27.65 1.45
O4 LHG U . -10.57 27.65 1.94
O5 LHG U . -8.79 27.15 0.07
O6 LHG U . -8.25 26.88 2.54
C4 LHG U . -7.25 25.94 2.16
C5 LHG U . -7.24 24.76 3.13
C6 LHG U . -8.52 23.97 2.94
O7 LHG U . -6.11 23.92 2.84
C7 LHG U . -5.06 23.91 3.86
O9 LHG U . -5.23 24.45 4.93
C8 LHG U . -3.77 23.18 3.57
C9 LHG U . -3.06 22.86 4.88
C10 LHG U . -1.93 21.86 4.65
O8 LHG U . -8.36 22.65 3.49
C23 LHG U . -9.29 21.60 3.10
O10 LHG U . -10.09 21.82 2.22
C24 LHG U . -9.27 20.26 3.79
C11 LHG U . -1.52 21.18 5.96
C12 LHG U . -0.77 19.88 5.68
C13 LHG U . -0.21 19.27 6.95
C14 LHG U . 0.59 18.02 6.65
C15 LHG U . 0.89 17.22 7.91
C16 LHG U . 1.64 15.94 7.54
C17 LHG U . 1.95 15.06 8.74
C18 LHG U . 2.48 13.71 8.30
C19 LHG U . 3.75 13.30 9.02
C20 LHG U . 3.48 12.44 10.24
C21 LHG U . 3.16 10.99 9.85
C22 LHG U . 3.02 10.13 11.09
C25 LHG U . -7.97 19.52 3.53
C26 LHG U . -6.81 20.05 4.37
C27 LHG U . -6.98 19.71 5.85
C28 LHG U . -5.74 20.07 6.67
C29 LHG U . -5.91 21.39 7.42
C30 LHG U . -5.12 21.36 8.72
C31 LHG U . -4.93 22.75 9.30
C32 LHG U . -3.70 23.42 8.69
C33 LHG U . -3.72 24.93 8.94
C34 LHG U . -2.35 25.54 8.74
C35 LHG U . -2.39 27.04 8.99
C36 LHG U . -0.98 27.61 9.19
C37 LHG U . -1.01 29.09 9.54
C38 LHG U . -1.56 29.93 8.40
MG CHL V . -22.02 -9.96 -4.99
CHA CHL V . -18.58 -9.74 -4.51
CHB CHL V . -22.50 -7.69 -2.60
CHC CHL V . -25.38 -10.29 -5.50
CHD CHL V . -21.42 -12.68 -7.21
NA CHL V . -20.81 -8.87 -3.84
C1A CHL V . -19.50 -8.81 -3.79
C2A CHL V . -18.96 -7.76 -2.89
C3A CHL V . -20.18 -7.36 -2.11
C4A CHL V . -21.25 -8.02 -2.90
CMA CHL V . -20.16 -7.91 -0.70
CAA CHL V . -18.37 -6.58 -3.67
CBA CHL V . -18.38 -5.26 -2.92
CGA CHL V . -17.37 -5.29 -1.81
O1A CHL V . -16.22 -5.61 -2.01
O2A CHL V . -17.79 -4.96 -0.46
NB CHL V . -23.68 -9.12 -4.17
C1B CHL V . -23.73 -8.20 -3.20
C2B CHL V . -25.08 -7.74 -2.78
C3B CHL V . -25.93 -8.53 -3.66
C4B CHL V . -24.98 -9.33 -4.47
CMB CHL V . -25.48 -6.74 -1.73
CAB CHL V . -27.41 -8.50 -3.70
CBB CHL V . -28.06 -8.22 -4.81
NC CHL V . -23.17 -11.24 -6.13
C1C CHL V . -24.53 -11.24 -6.23
C2C CHL V . -25.08 -12.28 -7.13
C3C CHL V . -23.90 -12.99 -7.63
C4C CHL V . -22.80 -12.26 -6.95
CMC CHL V . -26.48 -12.62 -7.50
OMC CHL V . -27.45 -12.05 -7.04
CAC CHL V . -23.81 -14.15 -8.58
CBC CHL V . -24.00 -13.62 -9.98
ND CHL V . -20.44 -11.02 -5.74
C1D CHL V . -20.25 -12.06 -6.60
C2D CHL V . -18.81 -12.44 -6.81
C3D CHL V . -18.18 -11.47 -5.93
C4D CHL V . -19.15 -10.74 -5.39
CMD CHL V . -17.99 -13.44 -7.57
CAD CHL V . -16.87 -11.02 -5.44
OBD CHL V . -15.73 -11.53 -5.77
CBD CHL V . -17.08 -9.89 -4.50
CGD CHL V . -16.50 -10.25 -3.17
O1D CHL V . -16.69 -11.35 -2.69
O2D CHL V . -15.69 -9.29 -2.44
CED CHL V . -15.59 -9.40 -1.02
C1 CHL V . -17.11 -3.93 0.26
C2 CHL V . -17.82 -3.73 1.57
C3 CHL V . -17.58 -4.52 2.63
C4 CHL V . -16.58 -5.65 2.53
C5 CHL V . -18.32 -4.25 3.91
C6 CHL V . -18.35 -5.49 4.80
C7 CHL V . -19.48 -5.39 5.79
C8 CHL V . -19.06 -5.43 7.26
C9 CHL V . -19.94 -4.45 8.01
C10 CHL V . -17.60 -5.09 7.49
C11 CHL V . -17.23 -5.20 8.98
C12 CHL V . -16.50 -3.95 9.47
C13 CHL V . -15.30 -4.34 10.31
C14 CHL V . -15.70 -4.72 11.73
C15 CHL V . -14.31 -3.18 10.31
C16 CHL V . -12.87 -3.67 10.18
C17 CHL V . -12.07 -3.31 11.43
C18 CHL V . -10.61 -3.03 11.06
C19 CHL V . -10.09 -1.81 11.81
C20 CHL V . -9.73 -4.24 11.30
MG CLA W . -10.04 -9.86 -9.15
CHA CLA W . -12.13 -8.33 -11.47
CHB CLA W . -7.38 -8.20 -10.53
CHC CLA W . -8.12 -10.71 -6.41
CHD CLA W . -12.94 -10.95 -7.41
NA CLA W . -9.81 -8.53 -10.75
C1A CLA W . -10.81 -8.00 -11.60
C2A CLA W . -10.21 -7.07 -12.65
C3A CLA W . -8.70 -7.29 -12.47
C4A CLA W . -8.60 -8.04 -11.15
CMA CLA W . -8.11 -8.10 -13.60
CAA CLA W . -10.62 -5.61 -12.45
CBA CLA W . -10.32 -5.03 -11.08
CGA CLA W . -8.92 -4.49 -10.97
O1A CLA W . -8.31 -3.77 -11.76
O2A CLA W . -8.32 -4.88 -9.81
NB CLA W . -8.15 -9.47 -8.56
C1B CLA W . -7.18 -8.90 -9.33
C2B CLA W . -5.84 -9.12 -8.73
C3B CLA W . -6.04 -9.83 -7.58
C4B CLA W . -7.50 -10.07 -7.44
CMB CLA W . -4.61 -8.63 -9.34
CAB CLA W . -5.07 -10.28 -6.61
CBB CLA W . -4.06 -9.55 -6.15
NC CLA W . -10.46 -10.72 -7.29
C1C CLA W . -9.52 -11.03 -6.34
C2C CLA W . -10.16 -11.68 -5.20
C3C CLA W . -11.53 -11.67 -5.45
C4C CLA W . -11.71 -11.09 -6.76
CMC CLA W . -9.48 -12.18 -4.01
CAC CLA W . -12.59 -12.24 -4.59
CBC CLA W . -13.05 -11.29 -3.50
ND CLA W . -12.05 -9.78 -9.38
C1D CLA W . -13.12 -10.34 -8.63
C2D CLA W . -14.38 -10.14 -9.35
C3D CLA W . -14.07 -9.40 -10.49
C4D CLA W . -12.60 -9.16 -10.42
CMD CLA W . -15.66 -10.66 -8.89
CAD CLA W . -14.54 -8.76 -11.70
OBD CLA W . -15.67 -8.78 -12.19
CBD CLA W . -13.34 -7.99 -12.32
CGD CLA W . -13.11 -8.36 -13.76
O1D CLA W . -13.19 -7.64 -14.75
O2D CLA W . -12.78 -9.67 -13.94
CED CLA W . -11.74 -9.99 -14.87
C1 CLA W . -6.89 -4.72 -9.70
C2 CLA W . -6.52 -5.29 -8.38
C3 CLA W . -5.55 -4.79 -7.59
C4 CLA W . -4.74 -3.60 -7.97
C5 CLA W . -5.22 -5.40 -6.28
C6 CLA W . -5.26 -4.39 -5.14
C7 CLA W . -5.22 -5.08 -3.81
C8 CLA W . -5.39 -4.10 -2.65
C9 CLA W . -4.31 -4.25 -1.60
C10 CLA W . -6.75 -4.24 -1.97
C11 CLA W . -6.99 -5.66 -1.47
C12 CLA W . -7.31 -5.75 0.00
C13 CLA W . -8.77 -6.09 0.21
MG CLA X . 0.28 -10.07 -3.90
CHA CLA X . 1.70 -7.99 -6.28
CHB CLA X . -2.15 -7.73 -3.32
CHC CLA X . -0.76 -11.84 -1.11
CHD CLA X . 3.15 -12.14 -4.09
NA CLA X . -0.14 -8.18 -4.69
C1A CLA X . 0.56 -7.49 -5.70
C2A CLA X . -0.09 -6.14 -6.02
C3A CLA X . -1.35 -6.15 -5.13
C4A CLA X . -1.22 -7.43 -4.31
CMA CLA X . -1.41 -4.93 -4.26
CAA CLA X . -0.40 -6.08 -7.51
CBA CLA X . -1.45 -5.07 -7.94
CGA CLA X . -0.89 -3.68 -8.11
O1A CLA X . -1.50 -2.66 -8.45
O2A CLA X . 0.45 -3.58 -7.86
NB CLA X . -1.16 -9.83 -2.50
C1B CLA X . -2.11 -8.86 -2.50
C2B CLA X . -3.13 -9.15 -1.45
C3B CLA X . -2.75 -10.30 -0.82
C4B CLA X . -1.49 -10.75 -1.48
CMB CLA X . -4.28 -8.29 -1.17
CAB CLA X . -3.36 -10.97 0.28
CBB CLA X . -2.83 -11.05 1.50
NC CLA X . 1.05 -11.70 -2.82
C1C CLA X . 0.43 -12.28 -1.74
C2C CLA X . 1.19 -13.43 -1.28
C3C CLA X . 2.32 -13.50 -2.09
C4C CLA X . 2.22 -12.42 -3.07
CMC CLA X . 0.82 -14.29 -0.16
CAC CLA X . 3.38 -14.51 -2.02
CBC CLA X . 2.98 -15.76 -2.76
ND CLA X . 2.05 -10.11 -4.88
C1D CLA X . 3.10 -11.06 -4.94
C2D CLA X . 4.03 -10.69 -6.03
C3D CLA X . 3.53 -9.54 -6.59
C4D CLA X . 2.31 -9.20 -5.83
CMD CLA X . 5.23 -11.44 -6.38
CAD CLA X . 3.72 -8.50 -7.60
OBD CLA X . 4.59 -8.40 -8.45
CBD CLA X . 2.56 -7.47 -7.42
CGD CLA X . 3.07 -6.08 -7.16
O1D CLA X . 3.39 -5.23 -8.00
O2D CLA X . 3.19 -5.75 -5.84
CED CLA X . 3.49 -4.39 -5.53
C1 CLA X . 0.96 -2.29 -7.45
C2 CLA X . 0.59 -2.14 -6.02
C3 CLA X . 0.71 -0.98 -5.35
C4 CLA X . 1.23 0.26 -6.01
C5 CLA X . 0.34 -0.90 -3.91
C6 CLA X . 1.04 -1.95 -3.09
C7 CLA X . 1.19 -1.51 -1.64
C8 CLA X . 1.78 -2.60 -0.75
C9 CLA X . 0.70 -3.59 -0.36
C10 CLA X . 2.40 -1.97 0.50
MG CLA Y . 2.83 -28.18 1.22
CHA CLA Y . 4.71 -29.96 3.54
CHB CLA Y . 5.24 -25.74 1.21
CHC CLA Y . 1.50 -26.90 -1.70
CHD CLA Y . 0.84 -31.10 0.77
NA CLA Y . 4.63 -27.90 2.24
C1A CLA Y . 5.24 -28.75 3.17
C2A CLA Y . 6.55 -28.17 3.71
C3A CLA Y . 6.53 -26.72 3.16
C4A CLA Y . 5.41 -26.77 2.12
CMA CLA Y . 6.24 -25.72 4.24
CAA CLA Y . 7.77 -28.96 3.22
CBA CLA Y . 7.69 -29.30 1.75
CGA CLA Y . 8.97 -29.97 1.30
O1A CLA Y . 9.89 -30.41 1.99
O2A CLA Y . 9.06 -30.07 -0.06
NB CLA Y . 3.30 -26.65 -0.01
C1B CLA Y . 4.25 -25.70 0.21
C2B CLA Y . 4.10 -24.58 -0.76
C3B CLA Y . 3.05 -24.90 -1.58
C4B CLA Y . 2.52 -26.22 -1.11
CMB CLA Y . 4.98 -23.42 -0.79
CAB CLA Y . 2.50 -24.20 -2.71
CBB CLA Y . 2.13 -22.92 -2.70
NC CLA Y . 1.39 -28.85 -0.15
C1C CLA Y . 0.96 -28.13 -1.24
C2C CLA Y . -0.09 -28.85 -1.95
C3C CLA Y . -0.23 -30.09 -1.30
C4C CLA Y . 0.69 -30.05 -0.16
CMC CLA Y . -0.75 -28.37 -3.16
CAC CLA Y . -1.14 -31.19 -1.62
CBC CLA Y . -0.44 -32.30 -2.36
ND CLA Y . 2.68 -30.05 1.99
C1D CLA Y . 1.76 -31.11 1.78
C2D CLA Y . 2.00 -32.16 2.80
C3D CLA Y . 3.12 -31.77 3.50
C4D CLA Y . 3.53 -30.47 2.94
CMD CLA Y . 1.19 -33.38 2.94
CAD CLA Y . 4.04 -32.08 4.58
OBD CLA Y . 4.02 -33.02 5.37
CBD CLA Y . 5.14 -30.97 4.57
CGD CLA Y . 5.31 -30.35 5.93
O1D CLA Y . 6.37 -30.15 6.55
O2D CLA Y . 4.15 -29.98 6.51
CED CLA Y . 4.20 -29.20 7.71
C1 CLA Y . 9.21 -31.39 -0.62
C2 CLA Y . 9.07 -31.25 -2.09
C3 CLA Y . 9.30 -32.26 -2.94
C4 CLA Y . 9.72 -33.61 -2.48
C5 CLA Y . 9.16 -32.06 -4.41
MG CHL Z . 17.92 -34.26 2.14
CHA CHL Z . 16.54 -36.87 0.17
CHB CHL Z . 19.69 -36.66 3.86
CHC CHL Z . 19.57 -31.66 3.89
CHD CHL Z . 16.20 -31.82 0.16
NA CHL Z . 18.01 -36.26 2.13
C1A CHL Z . 17.43 -37.13 1.34
C2A CHL Z . 17.66 -38.57 1.69
C3A CHL Z . 18.40 -38.45 2.98
C4A CHL Z . 18.75 -37.00 2.99
CMA CHL Z . 17.53 -38.76 4.19
CAA CHL Z . 18.43 -39.36 0.65
NB CHL Z . 19.35 -34.17 3.61
C1B CHL Z . 19.93 -35.24 4.15
C2B CHL Z . 20.95 -34.91 5.19
C3B CHL Z . 20.93 -33.43 5.22
C4B CHL Z . 19.90 -33.06 4.19
CMB CHL Z . 21.76 -35.88 6.00
CAB CHL Z . 21.84 -32.71 6.15
CBB CHL Z . 22.01 -31.40 6.27
NC CHL Z . 17.88 -32.20 2.05
C1C CHL Z . 18.61 -31.36 2.83
C2C CHL Z . 18.34 -29.94 2.50
C3C CHL Z . 17.36 -29.97 1.41
C4C CHL Z . 17.14 -31.42 1.21
CMC CHL Z . 18.87 -28.66 3.04
OMC CHL Z . 19.69 -28.66 3.95
CAC CHL Z . 16.74 -28.79 0.70
CBC CHL Z . 17.65 -28.31 -0.41
ND CHL Z . 16.64 -34.23 0.54
C1D CHL Z . 16.06 -33.25 -0.13
C2D CHL Z . 15.24 -33.79 -1.24
C3D CHL Z . 15.43 -35.25 -1.12
C4D CHL Z . 16.29 -35.44 -0.03
CMD CHL Z . 14.42 -32.98 -2.22
CAD CHL Z . 15.11 -36.60 -1.65
OBD CHL Z . 14.33 -36.67 -2.67
CBD CHL Z . 15.80 -37.64 -0.86
CGD CHL Z . 14.79 -38.61 -0.34
O1D CHL Z . 13.60 -38.32 -0.35
O2D CHL Z . 15.17 -39.93 0.14
CED CHL Z . 14.17 -40.75 0.73
MG CHL AA . 10.18 -25.09 -0.47
CHA CHL AA . 11.82 -27.92 -1.76
CHB CHL AA . 9.67 -24.05 -3.71
CHC CHL AA . 8.25 -22.42 0.81
CHD CHL AA . 11.03 -26.10 2.88
NA CHL AA . 10.60 -25.81 -2.29
C1A CHL AA . 11.15 -26.92 -2.62
C2A CHL AA . 11.11 -27.25 -4.08
C3A CHL AA . 10.72 -25.93 -4.67
C4A CHL AA . 10.30 -25.19 -3.45
CMA CHL AA . 11.86 -25.22 -5.39
CAA CHL AA . 10.10 -28.36 -4.32
CBA CHL AA . 10.12 -28.79 -5.78
CGA CHL AA . 11.40 -29.54 -6.07
O1A CHL AA . 11.75 -30.47 -5.37
O2A CHL AA . 12.22 -29.15 -7.21
NB CHL AA . 9.15 -23.52 -1.29
C1B CHL AA . 9.08 -23.29 -2.61
C2B CHL AA . 8.28 -22.11 -2.97
C3B CHL AA . 7.85 -21.60 -1.65
C4B CHL AA . 8.44 -22.56 -0.66
CMB CHL AA . 8.01 -21.58 -4.35
CAB CHL AA . 6.99 -20.39 -1.62
CBB CHL AA . 6.46 -19.86 -0.53
NC CHL AA . 9.74 -24.40 1.42
C1C CHL AA . 8.95 -23.35 1.71
C2C CHL AA . 8.84 -23.13 3.17
C3C CHL AA . 9.65 -24.20 3.78
C4C CHL AA . 10.17 -24.94 2.61
CMC CHL AA . 8.11 -22.11 3.96
OMC CHL AA . 8.16 -22.14 5.17
CAC CHL AA . 9.90 -24.48 5.24
CBC CHL AA . 11.09 -23.69 5.73
ND CHL AA . 11.18 -26.62 0.46
C1D CHL AA . 11.44 -26.90 1.72
C2D CHL AA . 12.21 -28.15 1.83
C3D CHL AA . 12.38 -28.57 0.41
C4D CHL AA . 11.72 -27.60 -0.34
CMD CHL AA . 12.70 -28.78 3.10
CAD CHL AA . 12.92 -29.57 -0.55
OBD CHL AA . 13.56 -30.56 -0.05
CBD CHL AA . 12.58 -29.18 -1.93
CGD CHL AA . 13.82 -28.98 -2.74
O1D CHL AA . 14.48 -27.95 -2.62
O2D CHL AA . 14.27 -30.00 -3.66
CED CHL AA . 15.45 -29.80 -4.44
MG CHL BA . 7.95 -18.07 5.70
CHA CHL BA . 8.24 -18.39 9.12
CHB CHL BA . 5.19 -16.31 6.06
CHC CHL BA . 7.48 -18.31 2.31
CHD CHL BA . 11.19 -19.51 5.34
NA CHL BA . 6.83 -17.56 7.28
C1A CHL BA . 6.98 -17.80 8.55
C2A CHL BA . 5.72 -17.50 9.35
C3A CHL BA . 4.85 -16.79 8.35
C4A CHL BA . 5.68 -16.88 7.14
CMA CHL BA . 3.53 -17.46 8.07
CAA CHL BA . 5.77 -16.63 10.62
CBA CHL BA . 6.29 -15.22 10.39
CGA CHL BA . 5.23 -14.19 10.69
O1A CHL BA . 5.50 -13.00 10.68
O2A CHL BA . 3.87 -14.58 10.98
NB CHL BA . 6.54 -17.42 4.39
C1B CHL BA . 5.44 -16.72 4.70
C2B CHL BA . 4.54 -16.35 3.57
C3B CHL BA . 5.24 -16.97 2.45
C4B CHL BA . 6.45 -17.58 3.06
CMB CHL BA . 3.26 -15.58 3.63
CAB CHL BA . 4.84 -16.94 1.03
CBB CHL BA . 5.62 -16.39 0.14
NC CHL BA . 9.12 -18.77 4.14
C1C CHL BA . 8.78 -18.78 2.84
C2C CHL BA . 9.81 -19.33 1.95
C3C CHL BA . 10.92 -19.71 2.82
C4C CHL BA . 10.38 -19.31 4.14
CMC CHL BA . 9.76 -19.48 0.48
OMC CHL BA . 9.40 -18.57 -0.24
CAC CHL BA . 12.26 -20.31 2.48
CBC CHL BA . 12.13 -21.81 2.43
ND CHL BA . 9.44 -18.81 6.87
C1D CHL BA . 10.66 -19.36 6.70
C2D CHL BA . 11.36 -19.74 7.97
C3D CHL BA . 10.33 -19.34 8.91
C4D CHL BA . 9.31 -18.84 8.23
CMD CHL BA . 12.64 -20.36 8.44
CAD CHL BA . 10.04 -19.30 10.36
OBD CHL BA . 10.82 -19.70 11.30
CBD CHL BA . 8.69 -18.70 10.53
CGD CHL BA . 7.80 -19.68 11.19
O1D CHL BA . 7.06 -20.39 10.52
O2D CHL BA . 7.80 -19.78 12.64
CED CHL BA . 6.77 -19.13 13.38
C1 CHL BA . 2.83 -13.63 10.76
C2 CHL BA . 2.49 -13.63 9.29
C3 CHL BA . 1.51 -14.40 8.78
C4 CHL BA . 0.68 -15.29 9.66
C5 CHL BA . 1.22 -14.36 7.30
C6 CHL BA . 1.01 -12.91 6.90
C7 CHL BA . 1.25 -12.71 5.40
C8 CHL BA . 1.91 -11.38 5.03
C9 CHL BA . 1.67 -10.25 6.05
C10 CHL BA . 1.42 -10.95 3.66
C11 CHL BA . 2.15 -11.71 2.57
C12 CHL BA . 3.19 -10.85 1.87
C13 CHL BA . 4.11 -11.72 1.02
C14 CHL BA . 4.81 -12.74 1.89
C15 CHL BA . 5.15 -10.87 0.29
C16 CHL BA . 5.32 -11.37 -1.14
C17 CHL BA . 6.55 -12.26 -1.29
C18 CHL BA . 7.31 -11.92 -2.56
C19 CHL BA . 8.64 -11.30 -2.19
C20 CHL BA . 7.48 -13.15 -3.44
MG CHL CA . 5.92 -23.13 -15.54
CHA CHL CA . 3.23 -22.50 -13.36
CHB CHL CA . 7.30 -25.12 -13.09
CHC CHL CA . 8.47 -24.04 -17.83
CHD CHL CA . 4.51 -20.91 -17.99
NA CHL CA . 5.42 -23.68 -13.69
C1A CHL CA . 4.36 -23.41 -13.00
C2A CHL CA . 4.28 -24.02 -11.63
C3A CHL CA . 5.65 -24.61 -11.49
C4A CHL CA . 6.17 -24.46 -12.87
CMA CHL CA . 6.52 -23.87 -10.49
CAA CHL CA . 3.18 -25.07 -11.48
CBA CHL CA . 3.25 -26.20 -12.50
CGA CHL CA . 1.87 -26.45 -13.06
O1A CHL CA . 1.21 -25.52 -13.53
O2A CHL CA . 1.29 -27.78 -13.02
NB CHL CA . 7.57 -24.35 -15.48
C1B CHL CA . 7.94 -25.04 -14.40
C2B CHL CA . 9.16 -25.86 -14.60
C3B CHL CA . 9.54 -25.56 -15.98
C4B CHL CA . 8.47 -24.61 -16.47
CMB CHL CA . 9.83 -26.75 -13.58
CAB CHL CA . 10.73 -26.25 -16.55
CBB CHL CA . 11.07 -26.30 -17.83
NC CHL CA . 6.40 -22.60 -17.48
C1C CHL CA . 7.44 -23.07 -18.20
C2C CHL CA . 7.48 -22.46 -19.55
C3C CHL CA . 6.33 -21.55 -19.61
C4C CHL CA . 5.73 -21.70 -18.26
CMC CHL CA . 8.41 -22.63 -20.70
OMC CHL CA . 9.36 -23.40 -20.62
CAC CHL CA . 5.89 -20.67 -20.76
CBC CHL CA . 5.09 -21.47 -21.76
ND CHL CA . 4.28 -21.93 -15.73
C1D CHL CA . 3.85 -21.14 -16.71
C2D CHL CA . 2.56 -20.51 -16.33
C3D CHL CA . 2.32 -21.05 -14.96
C4D CHL CA . 3.39 -21.90 -14.68
CMD CHL CA . 1.77 -19.54 -17.16
CAD CHL CA . 1.43 -21.10 -13.78
OBD CHL CA . 0.35 -20.38 -13.81
CBD CHL CA . 1.98 -22.01 -12.76
CGD CHL CA . 2.19 -21.32 -11.46
O1D CHL CA . 3.27 -20.82 -11.17
O2D CHL CA . 1.10 -21.24 -10.51
CED CHL CA . 1.29 -21.57 -9.14
C1 CHL CA . 0.40 -28.20 -14.04
C2 CHL CA . 1.15 -29.01 -15.08
C3 CHL CA . 1.51 -30.29 -14.84
MG CHL DA . 7.32 -14.48 -9.06
CHA CHL DA . 4.74 -12.50 -10.21
CHB CHL DA . 9.32 -13.29 -11.45
CHC CHL DA . 9.93 -15.94 -7.42
CHD CHL DA . 5.03 -16.06 -6.85
NA CHL DA . 7.13 -13.09 -10.49
C1A CHL DA . 6.11 -12.34 -10.77
C2A CHL DA . 6.42 -11.22 -11.72
C3A CHL DA . 7.76 -11.64 -12.27
C4A CHL DA . 8.10 -12.76 -11.35
CMA CHL DA . 7.63 -12.20 -13.67
CAA CHL DA . 6.44 -9.83 -11.08
CBA CHL DA . 7.76 -9.42 -10.42
CGA CHL DA . 7.59 -8.27 -9.47
O1A CHL DA . 7.09 -7.22 -9.86
O2A CHL DA . 8.01 -8.37 -8.10
NB CHL DA . 9.33 -14.58 -9.38
C1B CHL DA . 10.01 -14.04 -10.39
C2B CHL DA . 11.47 -14.27 -10.38
C3B CHL DA . 11.63 -15.07 -9.16
C4B CHL DA . 10.26 -15.19 -8.63
CMB CHL DA . 12.49 -13.81 -11.38
CAB CHL DA . 12.88 -15.61 -8.60
CBB CHL DA . 13.30 -15.33 -7.39
NC CHL DA . 7.45 -15.76 -7.45
C1C CHL DA . 8.58 -16.27 -6.91
C2C CHL DA . 8.37 -17.17 -5.75
C3C CHL DA . 6.92 -17.21 -5.59
C4C CHL DA . 6.47 -16.31 -6.68
CMC CHL DA . 9.34 -17.91 -4.91
OMC CHL DA . 10.55 -17.74 -4.95
CAC CHL DA . 6.10 -17.95 -4.57
CBC CHL DA . 6.26 -17.22 -3.27
ND CHL DA . 5.36 -14.37 -8.57
C1D CHL DA . 4.49 -14.99 -7.71
C2D CHL DA . 3.07 -14.49 -7.78
C3D CHL DA . 3.23 -13.48 -8.81
C4D CHL DA . 4.51 -13.49 -9.18
CMD CHL DA . 1.74 -14.72 -7.15
CAD CHL DA . 2.49 -12.46 -9.58
OBD CHL DA . 1.24 -12.20 -9.47
CBD CHL DA . 3.44 -11.80 -10.52
CGD CHL DA . 3.02 -12.06 -11.92
O1D CHL DA . 3.12 -13.18 -12.40
O2D CHL DA . 2.47 -10.99 -12.74
CED CHL DA . 2.49 -11.11 -14.16
C1 CHL DA . 7.78 -7.28 -7.22
C2 CHL DA . 6.96 -7.73 -6.03
C3 CHL DA . 7.50 -7.96 -4.83
C4 CHL DA . 8.97 -7.79 -4.59
C5 CHL DA . 6.62 -8.42 -3.69
C6 CHL DA . 5.53 -7.41 -3.39
C7 CHL DA . 4.43 -8.12 -2.60
C8 CHL DA . 3.18 -7.30 -2.32
C9 CHL DA . 3.53 -5.91 -1.81
C10 CHL DA . 2.35 -8.11 -1.33
C11 CHL DA . 1.41 -7.33 -0.44
C12 CHL DA . 0.84 -8.26 0.63
C13 CHL DA . -0.40 -7.74 1.38
C14 CHL DA . -1.19 -6.66 0.64
C15 CHL DA . 0.01 -7.25 2.75
C16 CHL DA . -1.21 -7.10 3.65
C17 CHL DA . -1.10 -7.96 4.89
C18 CHL DA . -2.45 -8.59 5.21
C19 CHL DA . -2.32 -10.10 5.39
C20 CHL DA . -3.06 -7.95 6.45
MG CLA EA . -5.26 -24.19 -14.38
CHA CLA EA . -4.42 -24.81 -17.71
CHB CLA EA . -8.48 -25.13 -15.12
CHC CLA EA . -5.90 -24.59 -11.01
CHD CLA EA . -1.79 -24.04 -13.65
NA CLA EA . -6.27 -24.80 -16.12
C1A CLA EA . -5.74 -25.00 -17.40
C2A CLA EA . -6.83 -25.43 -18.38
C3A CLA EA . -8.11 -25.08 -17.61
C4A CLA EA . -7.61 -25.02 -16.17
CMA CLA EA . -8.64 -23.74 -18.07
CAA CLA EA . -6.75 -26.91 -18.72
CBA CLA EA . -6.48 -27.85 -17.55
CGA CLA EA . -7.74 -28.17 -16.82
O1A CLA EA . -8.85 -28.44 -17.30
O2A CLA EA . -7.61 -28.19 -15.46
NB CLA EA . -6.85 -24.79 -13.29
C1B CLA EA . -8.11 -25.05 -13.77
C2B CLA EA . -9.07 -25.21 -12.65
C3B CLA EA . -8.36 -25.05 -11.49
C4B CLA EA . -6.94 -24.78 -11.88
CMB CLA EA . -10.50 -25.47 -12.86
CAB CLA EA . -8.83 -25.13 -10.13
CBB CLA EA . -9.38 -26.20 -9.58
NC CLA EA . -4.07 -24.21 -12.65
C1C CLA EA . -4.55 -24.30 -11.37
C2C CLA EA . -3.46 -24.18 -10.41
C3C CLA EA . -2.29 -24.14 -11.17
C4C CLA EA . -2.68 -24.14 -12.57
CMC CLA EA . -3.59 -24.19 -8.95
CAC CLA EA . -0.92 -24.03 -10.65
CBC CLA EA . -0.28 -25.39 -10.48
ND CLA EA . -3.50 -24.23 -15.39
C1D CLA EA . -2.15 -24.08 -14.98
C2D CLA EA . -1.29 -24.02 -16.19
C3D CLA EA . -2.12 -24.26 -17.27
C4D CLA EA . -3.47 -24.45 -16.70
CMD CLA EA . 0.14 -23.76 -16.18
CAD CLA EA . -2.21 -24.41 -18.71
OBD CLA EA . -1.36 -24.24 -19.58
CBD CLA EA . -3.67 -24.87 -19.02
CGD CLA EA . -4.30 -24.01 -20.09
O1D CLA EA . -5.33 -23.35 -20.02
O2D CLA EA . -3.60 -23.98 -21.25
CED CLA EA . -4.30 -24.29 -22.46
C1 CLA EA . -8.51 -29.07 -14.76
C2 CLA EA . -8.24 -28.97 -13.31
C3 CLA EA . -8.80 -29.81 -12.41
C4 CLA EA . -9.73 -30.88 -12.85
C5 CLA EA . -8.51 -29.69 -10.96
C6 CLA EA . -8.02 -31.00 -10.35
C7 CLA EA . -7.47 -30.80 -8.95
C8 CLA EA . -6.14 -31.51 -8.71
C9 CLA EA . -6.27 -33.01 -8.97
C10 CLA EA . -5.66 -31.24 -7.28
C11 CLA EA . -4.29 -31.79 -6.98
C12 CLA EA . -3.30 -30.75 -6.53
C13 CLA EA . -1.87 -31.21 -6.79
C14 CLA EA . -1.54 -32.45 -5.95
C15 CLA EA . -0.85 -30.11 -6.51
C16 CLA EA . 0.42 -30.28 -7.31
C17 CLA EA . 1.02 -28.96 -7.74
C18 CLA EA . 2.05 -29.12 -8.84
C19 CLA EA . 1.39 -29.21 -10.20
C20 CLA EA . 3.04 -27.97 -8.82
MG CLA FA . -21.48 -21.03 -7.39
CHA CLA FA . -19.70 -22.60 -9.92
CHB CLA FA . -24.40 -22.01 -8.90
CHC CLA FA . -23.23 -20.18 -4.54
CHD CLA FA . -18.44 -20.64 -5.59
NA CLA FA . -21.94 -22.11 -9.12
C1A CLA FA . -21.06 -22.68 -10.05
C2A CLA FA . -21.81 -23.36 -11.20
C3A CLA FA . -23.28 -22.95 -10.93
C4A CLA FA . -23.23 -22.33 -9.54
CMA CLA FA . -23.79 -21.95 -11.94
CAA CLA FA . -21.55 -24.87 -11.28
CBA CLA FA . -22.48 -25.77 -10.49
CGA CLA FA . -22.14 -27.20 -10.78
NB CLA FA . -23.41 -21.12 -6.82
C1B CLA FA . -24.46 -21.43 -7.63
C2B CLA FA . -25.75 -21.07 -6.96
C3B CLA FA . -25.43 -20.56 -5.73
C4B CLA FA . -23.94 -20.57 -5.62
CMB CLA FA . -27.07 -21.29 -7.57
CAB CLA FA . -26.29 -20.07 -4.68
CBB CLA FA . -26.52 -20.72 -3.54
NC CLA FA . -20.92 -20.49 -5.44
C1C CLA FA . -21.81 -20.15 -4.44
C2C CLA FA . -21.08 -19.76 -3.24
C3C CLA FA . -19.73 -19.93 -3.52
C4C CLA FA . -19.63 -20.38 -4.91
CMC CLA FA . -21.71 -19.32 -1.99
CAC CLA FA . -18.61 -19.67 -2.59
CBC CLA FA . -18.39 -20.81 -1.63
ND CLA FA . -19.52 -21.48 -7.62
C1D CLA FA . -18.36 -21.15 -6.87
C2D CLA FA . -17.16 -21.48 -7.66
C3D CLA FA . -17.61 -22.03 -8.85
C4D CLA FA . -19.09 -22.03 -8.76
CMD CLA FA . -15.79 -21.25 -7.22
CAD CLA FA . -17.24 -22.61 -10.12
OBD CLA FA . -16.13 -22.80 -10.60
CBD CLA FA . -18.57 -23.00 -10.85
CGD CLA FA . -18.67 -22.31 -12.19
O1D CLA FA . -18.19 -21.23 -12.51
O2D CLA FA . -19.39 -23.00 -13.12
CED CLA FA . -18.97 -22.92 -14.47
MG CLA GA . -13.61 -26.48 -6.03
CHA CLA GA . -15.34 -27.18 -8.96
CHB CLA GA . -11.01 -28.41 -7.15
CHC CLA GA . -12.22 -26.43 -2.87
CHD CLA GA . -16.59 -25.09 -4.69
NA CLA GA . -13.24 -27.58 -7.78
C1A CLA GA . -14.08 -27.73 -8.89
C2A CLA GA . -13.42 -28.58 -9.97
C3A CLA GA . -12.01 -28.85 -9.41
C4A CLA GA . -12.07 -28.25 -8.01
CMA CLA GA . -11.71 -30.33 -9.36
CAA CLA GA . -13.25 -27.80 -11.26
CBA CLA GA . -12.88 -28.68 -12.43
CGA CLA GA . -14.01 -29.60 -12.78
O1A CLA GA . -15.06 -29.36 -13.35
O2A CLA GA . -13.78 -30.89 -12.36
NB CLA GA . -11.94 -27.24 -5.19
C1B CLA GA . -10.96 -27.94 -5.83
C2B CLA GA . -9.81 -28.17 -4.92
C3B CLA GA . -10.14 -27.62 -3.72
C4B CLA GA . -11.51 -27.03 -3.86
CMB CLA GA . -8.62 -28.93 -5.31
CAB CLA GA . -9.41 -27.61 -2.47
CBB CLA GA . -9.79 -28.29 -1.38
NC CLA GA . -14.27 -25.83 -4.15
C1C CLA GA . -13.51 -25.85 -3.01
C2C CLA GA . -14.26 -25.26 -1.90
C3C CLA GA . -15.53 -24.94 -2.39
C4C CLA GA . -15.51 -25.28 -3.81
CMC CLA GA . -13.76 -25.10 -0.53
CAC CLA GA . -16.63 -24.30 -1.67
CBC CLA GA . -17.47 -25.28 -0.89
ND CLA GA . -15.52 -26.18 -6.60
C1D CLA GA . -16.62 -25.52 -6.00
C2D CLA GA . -17.72 -25.39 -6.97
C3D CLA GA . -17.29 -26.02 -8.12
C4D CLA GA . -15.92 -26.50 -7.84
CMD CLA GA . -19.01 -24.75 -6.70
CAD CLA GA . -17.62 -26.41 -9.48
OBD CLA GA . -18.66 -26.24 -10.11
CBD CLA GA . -16.39 -27.17 -10.05
CGD CLA GA . -16.72 -28.56 -10.50
O1D CLA GA . -17.17 -28.93 -11.58
O2D CLA GA . -16.48 -29.50 -9.53
CED CLA GA . -16.55 -30.88 -9.91
MG CLA HA . -12.33 -16.46 8.81
CHA CLA HA . -12.64 -16.59 12.26
CHB CLA HA . -14.34 -19.23 8.56
CHC CLA HA . -12.73 -15.85 5.44
CHD CLA HA . -10.96 -13.19 9.16
NA CLA HA . -13.29 -17.70 10.19
C1A CLA HA . -13.30 -17.58 11.59
C2A CLA HA . -14.12 -18.69 12.25
C3A CLA HA . -14.48 -19.61 11.06
C4A CLA HA . -14.02 -18.81 9.84
CMA CLA HA . -13.82 -20.96 11.18
CAA CLA HA . -15.33 -18.14 12.97
CBA CLA HA . -16.31 -17.37 12.10
CGA CLA HA . -16.11 -15.89 12.26
O1A CLA HA . -15.78 -15.26 13.27
O2A CLA HA . -16.36 -15.21 11.11
NB CLA HA . -13.37 -17.33 7.32
C1B CLA HA . -13.98 -18.55 7.39
C2B CLA HA . -14.25 -19.08 6.01
C3B CLA HA . -13.79 -18.13 5.13
C4B CLA HA . -13.24 -17.02 5.94
CMB CLA HA . -14.91 -20.36 5.74
CAB CLA HA . -13.84 -18.10 3.69
CBB CLA HA . -14.95 -18.25 2.96
NC CLA HA . -11.87 -14.85 7.54
C1C CLA HA . -12.08 -14.84 6.19
C2C CLA HA . -11.61 -13.60 5.61
C3C CLA HA . -11.17 -12.80 6.67
C4C CLA HA . -11.32 -13.61 7.88
CMC CLA HA . -11.68 -13.26 4.19
CAC CLA HA . -10.61 -11.46 6.59
CBC CLA HA . -11.67 -10.39 6.74
ND CLA HA . -11.80 -15.19 10.30
C1D CLA HA . -11.18 -13.91 10.31
C2D CLA HA . -10.84 -13.56 11.71
C3D CLA HA . -11.33 -14.58 12.50
C4D CLA HA . -11.98 -15.53 11.57
CMD CLA HA . -10.12 -12.35 12.10
CAD CLA HA . -11.48 -15.10 13.85
OBD CLA HA . -11.00 -14.70 14.90
CBD CLA HA . -12.43 -16.35 13.74
CGD CLA HA . -11.83 -17.55 14.43
O1D CLA HA . -10.67 -17.95 14.36
O2D CLA HA . -12.71 -18.24 15.19
CED CLA HA . -12.40 -19.60 15.51
C1 CLA HA . -15.50 -14.08 10.83
C2 CLA HA . -15.56 -13.88 9.36
C3 CLA HA . -15.01 -12.81 8.76
C4 CLA HA . -14.31 -11.77 9.57
C5 CLA HA . -15.03 -12.52 7.28
C6 CLA HA . -15.45 -13.65 6.33
C7 CLA HA . -16.63 -13.24 5.47
C8 CLA HA . -17.59 -14.40 5.19
C9 CLA HA . -16.93 -15.49 4.37
C10 CLA HA . -18.83 -13.89 4.47
C11 CLA HA . -20.07 -13.95 5.34
C12 CLA HA . -20.67 -15.33 5.42
C13 CLA HA . -21.68 -15.43 6.56
C14 CLA HA . -21.97 -16.88 6.89
C15 CLA HA . -22.99 -14.69 6.24
C16 CLA HA . -23.13 -13.40 7.01
C17 CLA HA . -23.29 -13.60 8.51
C18 CLA HA . -23.93 -12.41 9.20
C19 CLA HA . -23.86 -12.58 10.71
C20 CLA HA . -23.27 -11.11 8.81
MG CLA IA . -20.78 -20.40 11.21
CHA CLA IA . -20.98 -16.94 11.31
CHB CLA IA . -23.48 -20.56 13.33
CHC CLA IA . -21.11 -23.76 10.52
CHD CLA IA . -18.50 -20.12 8.50
NA CLA IA . -21.99 -18.99 12.16
C1A CLA IA . -21.90 -17.58 12.09
C2A CLA IA . -22.96 -16.90 12.94
C3A CLA IA . -23.57 -18.07 13.74
C4A CLA IA . -23.00 -19.31 13.03
CMA CLA IA . -23.19 -18.03 15.20
CAA CLA IA . -23.99 -16.21 12.06
CBA CLA IA . -24.39 -17.04 10.86
CGA CLA IA . -25.83 -16.83 10.54
O1A CLA IA . -26.80 -16.88 11.30
O2A CLA IA . -26.05 -16.56 9.22
NB CLA IA . -22.06 -21.86 11.80
C1B CLA IA . -23.02 -21.75 12.74
C2B CLA IA . -23.56 -23.10 13.09
C3B CLA IA . -22.90 -24.00 12.30
C4B CLA IA . -21.94 -23.24 11.47
CMB CLA IA . -24.63 -23.31 14.07
CAB CLA IA . -23.04 -25.43 12.20
CBB CLA IA . -22.75 -26.29 13.17
NC CLA IA . -19.92 -21.70 9.80
C1C CLA IA . -20.16 -23.04 9.74
C2C CLA IA . -19.35 -23.66 8.69
C3C CLA IA . -18.66 -22.61 8.07
C4C CLA IA . -19.01 -21.39 8.78
CMC CLA IA . -19.35 -25.08 8.37
CAC CLA IA . -17.70 -22.71 6.96
CBC CLA IA . -18.29 -22.32 5.63
ND CLA IA . -19.89 -18.93 10.14
C1D CLA IA . -18.90 -18.95 9.12
C2D CLA IA . -18.44 -17.56 8.87
C3D CLA IA . -19.19 -16.75 9.71
C4D CLA IA . -20.10 -17.65 10.45
CMD CLA IA . -17.40 -17.19 7.91
CAD CLA IA . -19.45 -15.39 10.15
OBD CLA IA . -18.88 -14.34 9.85
CBD CLA IA . -20.65 -15.48 11.16
CGD CLA IA . -20.30 -14.84 12.47
O1D CLA IA . -20.12 -15.39 13.56
O2D CLA IA . -20.17 -13.48 12.41
CED CLA IA . -18.95 -12.90 12.88
C1 CLA IA . -26.78 -17.55 8.48
C2 CLA IA . -26.86 -17.08 7.07
C3 CLA IA . -25.84 -17.22 6.21
C1 LUT JA . -11.42 -23.38 6.33
C2 LUT JA . -11.21 -23.27 7.83
C3 LUT JA . -11.56 -21.91 8.41
C4 LUT JA . -10.74 -20.89 7.66
C5 LUT JA . -11.09 -20.92 6.20
C6 LUT JA . -11.67 -22.02 5.68
C7 LUT JA . -12.26 -21.99 4.35
C8 LUT JA . -11.32 -22.41 3.47
C9 LUT JA . -11.54 -22.46 2.01
C10 LUT JA . -10.49 -22.90 1.26
C11 LUT JA . -10.52 -23.05 -0.19
C12 LUT JA . -9.48 -23.53 -0.84
C13 LUT JA . -9.53 -23.76 -2.29
C14 LUT JA . -8.48 -24.40 -2.82
C15 LUT JA . -8.34 -24.79 -4.23
C16 LUT JA . -12.66 -24.24 6.12
C17 LUT JA . -10.20 -24.16 5.82
C18 LUT JA . -10.77 -19.70 5.38
C19 LUT JA . -12.86 -22.06 1.40
C20 LUT JA . -10.76 -23.35 -3.07
O3 LUT JA . -11.19 -21.94 9.79
C21 LUT JA . -4.48 -31.08 -14.45
C22 LUT JA . -5.05 -31.48 -15.79
C23 LUT JA . -4.17 -31.04 -16.95
C24 LUT JA . -3.45 -29.73 -16.68
C25 LUT JA . -3.53 -29.04 -15.53
C26 LUT JA . -4.33 -29.55 -14.36
C27 LUT JA . -3.78 -29.27 -12.96
C28 LUT JA . -4.55 -28.63 -12.09
C29 LUT JA . -4.16 -28.37 -10.68
C30 LUT JA . -5.11 -27.79 -9.92
C31 LUT JA . -4.99 -27.48 -8.49
C32 LUT JA . -6.04 -26.90 -7.88
C33 LUT JA . -6.01 -26.54 -6.45
C34 LUT JA . -7.10 -25.89 -5.97
C35 LUT JA . -7.26 -25.46 -4.58
C36 LUT JA . -3.14 -31.79 -14.24
C37 LUT JA . -5.46 -31.56 -13.38
C38 LUT JA . -2.87 -27.69 -15.48
C39 LUT JA . -2.81 -28.80 -10.16
C40 LUT JA . -4.84 -26.95 -5.61
O23 LUT JA . -4.99 -30.90 -18.11
C1 LUT KA . 3.86 -21.03 3.17
C2 LUT KA . 4.22 -22.03 4.28
C3 LUT KA . 3.20 -23.11 4.59
C4 LUT KA . 1.81 -22.74 4.09
C5 LUT KA . 1.95 -22.46 2.62
C6 LUT KA . 2.76 -21.49 2.23
C7 LUT KA . 2.54 -20.71 0.99
C8 LUT KA . 1.29 -20.49 0.59
C9 LUT KA . 1.05 -19.51 -0.50
C10 LUT KA . -0.15 -18.90 -0.54
C11 LUT KA . -0.47 -17.80 -1.45
C12 LUT KA . -1.57 -17.08 -1.24
C13 LUT KA . -1.89 -15.91 -2.07
C14 LUT KA . -2.95 -15.16 -1.69
C15 LUT KA . -3.39 -13.95 -2.39
C16 LUT KA . 5.13 -20.68 2.41
C17 LUT KA . 3.31 -19.75 3.81
C18 LUT KA . 1.27 -23.37 1.65
C19 LUT KA . 2.18 -19.16 -1.45
C20 LUT KA . -1.02 -15.59 -3.26
O3 LUT KA . 3.18 -23.23 6.02
C21 LUT KA . -10.24 -3.60 -5.85
C22 LUT KA . -10.70 -2.60 -6.89
C23 LUT KA . -12.05 -2.95 -7.47
C24 LUT KA . -12.15 -4.41 -7.83
C25 LUT KA . -11.30 -5.34 -7.36
C26 LUT KA . -10.15 -5.01 -6.43
C27 LUT KA . -10.08 -6.02 -5.31
C28 LUT KA . -8.96 -6.71 -5.14
C29 LUT KA . -8.83 -7.72 -4.06
C30 LUT KA . -7.67 -8.41 -4.02
C31 LUT KA . -7.39 -9.48 -3.06
C32 LUT KA . -6.27 -10.19 -3.20
C33 LUT KA . -5.95 -11.33 -2.32
C34 LUT KA . -4.87 -12.07 -2.65
C35 LUT KA . -4.44 -13.27 -1.94
C36 LUT KA . -11.19 -3.54 -4.65
C37 LUT KA . -8.83 -3.22 -5.41
C38 LUT KA . -11.49 -6.77 -7.80
C39 LUT KA . -9.97 -7.91 -3.09
C40 LUT KA . -6.86 -11.64 -1.16
O23 LUT KA . -12.19 -2.16 -8.65
C1 XAT LA . 11.48 -11.84 8.53
C2 XAT LA . 10.64 -11.88 9.80
C3 XAT LA . 9.24 -12.39 9.48
C4 XAT LA . 9.43 -13.86 9.19
C5 XAT LA . 10.21 -14.08 7.90
C6 XAT LA . 11.28 -13.02 7.56
C7 XAT LA . 12.53 -13.59 6.89
C8 XAT LA . 12.65 -13.36 5.59
C9 XAT LA . 13.80 -13.81 4.82
C10 XAT LA . 13.77 -13.64 3.49
C11 XAT LA . 14.89 -13.99 2.64
C12 XAT LA . 14.82 -13.46 1.43
C13 XAT LA . 15.86 -13.63 0.41
C14 XAT LA . 15.54 -13.64 -0.88
C15 XAT LA . 16.61 -13.73 -1.86
C16 XAT LA . 12.93 -11.72 8.97
C17 XAT LA . 11.12 -10.56 7.78
C18 XAT LA . 10.63 -15.52 7.60
C19 XAT LA . 15.00 -14.40 5.48
C20 XAT LA . 17.28 -13.71 0.87
O3 XAT LA . 8.39 -12.23 10.62
O4 XAT LA . 10.05 -13.14 6.84
C21 XAT LA . 23.43 -10.26 -12.03
C22 XAT LA . 23.79 -9.81 -13.44
C23 XAT LA . 24.55 -10.94 -14.12
C24 XAT LA . 23.62 -12.12 -14.32
C25 XAT LA . 22.90 -12.62 -13.06
C26 XAT LA . 22.77 -11.65 -11.85
C27 XAT LA . 21.44 -11.78 -11.10
C28 XAT LA . 21.40 -12.36 -9.90
C29 XAT LA . 20.10 -12.44 -9.20
C30 XAT LA . 20.05 -12.88 -7.95
C31 XAT LA . 18.79 -12.93 -7.22
C32 XAT LA . 18.73 -13.60 -6.08
C33 XAT LA . 17.46 -13.61 -5.32
C34 XAT LA . 17.54 -13.79 -4.01
C35 XAT LA . 16.36 -13.76 -3.16
C36 XAT LA . 23.46 -9.31 -10.83
C37 XAT LA . 22.15 -9.47 -12.33
C38 XAT LA . 21.65 -13.48 -13.30
C39 XAT LA . 18.85 -12.02 -9.91
C40 XAT LA . 16.15 -13.39 -6.01
O23 XAT LA . 25.01 -10.49 -15.41
O24 XAT LA . 23.63 -12.80 -11.85
C1 NEX MA . 20.42 -26.63 -20.27
C2 NEX MA . 20.89 -25.30 -20.88
C3 NEX MA . 20.15 -24.97 -22.15
C4 NEX MA . 18.71 -24.72 -21.75
C5 NEX MA . 18.04 -26.00 -21.25
C6 NEX MA . 18.91 -26.65 -20.16
C7 NEX MA . 18.34 -27.21 -19.18
C8 NEX MA . 17.77 -27.78 -18.19
C9 NEX MA . 16.99 -27.03 -17.18
C10 NEX MA . 16.20 -27.71 -16.33
C11 NEX MA . 15.43 -26.95 -15.35
C12 NEX MA . 14.94 -27.55 -14.26
C13 NEX MA . 14.16 -26.75 -13.30
C14 NEX MA . 13.36 -27.33 -12.38
C15 NEX MA . 12.57 -26.52 -11.48
C16 NEX MA . 21.08 -26.78 -18.91
C17 NEX MA . 20.85 -27.80 -21.16
C18 NEX MA . 16.62 -25.65 -20.79
C19 NEX MA . 17.14 -25.55 -17.12
C20 NEX MA . 14.24 -25.26 -13.38
O3 NEX MA . 20.70 -23.78 -22.73
C21 NEX MA . 4.27 -29.46 -3.85
C22 NEX MA . 3.62 -30.09 -2.63
C23 NEX MA . 4.66 -30.80 -1.79
C24 NEX MA . 5.46 -29.70 -1.15
C25 NEX MA . 6.20 -28.82 -2.16
C26 NEX MA . 5.56 -28.68 -3.56
C27 NEX MA . 5.67 -27.26 -4.12
C28 NEX MA . 6.41 -27.02 -5.19
C29 NEX MA . 6.50 -25.63 -5.70
C30 NEX MA . 7.22 -25.34 -6.78
C31 NEX MA . 7.97 -26.32 -7.56
C32 NEX MA . 8.95 -25.86 -8.35
C33 NEX MA . 9.77 -26.74 -9.20
C34 NEX MA . 10.87 -26.26 -9.80
C35 NEX MA . 11.68 -27.10 -10.67
C36 NEX MA . 3.21 -28.58 -4.51
C37 NEX MA . 4.62 -30.58 -4.83
C38 NEX MA . 6.82 -27.53 -1.61
C39 NEX MA . 5.77 -24.54 -4.99
C40 NEX MA . 9.35 -28.16 -9.40
O23 NEX MA . 4.01 -31.57 -0.77
O24 NEX MA . 6.77 -29.41 -3.33
O1 LHG NA . -28.00 -17.80 -9.52
C1 LHG NA . -26.75 -17.97 -10.18
C2 LHG NA . -25.71 -18.10 -9.09
O2 LHG NA . -25.85 -17.02 -8.17
C3 LHG NA . -24.27 -18.15 -9.62
O3 LHG NA . -23.42 -18.36 -8.50
P LHG NA . -21.83 -18.10 -8.58
O4 LHG NA . -21.17 -19.43 -8.88
O5 LHG NA . -21.59 -16.91 -9.49
O6 LHG NA . -21.47 -17.71 -7.07
C4 LHG NA . -21.08 -16.38 -6.71
C5 LHG NA . -20.00 -16.43 -5.64
C6 LHG NA . -18.72 -16.98 -6.27
O7 LHG NA . -19.75 -15.10 -5.16
C7 LHG NA . -20.15 -14.85 -3.78
O9 LHG NA . -20.52 -15.76 -3.07
C8 LHG NA . -20.09 -13.43 -3.25
C9 LHG NA . -20.05 -13.47 -1.72
C10 LHG NA . -19.67 -12.11 -1.15
O8 LHG NA . -17.59 -16.62 -5.47
C23 LHG NA . -16.26 -16.70 -6.04
O10 LHG NA . -16.14 -16.91 -7.24
C24 LHG NA . -15.03 -16.52 -5.19
C11 LHG NA . -19.18 -12.23 0.29
C12 LHG NA . -18.36 -11.00 0.69
C13 LHG NA . -18.00 -11.03 2.17
C14 LHG NA . -17.25 -9.76 2.56
C15 LHG NA . -16.60 -9.88 3.93
C16 LHG NA . -15.80 -8.63 4.24
C17 LHG NA . -15.10 -8.70 5.59
C18 LHG NA . -14.13 -7.52 5.75
C19 LHG NA . -14.30 -6.78 7.06
C20 LHG NA . -13.35 -7.30 8.14
C21 LHG NA . -11.94 -6.77 7.95
C22 LHG NA . -11.05 -7.19 9.10
C25 LHG NA . -14.95 -15.11 -4.60
C26 LHG NA . -15.90 -14.90 -3.43
C27 LHG NA . -15.46 -15.68 -2.20
C28 LHG NA . -16.29 -15.33 -0.97
C29 LHG NA . -17.36 -16.38 -0.68
C30 LHG NA . -17.61 -16.47 0.82
C31 LHG NA . -18.93 -17.18 1.11
C32 LHG NA . -20.11 -16.20 1.08
C33 LHG NA . -21.43 -16.95 0.98
C34 LHG NA . -22.60 -16.05 1.36
C35 LHG NA . -23.91 -16.81 1.27
C36 LHG NA . -25.03 -16.09 2.01
C37 LHG NA . -26.33 -16.88 1.99
C38 LHG NA . -26.88 -17.01 0.59
MG CHL OA . 17.02 -9.31 -12.61
CHA CHL OA . 15.21 -7.18 -10.56
CHB CHL OA . 15.48 -11.92 -11.29
CHC CHL OA . 18.76 -11.31 -14.77
CHD CHL OA . 19.03 -6.54 -13.55
NA CHL OA . 15.56 -9.52 -11.29
C1A CHL OA . 14.88 -8.63 -10.63
C2A CHL OA . 13.72 -9.18 -9.85
C3A CHL OA . 14.04 -10.65 -9.87
C4A CHL OA . 15.10 -10.71 -10.89
CMA CHL OA . 14.53 -11.16 -8.53
CAA CHL OA . 12.40 -8.87 -10.55
CBA CHL OA . 11.30 -9.84 -10.18
CGA CHL OA . 10.90 -9.68 -8.73
O1A CHL OA . 10.85 -8.59 -8.21
O2A CHL OA . 10.60 -10.88 -7.96
NB CHL OA . 17.10 -11.32 -12.97
C1B CHL OA . 16.39 -12.28 -12.37
C2B CHL OA . 16.63 -13.68 -12.82
C3B CHL OA . 17.63 -13.47 -13.87
C4B CHL OA . 17.83 -12.00 -13.88
CMB CHL OA . 16.02 -14.95 -12.34
CAB CHL OA . 18.25 -14.51 -14.70
CBB CHL OA . 18.25 -14.45 -16.02
NC CHL OA . 18.60 -8.99 -13.90
C1C CHL OA . 19.20 -9.91 -14.70
C2C CHL OA . 20.31 -9.38 -15.51
C3C CHL OA . 20.38 -7.98 -15.15
C4C CHL OA . 19.29 -7.85 -14.16
CMC CHL OA . 21.19 -10.08 -16.50
OMC CHL OA . 21.28 -11.29 -16.61
CAC CHL OA . 21.31 -6.92 -15.65
CBC CHL OA . 20.78 -6.55 -16.98
ND CHL OA . 17.17 -7.32 -12.22
C1D CHL OA . 17.95 -6.28 -12.61
C2D CHL OA . 17.59 -4.95 -11.98
C3D CHL OA . 16.47 -5.38 -11.15
C4D CHL OA . 16.31 -6.69 -11.35
CMD CHL OA . 18.04 -3.52 -12.01
CAD CHL OA . 15.46 -4.88 -10.21
OBD CHL OA . 15.35 -3.68 -9.81
CBD CHL OA . 14.61 -6.03 -9.78
CGD CHL OA . 14.70 -6.16 -8.30
O1D CHL OA . 15.77 -6.15 -7.73
O2D CHL OA . 13.48 -6.29 -7.50
CED CHL OA . 13.56 -6.67 -6.14
C1 CHL OA . 9.98 -10.81 -6.67
C2 CHL OA . 10.09 -12.18 -6.03
C3 CHL OA . 11.21 -12.57 -5.41
C4 CHL OA . 12.41 -11.67 -5.33
C5 CHL OA . 11.28 -13.93 -4.79
C6 CHL OA . 11.11 -13.85 -3.28
C7 CHL OA . 12.31 -14.37 -2.51
C8 CHL OA . 11.97 -15.43 -1.47
C9 CHL OA . 12.05 -16.82 -2.08
C10 CHL OA . 10.61 -15.20 -0.83
C11 CHL OA . 10.75 -14.76 0.62
C12 CHL OA . 9.69 -15.44 1.48
C13 CHL OA . 9.57 -14.73 2.81
C14 CHL OA . 10.26 -15.54 3.90
C15 CHL OA . 8.10 -14.47 3.14
C16 CHL OA . 7.91 -13.15 3.88
C17 CHL OA . 7.20 -13.38 5.22
C18 CHL OA . 6.10 -12.38 5.55
C19 CHL OA . 5.94 -12.29 7.05
C20 CHL OA . 6.36 -10.99 4.97
MG CLA PA . 11.35 2.05 -10.18
CHA CLA PA . 10.85 1.17 -13.50
CHB CLA PA . 8.66 4.16 -10.39
CHC CLA PA . 11.34 2.31 -6.75
CHD CLA PA . 13.65 -0.64 -9.93
NA CLA PA . 10.02 2.57 -11.70
C1A CLA PA . 9.97 2.09 -13.03
C2A CLA PA . 8.85 2.75 -13.83
C3A CLA PA . 8.39 3.88 -12.89
C4A CLA PA . 9.04 3.51 -11.55
CMA CLA PA . 8.89 5.21 -13.37
CAA CLA PA . 7.70 1.81 -14.20
CBA CLA PA . 7.10 1.00 -13.06
CGA CLA PA . 6.06 1.78 -12.31
O1A CLA PA . 5.04 2.32 -12.72
O2A CLA PA . 6.33 1.86 -10.96
NB CLA PA . 10.19 2.99 -8.84
C1B CLA PA . 9.22 3.91 -9.13
C2B CLA PA . 8.84 4.68 -7.91
C3B CLA PA . 9.59 4.16 -6.87
C4B CLA PA . 10.46 3.09 -7.44
CMB CLA PA . 7.83 5.73 -7.91
CAB CLA PA . 9.59 4.54 -5.49
CBB CLA PA . 8.50 4.80 -4.76
NC CLA PA . 12.36 1.05 -8.63
C1C CLA PA . 12.24 1.35 -7.30
C2C CLA PA . 13.14 0.51 -6.52
C3C CLA PA . 13.74 -0.38 -7.41
C4C CLA PA . 13.25 -0.03 -8.74
CMC CLA PA . 13.35 0.55 -5.07
CAC CLA PA . 14.73 -1.42 -7.09
CBC CLA PA . 14.11 -2.71 -6.61
ND CLA PA . 12.15 0.63 -11.38
C1D CLA PA . 13.16 -0.35 -11.16
C2D CLA PA . 13.53 -0.96 -12.45
C3D CLA PA . 12.70 -0.40 -13.40
C4D CLA PA . 11.83 0.56 -12.67
CMD CLA PA . 14.59 -1.96 -12.59
CAD CLA PA . 12.31 -0.33 -14.81
OBD CLA PA . 12.82 -0.89 -15.78
CBD CLA PA . 11.08 0.63 -14.90
CGD CLA PA . 11.31 1.75 -15.87
O1D CLA PA . 10.79 1.93 -16.97
O2D CLA PA . 12.23 2.66 -15.43
CED CLA PA . 12.34 3.93 -16.10
C1 CLA PA . 5.29 2.40 -10.14
C2 CLA PA . 5.78 2.32 -8.74
C3 CLA PA . 4.98 2.57 -7.68
C4 CLA PA . 3.56 2.94 -7.82
C5 CLA PA . 5.51 2.49 -6.30
C6 CLA PA . 4.85 1.39 -5.49
C7 CLA PA . 5.50 1.25 -4.14
C8 CLA PA . 5.05 -0.02 -3.41
C9 CLA PA . 4.31 0.35 -2.14
C10 CLA PA . 6.25 -0.89 -3.08
C11 CLA PA . 5.87 -2.34 -2.84
C12 CLA PA . 6.81 -3.00 -1.85
C13 CLA PA . 8.24 -3.10 -2.36
C14 CLA PA . 8.35 -4.20 -3.41
C15 CLA PA . 9.22 -3.36 -1.23
MG CLA QA . 7.28 7.16 -0.66
CHA CLA QA . 4.68 8.55 -2.48
CHB CLA QA . 6.29 4.04 -1.65
CHC CLA QA . 9.50 5.75 1.58
CHD CLA QA . 7.84 10.33 0.85
NA CLA QA . 5.75 6.45 -1.88
C1A CLA QA . 4.78 7.20 -2.58
C2A CLA QA . 3.87 6.30 -3.39
C3A CLA QA . 4.40 4.87 -3.11
C4A CLA QA . 5.57 5.11 -2.16
CMA CLA QA . 3.35 4.02 -2.43
CAA CLA QA . 4.04 6.61 -4.87
CBA CLA QA . 2.78 7.09 -5.57
CGA CLA QA . 1.63 6.17 -5.30
O1A CLA QA . 1.37 5.09 -5.81
O2A CLA QA . 0.79 6.68 -4.34
NB CLA QA . 7.80 5.27 -0.16
C1B CLA QA . 7.35 4.14 -0.73
C2B CLA QA . 8.11 2.96 -0.21
C3B CLA QA . 9.02 3.46 0.70
C4B CLA QA . 8.81 4.92 0.75
CMB CLA QA . 7.86 1.58 -0.62
CAB CLA QA . 9.97 2.82 1.56
CBB CLA QA . 9.70 1.76 2.33
NC CLA QA . 8.47 7.92 0.89
C1C CLA QA . 9.34 7.16 1.63
C2C CLA QA . 10.07 8.00 2.56
C3C CLA QA . 9.57 9.29 2.40
C4C CLA QA . 8.57 9.23 1.34
CMC CLA QA . 11.10 7.54 3.50
CAC CLA QA . 10.00 10.49 3.10
CBC CLA QA . 11.27 11.04 2.46
ND CLA QA . 6.49 9.02 -0.73
C1D CLA QA . 6.85 10.25 -0.10
C2D CLA QA . 6.04 11.34 -0.67
C3D CLA QA . 5.22 10.76 -1.62
C4D CLA QA . 5.52 9.31 -1.60
CMD CLA QA . 6.16 12.73 -0.27
CAD CLA QA . 4.19 10.97 -2.62
OBD CLA QA . 3.69 12.02 -3.00
CBD CLA QA . 3.77 9.56 -3.15
CGD CLA QA . 2.33 9.31 -2.82
O1D CLA QA . 1.36 9.30 -3.59
O2D CLA QA . 2.09 9.07 -1.50
CED CLA QA . 1.03 8.18 -1.15
C1 CLA QA . -0.51 6.06 -4.25
C2 CLA QA . -0.34 4.79 -3.53
C3 CLA QA . -0.98 3.65 -3.83
C4 CLA QA . -1.95 3.56 -4.94
C5 CLA QA . -0.72 2.41 -3.03
C6 CLA QA . -1.05 2.55 -1.56
C7 CLA QA . 0.17 2.36 -0.67
C8 CLA QA . 0.11 3.21 0.59
C9 CLA QA . 0.40 4.66 0.25
C10 CLA QA . 1.10 2.70 1.65
C11 CLA QA . 0.52 2.68 3.04
C12 CLA QA . 0.57 4.04 3.71
C13 CLA QA . 0.01 4.00 5.12
C14 CLA QA . -1.43 4.49 5.11
C15 CLA QA . 0.85 4.81 6.10
C16 CLA QA . 0.74 6.30 5.86
C17 CLA QA . 1.95 7.05 6.39
C18 CLA QA . 1.58 8.39 7.01
C19 CLA QA . 1.36 8.26 8.50
C20 CLA QA . 2.64 9.43 6.70
MG CLA RA . 22.72 13.38 9.07
CHA CLA RA . 23.42 14.39 12.31
CHB CLA RA . 19.42 14.13 9.59
CHC CLA RA . 22.15 13.20 5.67
CHD CLA RA . 26.22 13.23 8.44
NA CLA RA . 21.62 14.10 10.69
C1A CLA RA . 22.10 14.45 11.96
C2A CLA RA . 20.96 14.90 12.88
C3A CLA RA . 19.69 14.52 12.08
C4A CLA RA . 20.26 14.24 10.68
CMA CLA RA . 19.01 13.30 12.66
CAA CLA RA . 21.04 16.40 13.16
CBA CLA RA . 20.89 17.28 11.93
CGA CLA RA . 21.66 18.55 12.12
O1A CLA RA . 22.27 18.94 13.12
O2A CLA RA . 21.68 19.32 10.99
NB CLA RA . 21.10 13.56 7.89
C1B CLA RA . 19.84 13.89 8.29
C2B CLA RA . 18.93 13.98 7.10
C3B CLA RA . 19.69 13.72 5.99
C4B CLA RA . 21.08 13.45 6.47
CMB CLA RA . 17.52 14.35 7.22
CAB CLA RA . 19.34 13.72 4.59
CBB CLA RA . 18.22 13.21 4.08
NC CLA RA . 23.96 13.20 7.38
C1C CLA RA . 23.50 13.08 6.10
C2C CLA RA . 24.61 12.87 5.18
C3C CLA RA . 25.77 12.97 5.95
C4C CLA RA . 25.35 13.14 7.33
CMC CLA RA . 24.48 12.72 3.73
CAC CLA RA . 27.16 12.81 5.48
CBC CLA RA . 27.88 14.14 5.33
ND CLA RA . 24.45 13.76 10.06
C1D CLA RA . 25.81 13.52 9.72
C2D CLA RA . 26.65 13.68 10.94
C3D CLA RA . 25.78 14.05 11.95
C4D CLA RA . 24.42 14.06 11.35
CMD CLA RA . 28.10 13.53 11.01
CAD CLA RA . 25.65 14.40 13.36
OBD CLA RA . 26.51 14.54 14.21
CBD CLA RA . 24.12 14.59 13.63
CGD CLA RA . 23.64 13.62 14.67
O1D CLA RA . 22.98 13.85 15.68
O2D CLA RA . 24.01 12.33 14.41
CED CLA RA . 23.25 11.28 14.99
C1 CLA RA . 21.97 20.73 11.17
C2 CLA RA . 23.42 20.91 10.88
C3 CLA RA . 23.90 21.44 9.73
C4 CLA RA . 22.99 21.88 8.64
C5 CLA RA . 25.35 21.62 9.46
C6 CLA RA . 26.27 21.85 10.64
C7 CLA RA . 26.24 23.29 11.11
C8 CLA RA . 27.63 23.94 11.07
C9 CLA RA . 28.44 23.48 12.27
C10 CLA RA . 27.54 25.45 11.06
C11 CLA RA . 27.27 26.01 9.68
C12 CLA RA . 26.89 27.47 9.73
MG CHL SA . 21.63 26.55 18.12
CHA CHL SA . 24.54 27.35 16.30
CHB CHL SA . 23.32 27.41 21.00
CHC CHL SA . 18.57 26.36 19.86
CHD CHL SA . 20.01 25.44 15.11
NA CHL SA . 23.47 27.20 18.56
C1A CHL SA . 24.44 27.54 17.77
C2A CHL SA . 25.61 28.20 18.43
C3A CHL SA . 25.37 27.84 19.87
C4A CHL SA . 23.94 27.43 19.81
CMA CHL SA . 26.28 26.71 20.35
CAA CHL SA . 25.61 29.71 18.19
CBA CHL SA . 26.98 30.32 18.49
CGA CHL SA . 27.42 31.15 17.32
NB CHL SA . 21.05 26.82 20.06
C1B CHL SA . 21.88 27.16 21.06
C2B CHL SA . 21.20 27.31 22.37
C3B CHL SA . 19.79 27.00 22.06
C4B CHL SA . 19.80 26.72 20.58
CMB CHL SA . 21.84 27.68 23.69
CAB CHL SA . 18.76 27.08 23.15
CBB CHL SA . 17.44 27.00 23.01
NC CHL SA . 19.72 26.01 17.61
C1C CHL SA . 18.65 26.02 18.44
C2C CHL SA . 17.41 25.57 17.74
C3C CHL SA . 17.82 25.30 16.36
C4C CHL SA . 19.27 25.59 16.38
CMC CHL SA . 16.01 25.41 18.19
OMC CHL SA . 15.70 25.65 19.35
CAC CHL SA . 16.94 24.81 15.23
CBC CHL SA . 16.30 26.00 14.53
ND CHL SA . 22.07 26.38 16.13
C1D CHL SA . 21.38 25.94 15.08
C2D CHL SA . 22.19 26.07 13.84
C3D CHL SA . 23.48 26.63 14.34
C4D CHL SA . 23.32 26.80 15.72
CMD CHL SA . 21.78 25.67 12.45
CAD CHL SA . 24.85 27.10 14.01
OBD CHL SA . 25.20 27.04 12.78
CBD CHL SA . 25.54 27.57 15.23
CGD CHL SA . 26.80 26.78 15.46
O1D CHL SA . 26.80 25.81 16.19
O2D CHL SA . 28.02 27.19 14.79
CED CHL SA . 29.28 26.70 15.22
MG CHL TA . 16.58 18.59 10.15
CHA CHL TA . 18.27 21.67 10.29
CHB CHL TA . 15.75 19.33 6.88
CHC CHL TA . 15.14 15.37 9.86
CHD CHL TA . 17.36 17.94 13.59
NA CHL TA . 16.90 20.11 8.88
C1A CHL TA . 17.61 21.18 9.06
C2A CHL TA . 17.81 22.01 7.85
C3A CHL TA . 16.78 21.46 6.92
C4A CHL TA . 16.43 20.19 7.62
CMA CHL TA . 15.57 22.37 6.77
CAA CHL TA . 19.24 21.83 7.36
CBA CHL TA . 19.62 22.91 6.35
CGA CHL TA . 19.91 24.21 7.06
O1A CHL TA . 20.60 24.23 8.06
O2A CHL TA . 19.38 25.46 6.52
NB CHL TA . 15.63 17.55 8.66
C1B CHL TA . 15.39 18.02 7.43
C2B CHL TA . 14.69 17.04 6.55
C3B CHL TA . 14.51 15.88 7.45
C4B CHL TA . 15.14 16.31 8.73
CMB CHL TA . 14.27 17.28 5.12
CAB CHL TA . 13.92 14.54 7.15
CBB CHL TA . 13.68 14.09 5.93
NC CHL TA . 16.30 17.00 11.44
C1C CHL TA . 15.72 15.83 11.12
C2C CHL TA . 15.67 14.91 12.28
C3C CHL TA . 16.31 15.64 13.38
C4C CHL TA . 16.67 16.95 12.75
CMC CHL TA . 15.12 13.54 12.41
OMC CHL TA . 15.16 12.96 13.49
CAC CHL TA . 16.55 15.19 14.80
CBC CHL TA . 15.37 15.58 15.68
ND CHL TA . 17.57 19.52 11.68
C1D CHL TA . 17.80 19.18 12.94
C2D CHL TA . 18.60 20.24 13.61
C3D CHL TA . 18.79 21.25 12.54
C4D CHL TA . 18.14 20.74 11.41
CMD CHL TA . 19.06 20.22 15.05
CAD CHL TA . 19.36 22.57 12.13
OBD CHL TA . 20.00 23.23 13.03
CBD CHL TA . 19.05 22.84 10.72
CGD CHL TA . 18.24 24.10 10.58
O1D CHL TA . 17.04 24.09 10.77
O2D CHL TA . 18.90 25.34 10.21
CED CHL TA . 18.23 26.32 9.42
MG CHL UA . 11.76 10.76 12.70
CHA CHL UA . 11.75 9.22 15.81
CHB CHL UA . 11.66 7.79 11.20
CHC CHL UA . 11.56 12.40 9.68
CHD CHL UA . 11.95 13.90 14.38
NA CHL UA . 11.69 8.87 13.35
C1A CHL UA . 11.68 8.40 14.56
C2A CHL UA . 11.58 6.89 14.63
C3A CHL UA . 11.61 6.50 13.19
C4A CHL UA . 11.65 7.82 12.53
CMA CHL UA . 12.85 5.70 12.80
CAA CHL UA . 10.28 6.36 15.17
CBA CHL UA . 10.48 5.00 15.84
CGA CHL UA . 9.77 3.97 15.01
O1A CHL UA . 8.57 4.04 14.82
O2A CHL UA . 10.50 2.87 14.42
NB CHL UA . 11.63 10.18 10.74
C1B CHL UA . 11.60 8.91 10.28
C2B CHL UA . 11.50 8.74 8.81
C3B CHL UA . 11.46 10.12 8.39
C4B CHL UA . 11.56 10.93 9.63
CMB CHL UA . 11.44 7.47 8.00
CAB CHL UA . 11.38 10.60 6.99
CBB CHL UA . 12.48 10.74 6.29
NC CHL UA . 11.76 12.76 12.14
C1C CHL UA . 11.68 13.25 10.88
C2C CHL UA . 11.71 14.73 10.82
C3C CHL UA . 11.81 15.19 12.20
C4C CHL UA . 11.83 13.89 12.92
CMC CHL UA . 11.64 15.62 9.64
OMC CHL UA . 11.03 15.30 8.62
CAC CHL UA . 11.91 16.60 12.74
CBC CHL UA . 10.58 17.04 13.30
ND CHL UA . 11.83 11.49 14.60
C1D CHL UA . 11.90 12.70 15.20
C2D CHL UA . 11.92 12.68 16.69
C3D CHL UA . 11.86 11.24 16.89
C4D CHL UA . 11.81 10.67 15.69
CMD CHL UA . 11.99 13.64 17.84
CAD CHL UA . 11.83 10.20 17.94
OBD CHL UA . 11.86 10.41 19.20
CBD CHL UA . 11.76 8.86 17.28
CGD CHL UA . 12.94 8.07 17.71
O1D CHL UA . 14.06 8.35 17.33
O2D CHL UA . 12.73 6.95 18.62
CED CHL UA . 13.84 6.34 19.26
C1 CHL UA . 9.86 2.09 13.42
C2 CHL UA . 9.99 2.83 12.12
C3 CHL UA . 11.07 2.75 11.33
C4 CHL UA . 12.23 1.89 11.70
C5 CHL UA . 11.07 3.56 10.05
C6 CHL UA . 10.05 2.92 9.12
C7 CHL UA . 9.64 3.87 8.00
C8 CHL UA . 8.22 3.67 7.48
C9 CHL UA . 7.73 2.23 7.58
C10 CHL UA . 8.13 4.09 6.01
C11 CHL UA . 8.81 5.42 5.74
C12 CHL UA . 7.81 6.51 5.35
C13 CHL UA . 7.39 7.30 6.58
C14 CHL UA . 5.88 7.33 6.72
C15 CHL UA . 7.98 8.70 6.47
C16 CHL UA . 7.28 9.54 5.41
C17 CHL UA . 7.43 11.01 5.74
C18 CHL UA . 6.41 11.84 4.98
C19 CHL UA . 5.44 12.54 5.93
C20 CHL UA . 7.11 12.85 4.07
MG CHL VA . 16.40 22.50 -4.83
CHA CHL VA . 16.85 19.02 -4.58
CHB CHL VA . 17.96 22.80 -1.77
CHC CHL VA . 15.96 26.02 -5.04
CHD CHL VA . 14.94 22.13 -8.08
NA CHL VA . 17.15 21.24 -3.46
C1A CHL VA . 17.27 19.95 -3.50
C2A CHL VA . 17.97 19.33 -2.32
C3A CHL VA . 18.01 20.47 -1.35
C4A CHL VA . 17.69 21.62 -2.27
CMA CHL VA . 16.98 20.34 -0.24
CAA CHL VA . 19.36 18.77 -2.62
CBA CHL VA . 20.45 19.82 -2.88
CGA CHL VA . 21.13 19.56 -4.21
O1A CHL VA . 20.45 19.43 -5.21
O2A CHL VA . 22.57 19.48 -4.29
NB CHL VA . 16.87 24.11 -3.63
C1B CHL VA . 17.49 24.00 -2.46
C2B CHL VA . 17.71 25.30 -1.79
C3B CHL VA . 17.13 26.28 -2.73
C4B CHL VA . 16.62 25.43 -3.86
CMB CHL VA . 18.38 25.52 -0.46
CAB CHL VA . 17.16 27.73 -2.38
CBB CHL VA . 16.64 28.73 -3.08
NC CHL VA . 15.62 23.79 -6.24
C1C CHL VA . 15.53 25.13 -6.12
C2C CHL VA . 14.92 25.75 -7.32
C3C CHL VA . 14.62 24.64 -8.22
C4C CHL VA . 15.09 23.45 -7.45
CMC CHL VA . 14.60 27.16 -7.69
OMC CHL VA . 14.87 28.07 -6.91
CAC CHL VA . 13.98 24.69 -9.59
CBC CHL VA . 15.05 24.90 -10.64
ND CHL VA . 15.95 20.99 -6.12
C1D CHL VA . 15.39 20.96 -7.33
C2D CHL VA . 15.30 19.56 -7.82
C3D CHL VA . 15.87 18.77 -6.70
C4D CHL VA . 16.25 19.71 -5.72
CMD CHL VA . 14.72 19.12 -9.14
CAD CHL VA . 16.25 17.43 -6.18
OBD CHL VA . 16.00 16.42 -6.92
CBD CHL VA . 16.87 17.56 -4.84
CGD CHL VA . 16.09 16.80 -3.82
O1D CHL VA . 15.23 17.34 -3.14
O2D CHL VA . 16.38 15.39 -3.61
CED CHL VA . 16.88 14.94 -2.36
C1 CHL VA . 23.22 19.49 -5.57
C2 CHL VA . 24.33 20.51 -5.60
C3 CHL VA . 25.35 20.43 -4.73
C4 CHL VA . 26.46 21.44 -4.76
MG CHL WA . 7.90 16.73 -0.58
CHA CHL WA . 7.18 14.71 -3.26
CHB CHL WA . 6.14 19.15 -1.94
CHC CHL WA . 8.02 18.26 2.43
CHD CHL WA . 10.47 14.49 0.38
NA CHL WA . 6.67 16.84 -2.14
C1A CHL WA . 6.39 15.94 -3.02
C2A CHL WA . 5.12 16.25 -3.79
C3A CHL WA . 4.84 17.67 -3.39
C4A CHL WA . 5.95 17.92 -2.43
CMA CHL WA . 4.92 18.60 -4.58
CAA CHL WA . 3.95 15.34 -3.43
CBA CHL WA . 3.49 15.50 -2.00
CGA CHL WA . 2.35 14.55 -1.71
O1A CHL WA . 1.57 14.24 -2.59
O2A CHL WA . 2.20 14.00 -0.38
NB CHL WA . 7.16 18.48 0.16
C1B CHL WA . 6.44 19.38 -0.51
C2B CHL WA . 6.02 20.58 0.25
C3B CHL WA . 6.62 20.28 1.56
C4B CHL WA . 7.28 18.98 1.39
CMB CHL WA . 5.22 21.76 -0.20
CAB CHL WA . 6.54 21.10 2.80
CBB CHL WA . 6.03 20.64 3.92
NC CHL WA . 9.06 16.44 1.10
C1C CHL WA . 8.98 17.16 2.24
C2C CHL WA . 9.93 16.73 3.29
C3C CHL WA . 10.66 15.60 2.70
C4C CHL WA . 10.04 15.52 1.36
CMC CHL WA . 10.12 17.28 4.66
OMC CHL WA . 9.89 18.45 4.93
CAC CHL WA . 11.75 14.75 3.31
CBC CHL WA . 11.20 13.92 4.43
ND CHL WA . 8.71 14.98 -1.21
C1D CHL WA . 9.70 14.14 -0.82
C2D CHL WA . 9.86 12.94 -1.72
C3D CHL WA . 8.81 13.22 -2.68
C4D CHL WA . 8.24 14.36 -2.34
CMD CHL WA . 10.70 11.70 -1.85
CAD CHL WA . 8.17 12.70 -3.90
OBD CHL WA . 8.49 11.62 -4.51
CBD CHL WA . 7.08 13.65 -4.31
CGD CHL WA . 7.39 14.20 -5.66
O1D CHL WA . 8.33 14.97 -5.82
O2D CHL WA . 6.59 13.82 -6.80
CED CHL WA . 6.51 14.69 -7.93
C1 CHL WA . 1.60 12.74 -0.18
C2 CHL WA . 2.63 11.86 0.46
C3 CHL WA . 2.85 11.85 1.79
C4 CHL WA . 2.04 12.73 2.71
C5 CHL WA . 3.91 10.95 2.34
C6 CHL WA . 3.39 9.52 2.36
C7 CHL WA . 4.51 8.54 2.69
C8 CHL WA . 4.45 7.22 1.92
C9 CHL WA . 3.03 6.78 1.61
C10 CHL WA . 5.16 6.15 2.76
C11 CHL WA . 5.18 4.81 2.04
C12 CHL WA . 4.90 3.66 3.00
C13 CHL WA . 5.59 2.39 2.50
C14 CHL WA . 4.65 1.59 1.61
C15 CHL WA . 6.17 1.62 3.70
C16 CHL WA . 5.49 0.29 4.01
C17 CHL WA . 6.50 -0.85 4.05
C18 CHL WA . 6.68 -1.52 5.42
C19 CHL WA . 8.09 -1.26 5.93
C20 CHL WA . 5.65 -1.13 6.47
MG CLA XA . 22.06 13.81 -9.22
CHA CLA XA . 22.12 16.49 -11.47
CHB CLA XA . 24.25 12.16 -11.28
CHC CLA XA . 22.93 11.72 -6.62
CHD CLA XA . 20.43 15.96 -6.90
NA CLA XA . 22.95 14.24 -11.06
C1A CLA XA . 22.85 15.41 -11.83
C2A CLA XA . 23.66 15.29 -13.12
C3A CLA XA . 23.89 13.76 -13.20
C4A CLA XA . 23.71 13.34 -11.75
CMA CLA XA . 22.84 13.12 -14.09
CAA CLA XA . 24.97 16.07 -13.05
CBA CLA XA . 25.75 15.98 -11.75
CGA CLA XA . 26.58 14.74 -11.70
O1A CLA XA . 27.27 14.25 -12.60
O2A CLA XA . 26.57 14.10 -10.50
NB CLA XA . 23.37 12.28 -8.98
C1B CLA XA . 24.10 11.70 -9.97
C2B CLA XA . 24.74 10.44 -9.49
C3B CLA XA . 24.37 10.31 -8.16
C4B CLA XA . 23.49 11.47 -7.83
CMB CLA XA . 25.56 9.61 -10.37
CAB CLA XA . 24.70 9.29 -7.17
CBB CLA XA . 25.72 8.43 -7.20
NC CLA XA . 21.65 13.80 -7.17
C1C CLA XA . 22.05 12.80 -6.31
C2C CLA XA . 21.53 13.05 -4.98
C3C CLA XA . 20.92 14.30 -5.02
C4C CLA XA . 20.98 14.76 -6.41
CMC CLA XA . 21.70 12.19 -3.80
CAC CLA XA . 20.24 15.00 -3.91
CBC CLA XA . 21.25 15.83 -3.13
ND CLA XA . 21.26 15.67 -9.19
C1D CLA XA . 20.56 16.41 -8.20
C2D CLA XA . 20.05 17.66 -8.81
C3D CLA XA . 20.62 17.73 -10.05
C4D CLA XA . 21.41 16.50 -10.22
CMD CLA XA . 19.16 18.62 -8.16
CAD CLA XA . 20.72 18.50 -11.29
OBD CLA XA . 20.12 19.51 -11.63
CBD CLA XA . 21.79 17.79 -12.17
CGD CLA XA . 21.30 17.57 -13.58
O1D CLA XA . 21.07 16.50 -14.14
O2D CLA XA . 21.08 18.73 -14.27
CED CLA XA . 21.50 18.80 -15.63
C1 CLA XA . 27.66 13.17 -10.32
C2 CLA XA . 27.60 12.63 -8.94
C3 CLA XA . 28.70 12.19 -8.29
C4 CLA XA . 30.04 12.21 -8.92
C5 CLA XA . 28.62 11.65 -6.91
C6 CLA XA . 29.59 12.32 -5.95
C7 CLA XA . 29.28 11.98 -4.49
C8 CLA XA . 29.22 13.22 -3.60
C9 CLA XA . 30.54 13.98 -3.59
C10 CLA XA . 28.83 12.84 -2.17
C11 CLA XA . 28.53 14.07 -1.32
C12 CLA XA . 27.68 13.76 -0.12
C13 CLA XA . 27.38 15.05 0.66
C14 CLA XA . 28.43 15.28 1.73
C15 CLA XA . 25.99 15.07 1.28
C16 CLA XA . 25.44 16.49 1.31
C17 CLA XA . 24.41 16.71 0.22
C18 CLA XA . 24.23 18.18 -0.12
C19 CLA XA . 24.87 18.53 -1.43
C20 CLA XA . 22.75 18.54 -0.14
MG CLA YA . 26.18 -3.11 -11.84
CHA CLA YA . 26.90 0.11 -12.96
CHB CLA YA . 28.21 -4.37 -14.30
CHC CLA YA . 26.09 -6.19 -10.31
CHD CLA YA . 24.73 -1.68 -8.94
NA CLA YA . 27.33 -2.26 -13.38
C1A CLA YA . 27.48 -0.89 -13.69
C2A CLA YA . 28.38 -0.71 -14.91
C3A CLA YA . 28.60 -2.15 -15.42
C4A CLA YA . 28.02 -3.00 -14.29
CMA CLA YA . 27.92 -2.42 -16.75
CAA CLA YA . 29.69 -0.02 -14.55
CBA CLA YA . 30.60 -0.88 -13.71
CGA CLA YA . 31.65 -0.02 -13.06
O1A CLA YA . 32.34 0.85 -13.60
O2A CLA YA . 31.80 -0.29 -11.74
NB CLA YA . 26.98 -4.92 -12.24
C1B CLA YA . 27.72 -5.25 -13.32
C2B CLA YA . 27.99 -6.72 -13.34
C3B CLA YA . 27.40 -7.24 -12.22
C4B CLA YA . 26.74 -6.10 -11.50
CMB CLA YA . 28.79 -7.36 -14.38
CAB CLA YA . 27.36 -8.58 -11.69
CBB CLA YA . 27.31 -9.70 -12.42
NC CLA YA . 25.50 -3.80 -10.00
C1C CLA YA . 25.50 -5.11 -9.61
C2C CLA YA . 24.86 -5.26 -8.30
C3C CLA YA . 24.55 -3.96 -7.88
C4C CLA YA . 24.93 -3.06 -8.96
CMC CLA YA . 24.67 -6.53 -7.60
CAC CLA YA . 23.88 -3.57 -6.64
CBC CLA YA . 24.81 -3.57 -5.45
ND CLA YA . 25.86 -1.26 -11.07
C1D CLA YA . 25.14 -0.82 -9.92
C2D CLA YA . 24.98 0.65 -9.97
C3D CLA YA . 25.63 1.06 -11.12
C4D CLA YA . 26.17 -0.16 -11.75
CMD CLA YA . 24.28 1.43 -8.96
CAD CLA YA . 26.01 2.18 -11.95
OBD CLA YA . 25.77 3.38 -11.80
CBD CLA YA . 26.84 1.61 -13.15
CGD CLA YA . 26.23 2.00 -14.47
O1D CLA YA . 25.27 1.49 -15.04
O2D CLA YA . 26.87 3.05 -15.06
CED CLA YA . 26.31 3.59 -16.25
C1 CLA YA . 32.93 0.27 -11.04
C2 CLA YA . 32.44 0.55 -9.66
C3 CLA YA . 32.73 -0.19 -8.58
C4 CLA YA . 33.59 -1.39 -8.65
C5 CLA YA . 32.20 0.16 -7.23
C6 CLA YA . 31.93 1.64 -7.05
C7 CLA YA . 31.76 2.01 -5.59
C8 CLA YA . 31.46 3.50 -5.41
C9 CLA YA . 32.67 4.35 -5.73
C10 CLA YA . 30.92 3.85 -4.03
C11 CLA YA . 31.67 3.26 -2.84
C12 CLA YA . 30.80 2.40 -1.96
C13 CLA YA . 31.23 2.44 -0.49
C14 CLA YA . 31.04 1.09 0.16
C15 CLA YA . 30.50 3.52 0.30
C16 CLA YA . 31.24 3.88 1.56
C17 CLA YA . 30.69 5.13 2.23
C18 CLA YA . 31.39 5.44 3.56
C19 CLA YA . 32.89 5.62 3.38
C20 CLA YA . 30.81 6.69 4.17
MG CLA ZA . 27.93 4.16 -6.05
CHA CLA ZA . 29.18 4.55 -9.25
CHB CLA ZA . 28.58 7.47 -5.42
CHC CLA ZA . 27.38 3.64 -2.69
CHD CLA ZA . 28.00 0.64 -6.53
NA CLA ZA . 28.72 5.74 -7.17
C1A CLA ZA . 29.15 5.70 -8.51
C2A CLA ZA . 29.65 7.07 -8.98
C3A CLA ZA . 29.35 7.99 -7.77
C4A CLA ZA . 28.84 7.01 -6.69
CMA CLA ZA . 30.60 8.68 -7.31
CAA CLA ZA . 28.88 7.56 -10.21
CBA CLA ZA . 29.31 8.93 -10.68
CGA CLA ZA . 30.55 8.84 -11.51
O1A CLA ZA . 30.80 8.06 -12.42
O2A CLA ZA . 31.49 9.78 -11.16
NB CLA ZA . 27.91 5.33 -4.41
C1B CLA ZA . 28.16 6.67 -4.35
C2B CLA ZA . 27.96 7.18 -2.96
C3B CLA ZA . 27.62 6.10 -2.19
C4B CLA ZA . 27.60 4.92 -3.09
CMB CLA ZA . 28.19 8.58 -2.58
CAB CLA ZA . 27.39 5.96 -0.77
CBB CLA ZA . 26.75 6.83 0.01
NC CLA ZA . 27.69 2.46 -4.85
C1C CLA ZA . 27.43 2.48 -3.50
C2C CLA ZA . 27.26 1.13 -2.99
C3C CLA ZA . 27.49 0.27 -4.06
C4C CLA ZA . 27.75 1.11 -5.23
CMC CLA ZA . 26.97 0.79 -1.60
CAC CLA ZA . 27.45 -1.20 -4.06
CBC CLA ZA . 28.75 -1.83 -3.63
ND CLA ZA . 28.51 2.84 -7.47
C1D CLA ZA . 28.36 1.43 -7.59
C2D CLA ZA . 28.68 1.02 -8.97
C3D CLA ZA . 29.01 2.18 -9.65
C4D CLA ZA . 28.88 3.28 -8.68
CMD CLA ZA . 28.65 -0.36 -9.46
CAD CLA ZA . 29.46 2.74 -10.91
OBD CLA ZA . 29.77 2.18 -11.95
CBD CLA ZA . 29.53 4.29 -10.70
CGD CLA ZA . 30.89 4.83 -11.02
O1D CLA ZA . 31.27 5.39 -12.06
O2D CLA ZA . 31.78 4.65 -10.00
CED CLA ZA . 33.17 4.82 -10.28
C1 CLA ZA . 32.88 9.39 -11.25
C2 CLA ZA . 33.46 9.64 -9.90
C3 CLA ZA . 34.64 9.11 -9.50
C4 CLA ZA . 35.43 8.23 -10.39
C5 CLA ZA . 35.22 9.35 -8.14
C6 CLA ZA . 34.37 10.20 -7.23
C7 CLA ZA . 34.96 10.27 -5.83
C8 CLA ZA . 33.99 10.89 -4.83
C9 CLA ZA . 34.74 11.43 -3.63
C10 CLA ZA . 32.87 9.94 -4.38
C11 CLA ZA . 33.36 8.61 -3.87
C12 CLA ZA . 32.29 7.91 -3.03
C13 CLA ZA . 32.48 8.08 -1.53
C14 CLA ZA . 32.10 6.79 -0.81
C15 CLA ZA . 31.68 9.27 -0.99
C16 CLA ZA . 31.73 9.35 0.53
C17 CLA ZA . 31.26 10.70 1.03
C18 CLA ZA . 31.35 10.84 2.54
C19 CLA ZA . 32.79 10.88 3.03
C20 CLA ZA . 30.64 12.10 3.01
MG CLA AB . 19.12 -6.50 4.88
CHA CLA AB . 19.74 -8.58 7.58
CHB CLA AB . 22.45 -6.65 4.05
CHC CLA AB . 18.40 -5.18 1.77
CHD CLA AB . 15.64 -7.13 5.35
NA CLA AB . 20.80 -7.43 5.71
C1A CLA AB . 20.84 -8.25 6.84
C2A CLA AB . 22.26 -8.72 7.13
C3A CLA AB . 23.12 -7.97 6.08
C4A CLA AB . 22.07 -7.30 5.20
CMA CLA AB . 24.07 -6.99 6.72
CAA CLA AB . 22.36 -10.24 6.99
CBA CLA AB . 21.88 -10.79 5.66
CGA CLA AB . 20.52 -11.42 5.77
O1A CLA AB . 19.95 -11.88 6.76
O2A CLA AB . 19.88 -11.47 4.56
NB CLA AB . 20.20 -6.05 3.23
C1B CLA AB . 21.56 -6.02 3.16
C2B CLA AB . 22.00 -5.26 1.95
C3B CLA AB . 20.86 -4.85 1.30
C4B CLA AB . 19.71 -5.35 2.10
CMB CLA AB . 23.40 -5.08 1.57
CAB CLA AB . 20.70 -4.11 0.08
CBB CLA AB . 21.29 -4.39 -1.08
NC CLA AB . 17.35 -6.16 3.80
C1C CLA AB . 17.29 -5.56 2.57
C2C CLA AB . 15.91 -5.43 2.14
C3C CLA AB . 15.13 -6.03 3.12
C4C CLA AB . 16.04 -6.48 4.16
CMC CLA AB . 15.48 -4.82 0.89
CAC CLA AB . 13.67 -6.13 3.15
CBC CLA AB . 13.15 -7.42 2.55
ND CLA AB . 17.92 -7.49 6.18
C1D CLA AB . 16.52 -7.62 6.29
C2D CLA AB . 16.18 -8.32 7.55
C3D CLA AB . 17.40 -8.65 8.12
C4D CLA AB . 18.43 -8.16 7.19
CMD CLA AB . 14.83 -8.59 8.02
CAD CLA AB . 18.07 -9.28 9.25
OBD CLA AB . 17.61 -9.68 10.32
CBD CLA AB . 19.58 -9.37 8.87
CGD CLA AB . 20.48 -8.89 9.97
O1D CLA AB . 20.53 -7.76 10.47
O2D CLA AB . 21.30 -9.85 10.46
CED CLA AB . 22.27 -9.48 11.43
C1 CLA AB . 18.45 -11.26 4.57
C2 CLA AB . 18.12 -10.62 3.27
C3 CLA AB . 16.86 -10.24 2.97
C4 CLA AB . 15.76 -10.45 3.93
C5 CLA AB . 16.50 -9.59 1.67
C6 CLA AB . 17.62 -8.84 0.95
C7 CLA AB . 18.02 -9.62 -0.29
C8 CLA AB . 19.37 -9.23 -0.90
C9 CLA AB . 19.65 -7.75 -0.81
C10 CLA AB . 19.41 -9.68 -2.36
C11 CLA AB . 20.08 -11.04 -2.50
C12 CLA AB . 21.59 -10.98 -2.31
C13 CLA AB . 22.11 -12.15 -1.48
C14 CLA AB . 23.61 -12.01 -1.29
C15 CLA AB . 21.77 -13.48 -2.13
C16 CLA AB . 20.84 -14.29 -1.25
C17 CLA AB . 20.41 -15.58 -1.90
C18 CLA AB . 21.06 -16.81 -1.27
C19 CLA AB . 20.06 -17.58 -0.44
C20 CLA AB . 21.64 -17.71 -2.34
MG CLA BB . 26.40 -12.44 3.67
CHA CLA BB . 23.47 -14.06 2.78
CHB CLA BB . 27.91 -15.51 4.03
CHC CLA BB . 29.46 -10.90 3.87
CHD CLA BB . 24.97 -9.38 2.59
NA CLA BB . 25.78 -14.42 3.44
C1A CLA BB . 24.50 -14.88 3.08
C2A CLA BB . 24.44 -16.41 3.03
C3A CLA BB . 25.80 -16.84 3.61
C4A CLA BB . 26.57 -15.51 3.69
CMA CLA BB . 25.67 -17.51 4.95
CAA CLA BB . 24.24 -16.90 1.60
CBA CLA BB . 25.08 -16.13 0.60
CGA CLA BB . 25.24 -16.96 -0.65
O1A CLA BB . 24.67 -18.00 -0.97
O2A CLA BB . 26.16 -16.43 -1.51
NB CLA BB . 28.30 -13.08 3.92
C1B CLA BB . 28.70 -14.36 4.13
C2B CLA BB . 30.15 -14.40 4.47
C3B CLA BB . 30.60 -13.10 4.43
C4B CLA BB . 29.44 -12.24 4.07
CMB CLA BB . 30.87 -15.64 4.73
CAB CLA BB . 31.93 -12.58 4.66
CBB CLA BB . 32.62 -11.83 3.79
NC CLA BB . 27.08 -10.49 3.32
C1C CLA BB . 28.36 -10.07 3.52
C2C CLA BB . 28.47 -8.63 3.27
C3C CLA BB . 27.21 -8.22 2.83
C4C CLA BB . 26.34 -9.39 2.89
CMC CLA BB . 29.71 -7.86 3.40
CAC CLA BB . 26.82 -6.84 2.47
CBC CLA BB . 26.89 -6.58 0.98
ND CLA BB . 24.67 -11.80 2.83
C1D CLA BB . 24.16 -10.49 2.56
C2D CLA BB . 22.71 -10.60 2.25
C3D CLA BB . 22.40 -11.94 2.35
C4D CLA BB . 23.65 -12.64 2.69
CMD CLA BB . 21.84 -9.48 1.92
CAD CLA BB . 21.35 -12.94 2.21
OBD CLA BB . 20.17 -12.80 1.93
CBD CLA BB . 22.02 -14.33 2.51
CGD CLA BB . 21.36 -15.01 3.68
O1D CLA BB . 21.90 -15.45 4.70
O2D CLA BB . 20.01 -15.15 3.56
CED CLA BB . 19.21 -14.98 4.73
C1 CLA BB . 26.03 -16.80 -2.90
C2 CLA BB . 27.06 -16.03 -3.65
C3 CLA BB . 26.93 -14.72 -3.95
C4 CLA BB . 25.73 -13.93 -3.57
C5 CLA BB . 28.00 -14.01 -4.71
C6 CLA BB . 28.54 -12.79 -3.97
C7 CLA BB . 29.88 -12.37 -4.52
C8 CLA BB . 30.18 -10.91 -4.23
C9 CLA BB . 29.77 -10.04 -5.40
C1 LUT CB . 24.81 -2.58 4.69
C2 LUT CB . 24.51 -3.03 6.12
C3 LUT CB . 23.11 -3.60 6.24
C4 LUT CB . 22.17 -2.47 5.89
C5 LUT CB . 22.33 -2.27 4.42
C6 LUT CB . 23.57 -2.33 3.86
C7 LUT CB . 23.77 -1.95 2.44
C8 LUT CB . 23.19 -0.81 2.07
C9 LUT CB . 23.46 -0.20 0.76
C10 LUT CB . 23.13 1.10 0.60
C11 LUT CB . 23.47 1.87 -0.59
C12 LUT CB . 23.34 3.19 -0.56
C13 LUT CB . 23.77 4.02 -1.72
C14 LUT CB . 23.84 5.35 -1.50
C15 LUT CB . 24.28 6.34 -2.48
C16 LUT CB . 25.73 -3.63 4.06
C17 LUT CB . 25.55 -1.24 4.77
C18 LUT CB . 21.04 -2.17 3.63
C19 LUT CB . 24.12 -1.03 -0.33
C20 LUT CB . 24.13 3.36 -3.02
O3 LUT CB . 22.85 -4.09 7.55
C21 LUT CB . 28.24 17.11 -7.52
C22 LUT CB . 28.73 17.66 -8.84
C23 LUT CB . 27.89 18.83 -9.32
C24 LUT CB . 26.41 18.61 -9.11
C25 LUT CB . 25.91 17.59 -8.37
C26 LUT CB . 26.81 16.60 -7.68
C27 LUT CB . 26.31 16.19 -6.31
C28 LUT CB . 26.17 14.90 -6.08
C29 LUT CB . 25.73 14.35 -4.79
C30 LUT CB . 25.69 13.00 -4.75
C31 LUT CB . 25.28 12.20 -3.61
C32 LUT CB . 25.27 10.88 -3.78
C33 LUT CB . 24.84 9.95 -2.71
C34 LUT CB . 24.77 8.64 -3.03
C35 LUT CB . 24.34 7.60 -2.10
C36 LUT CB . 28.34 18.19 -6.44
C37 LUT CB . 29.14 15.95 -7.11
C38 LUT CB . 24.42 17.44 -8.30
C39 LUT CB . 25.39 15.26 -3.64
C40 LUT CB . 24.49 10.52 -1.36
O23 LUT CB . 28.12 19.03 -10.72
C1 LUT DB . 16.01 10.29 9.17
C2 LUT DB . 16.75 10.22 10.51
C3 LUT DB . 18.28 10.15 10.41
C4 LUT DB . 18.64 9.20 9.27
C5 LUT DB . 18.17 9.89 8.02
C6 LUT DB . 16.89 10.27 7.92
C7 LUT DB . 16.22 10.46 6.62
C8 LUT DB . 16.54 9.62 5.63
C9 LUT DB . 15.71 9.62 4.39
C10 LUT DB . 15.65 8.47 3.69
C11 LUT DB . 14.75 8.28 2.55
C12 LUT DB . 14.56 7.05 2.06
C13 LUT DB . 13.60 6.79 0.96
C14 LUT DB . 13.36 5.51 0.63
C15 LUT DB . 12.41 5.09 -0.41
C16 LUT DB . 15.09 11.50 9.19
C17 LUT DB . 15.19 9.01 9.03
C18 LUT DB . 19.21 10.23 6.98
C19 LUT DB . 14.90 10.85 4.04
C20 LUT DB . 12.92 7.97 0.31
O3 LUT DB . 18.83 9.67 11.64
C21 LUT DB . 6.14 -2.46 -8.77
C22 LUT DB . 5.35 -2.60 -10.05
C23 LUT DB . 6.21 -3.00 -11.25
C24 LUT DB . 7.54 -2.29 -11.27
C25 LUT DB . 8.03 -1.59 -10.23
C26 LUT DB . 7.28 -1.45 -8.93
C27 LUT DB . 8.20 -1.58 -7.74
C28 LUT DB . 8.30 -0.55 -6.90
C29 LUT DB . 9.18 -0.61 -5.71
C30 LUT DB . 9.23 0.52 -4.96
C31 LUT DB . 10.09 0.66 -3.78
C32 LUT DB . 10.19 1.86 -3.20
C33 LUT DB . 11.12 2.10 -2.08
C34 LUT DB . 11.31 3.38 -1.70
C35 LUT DB . 12.24 3.80 -0.65
C36 LUT DB . 6.64 -3.85 -8.35
C37 LUT DB . 5.20 -1.92 -7.70
C38 LUT DB . 9.36 -0.92 -10.38
C39 LUT DB . 9.92 -1.87 -5.42
C40 LUT DB . 11.83 0.91 -1.45
O23 LUT DB . 5.47 -2.63 -12.41
C1 XAT EB . 4.61 9.43 15.91
C2 XAT EB . 5.10 8.20 16.65
C3 XAT EB . 6.17 7.49 15.87
C4 XAT EB . 7.38 8.40 15.93
C5 XAT EB . 7.14 9.72 15.18
C6 XAT EB . 5.70 10.26 15.17
C7 XAT EB . 5.58 11.76 15.28
C8 XAT EB . 5.26 12.43 14.18
C9 XAT EB . 5.08 13.89 14.18
C10 XAT EB . 4.92 14.52 13.03
C11 XAT EB . 4.68 15.95 12.96
C12 XAT EB . 4.19 16.37 11.80
C13 XAT EB . 3.81 17.76 11.54
C14 XAT EB . 3.91 18.25 10.29
C15 XAT EB . 3.45 19.61 10.04
C16 XAT EB . 3.86 10.30 16.91
C17 XAT EB . 3.61 8.96 14.85
C18 XAT EB . 8.22 10.80 15.36
C19 XAT EB . 5.07 14.65 15.47
C20 XAT EB . 3.25 18.57 12.66
O3 XAT EB . 6.48 6.23 16.48
O4 XAT EB . 6.32 9.70 14.02
C21 XAT EB . -3.37 28.63 4.34
C22 XAT EB . -4.08 29.58 3.39
C23 XAT EB . -3.40 30.94 3.47
C24 XAT EB . -2.00 30.82 2.86
C25 XAT EB . -1.13 29.74 3.52
C26 XAT EB . -1.81 28.59 4.30
C27 XAT EB . -1.10 27.24 4.22
C28 XAT EB . -0.48 26.77 5.29
C29 XAT EB . 0.19 25.47 5.23
C30 XAT EB . 0.75 25.00 6.35
C31 XAT EB . 1.41 23.70 6.37
C32 XAT EB . 2.10 23.35 7.44
C33 XAT EB . 2.72 22.02 7.48
C34 XAT EB . 2.90 21.45 8.68
C35 XAT EB . 3.44 20.11 8.82
C36 XAT EB . -4.10 27.56 5.14
C37 XAT EB . -3.62 27.61 3.22
C38 XAT EB . 0.09 29.27 2.72
C39 XAT EB . 0.23 24.68 3.95
C40 XAT EB . 3.11 21.31 6.22
O23 XAT EB . -4.15 31.90 2.73
O24 XAT EB . -1.09 29.65 4.95
C1 NEX FB . 13.29 37.46 -0.62
C2 NEX FB . 11.80 37.72 -0.76
C3 NEX FB . 11.41 37.92 -2.21
C4 NEX FB . 11.74 36.67 -3.01
C5 NEX FB . 13.24 36.34 -3.01
C6 NEX FB . 13.73 36.39 -1.56
C7 NEX FB . 14.58 35.57 -1.13
C8 NEX FB . 15.44 34.82 -0.62
C9 NEX FB . 15.06 33.45 -0.30
C10 NEX FB . 15.96 32.64 0.34
C11 NEX FB . 15.62 31.26 0.66
C12 NEX FB . 16.48 30.47 1.29
C13 NEX FB . 16.08 29.06 1.55
C14 NEX FB . 17.05 28.23 2.00
C15 NEX FB . 16.80 26.81 2.21
C16 NEX FB . 13.57 37.04 0.83
C17 NEX FB . 14.11 38.72 -0.91
C18 NEX FB . 13.40 34.96 -3.61
C19 NEX FB . 13.66 33.03 -0.71
C20 NEX FB . 14.67 28.63 1.26
O3 NEX FB . 9.99 38.17 -2.29
O4 NEX FB . 14.05 37.29 -3.75
C21 NEX FB . 22.78 17.49 5.24
C22 NEX FB . 23.64 16.60 6.14
C23 NEX FB . 23.86 17.23 7.51
C24 NEX FB . 22.52 17.12 8.22
C25 NEX FB . 21.44 17.94 7.51
C26 NEX FB . 21.57 18.07 5.98
C27 NEX FB . 20.21 17.92 5.34
C28 NEX FB . 19.73 18.92 4.61
C29 NEX FB . 18.38 18.85 4.03
C30 NEX FB . 17.79 19.92 3.48
C31 NEX FB . 18.46 21.23 3.38
C32 NEX FB . 17.76 22.26 2.95
C33 NEX FB . 18.33 23.61 2.89
C34 NEX FB . 17.44 24.60 2.67
C35 NEX FB . 17.78 26.01 2.55
C36 NEX FB . 22.32 16.69 4.02
C37 NEX FB . 23.62 18.66 4.74
C38 NEX FB . 19.99 17.73 8.00
C39 NEX FB . 17.58 17.58 4.11
C40 NEX FB . 19.81 23.85 3.06
O23 NEX FB . 24.84 16.54 8.28
O24 NEX FB . 21.77 19.17 6.87
O1 LHG GB . 27.22 -6.55 -18.49
C1 LHG GB . 25.99 -5.94 -18.04
C2 LHG GB . 25.93 -5.97 -16.52
O2 LHG GB . 25.60 -7.27 -16.03
C3 LHG GB . 24.84 -5.01 -16.05
O3 LHG GB . 24.67 -5.10 -14.64
P LHG GB . 23.76 -3.99 -13.89
O4 LHG GB . 24.69 -2.90 -13.44
O5 LHG GB . 22.60 -3.67 -14.80
O6 LHG GB . 23.22 -4.75 -12.58
C4 LHG GB . 21.86 -4.61 -12.18
C5 LHG GB . 21.78 -4.18 -10.72
C6 LHG GB . 21.76 -2.66 -10.61
O7 LHG GB . 20.57 -4.66 -10.14
C7 LHG GB . 20.60 -6.05 -9.74
O9 LHG GB . 21.64 -6.69 -9.81
C8 LHG GB . 19.32 -6.67 -9.25
C9 LHG GB . 19.45 -8.17 -9.04
C10 LHG GB . 18.15 -8.72 -8.51
O8 LHG GB . 21.21 -2.31 -9.34
C23 LHG GB . 20.14 -1.34 -9.24
O10 LHG GB . 19.98 -0.52 -10.12
C24 LHG GB . 19.19 -1.41 -8.06
C11 LHG GB . 18.10 -8.61 -6.99
C12 LHG GB . 16.78 -9.17 -6.47
C13 LHG GB . 16.76 -9.24 -4.95
C14 LHG GB . 15.40 -9.71 -4.46
C15 LHG GB . 15.34 -9.69 -2.94
C16 LHG GB . 13.90 -9.84 -2.47
C17 LHG GB . 13.83 -10.09 -0.97
C18 LHG GB . 12.38 -10.22 -0.53
C19 LHG GB . 12.32 -10.53 0.96
C20 LHG GB . 10.89 -10.56 1.45
C21 LHG GB . 10.82 -11.00 2.90
C22 LHG GB . 10.67 -9.82 3.84
C25 LHG GB . 18.56 -2.79 -7.99
C26 LHG GB . 17.96 -3.06 -6.61
C27 LHG GB . 19.01 -3.47 -5.59
C28 LHG GB . 19.50 -4.90 -5.83
C29 LHG GB . 19.94 -5.62 -4.55
C30 LHG GB . 21.46 -5.75 -4.43
C31 LHG GB . 21.95 -7.19 -4.31
C32 LHG GB . 21.63 -8.00 -5.55
C33 LHG GB . 22.49 -9.25 -5.65
C34 LHG GB . 22.61 -9.76 -7.08
C35 LHG GB . 23.76 -10.76 -7.22
C36 LHG GB . 23.45 -12.08 -6.53
C37 LHG GB . 24.16 -13.25 -7.22
C38 LHG GB . 23.54 -14.58 -6.83
#